data_8D05
# 
_entry.id   8D05 
# 
_audit_conform.dict_name       mmcif_pdbx.dic 
_audit_conform.dict_version    5.389 
_audit_conform.dict_location   http://mmcif.pdb.org/dictionaries/ascii/mmcif_pdbx.dic 
# 
loop_
_database_2.database_id 
_database_2.database_code 
_database_2.pdbx_database_accession 
_database_2.pdbx_DOI 
PDB   8D05         pdb_00008d05 10.2210/pdb8d05/pdb 
WWPDB D_1000265765 ?            ?                   
# 
loop_
_pdbx_audit_revision_history.ordinal 
_pdbx_audit_revision_history.data_content_type 
_pdbx_audit_revision_history.major_revision 
_pdbx_audit_revision_history.minor_revision 
_pdbx_audit_revision_history.revision_date 
1 'Structure model' 1 0 2022-09-28 
2 'Structure model' 1 1 2022-10-19 
3 'Structure model' 1 2 2024-04-03 
# 
_pdbx_audit_revision_details.ordinal             1 
_pdbx_audit_revision_details.revision_ordinal    1 
_pdbx_audit_revision_details.data_content_type   'Structure model' 
_pdbx_audit_revision_details.provider            repository 
_pdbx_audit_revision_details.type                'Initial release' 
_pdbx_audit_revision_details.description         ? 
_pdbx_audit_revision_details.details             ? 
# 
loop_
_pdbx_audit_revision_group.ordinal 
_pdbx_audit_revision_group.revision_ordinal 
_pdbx_audit_revision_group.data_content_type 
_pdbx_audit_revision_group.group 
1 2 'Structure model' 'Database references'    
2 3 'Structure model' 'Data collection'        
3 3 'Structure model' 'Refinement description' 
# 
loop_
_pdbx_audit_revision_category.ordinal 
_pdbx_audit_revision_category.revision_ordinal 
_pdbx_audit_revision_category.data_content_type 
_pdbx_audit_revision_category.category 
1 2 'Structure model' citation                      
2 2 'Structure model' citation_author               
3 3 'Structure model' chem_comp_atom                
4 3 'Structure model' chem_comp_bond                
5 3 'Structure model' pdbx_initial_refinement_model 
# 
loop_
_pdbx_audit_revision_item.ordinal 
_pdbx_audit_revision_item.revision_ordinal 
_pdbx_audit_revision_item.data_content_type 
_pdbx_audit_revision_item.item 
1 2 'Structure model' '_citation.journal_volume'          
2 2 'Structure model' '_citation.page_first'              
3 2 'Structure model' '_citation.page_last'               
4 2 'Structure model' '_citation_author.identifier_ORCID' 
# 
_pdbx_database_status.status_code                     REL 
_pdbx_database_status.status_code_sf                  REL 
_pdbx_database_status.status_code_mr                  ? 
_pdbx_database_status.entry_id                        8D05 
_pdbx_database_status.recvd_initial_deposition_date   2022-05-25 
_pdbx_database_status.SG_entry                        N 
_pdbx_database_status.deposit_site                    RCSB 
_pdbx_database_status.process_site                    RCSB 
_pdbx_database_status.status_code_cs                  ? 
_pdbx_database_status.status_code_nmr_data            ? 
_pdbx_database_status.methods_development_category    ? 
_pdbx_database_status.pdb_format_compatible           Y 
# 
_pdbx_contact_author.id                 2 
_pdbx_contact_author.email              dabaker@uw.edu 
_pdbx_contact_author.name_first         David 
_pdbx_contact_author.name_last          Baker 
_pdbx_contact_author.name_mi            ? 
_pdbx_contact_author.role               'principal investigator/group leader' 
_pdbx_contact_author.identifier_ORCID   0000-0001-7896-6217 
# 
loop_
_audit_author.name 
_audit_author.pdbx_ordinal 
_audit_author.identifier_ORCID 
'Ragotte, R.J.' 1 0000-0002-6463-1595 
'Bera, A.K.'    2 0000-0001-9473-2912 
'Wicky, B.I.M.' 3 0000-0002-2501-7875 
'Milles, L.F.'  4 0000-0001-8417-3205 
'Baker, D.'     5 0000-0001-7896-6217 
# 
_citation.abstract                  ? 
_citation.abstract_id_CAS           ? 
_citation.book_id_ISBN              ? 
_citation.book_publisher            ? 
_citation.book_publisher_city       ? 
_citation.book_title                ? 
_citation.coordinate_linkage        ? 
_citation.country                   US 
_citation.database_id_Medline       ? 
_citation.details                   ? 
_citation.id                        primary 
_citation.journal_abbrev            Science 
_citation.journal_id_ASTM           SCIEAS 
_citation.journal_id_CSD            0038 
_citation.journal_id_ISSN           1095-9203 
_citation.journal_full              ? 
_citation.journal_issue             ? 
_citation.journal_volume            378 
_citation.language                  ? 
_citation.page_first                56 
_citation.page_last                 61 
_citation.title                     'Hallucinating symmetric protein assemblies.' 
_citation.year                      2022 
_citation.database_id_CSD           ? 
_citation.pdbx_database_id_DOI      10.1126/science.add1964 
_citation.pdbx_database_id_PubMed   36108048 
_citation.pdbx_database_id_patent   ? 
_citation.unpublished_flag          ? 
# 
loop_
_citation_author.citation_id 
_citation_author.name 
_citation_author.ordinal 
_citation_author.identifier_ORCID 
primary 'Wicky, B.I.M.' 1  ? 
primary 'Milles, L.F.'  2  ? 
primary 'Courbet, A.'   3  ? 
primary 'Ragotte, R.J.' 4  ? 
primary 'Dauparas, J.'  5  ? 
primary 'Kinfu, E.'     6  ? 
primary 'Tipps, S.'     7  ? 
primary 'Kibler, R.D.'  8  ? 
primary 'Baek, M.'      9  ? 
primary 'DiMaio, F.'    10 ? 
primary 'Li, X.'        11 ? 
primary 'Carter, L.'    12 ? 
primary 'Kang, A.'      13 ? 
primary 'Nguyen, H.'    14 ? 
primary 'Bera, A.K.'    15 ? 
primary 'Baker, D.'     16 ? 
# 
_entity.id                         1 
_entity.type                       polymer 
_entity.src_method                 man 
_entity.pdbx_description           HALC2_065 
_entity.formula_weight             7698.750 
_entity.pdbx_number_of_molecules   1 
_entity.pdbx_ec                    ? 
_entity.pdbx_mutation              ? 
_entity.pdbx_fragment              ? 
_entity.details                    ? 
# 
_entity_poly.entity_id                      1 
_entity_poly.type                           'polypeptide(L)' 
_entity_poly.nstd_linkage                   no 
_entity_poly.nstd_monomer                   no 
_entity_poly.pdbx_seq_one_letter_code       MSGSEEEKPIVIDLNKTIERDGRKVKLVRATITVDPETNTITIDIEYEGGPITKEDLLEAFKLAASKLGS 
_entity_poly.pdbx_seq_one_letter_code_can   MSGSEEEKPIVIDLNKTIERDGRKVKLVRATITVDPETNTITIDIEYEGGPITKEDLLEAFKLAASKLGS 
_entity_poly.pdbx_strand_id                 A 
_entity_poly.pdbx_target_identifier         ? 
# 
loop_
_entity_poly_seq.entity_id 
_entity_poly_seq.num 
_entity_poly_seq.mon_id 
_entity_poly_seq.hetero 
1 1  MET n 
1 2  SER n 
1 3  GLY n 
1 4  SER n 
1 5  GLU n 
1 6  GLU n 
1 7  GLU n 
1 8  LYS n 
1 9  PRO n 
1 10 ILE n 
1 11 VAL n 
1 12 ILE n 
1 13 ASP n 
1 14 LEU n 
1 15 ASN n 
1 16 LYS n 
1 17 THR n 
1 18 ILE n 
1 19 GLU n 
1 20 ARG n 
1 21 ASP n 
1 22 GLY n 
1 23 ARG n 
1 24 LYS n 
1 25 VAL n 
1 26 LYS n 
1 27 LEU n 
1 28 VAL n 
1 29 ARG n 
1 30 ALA n 
1 31 THR n 
1 32 ILE n 
1 33 THR n 
1 34 VAL n 
1 35 ASP n 
1 36 PRO n 
1 37 GLU n 
1 38 THR n 
1 39 ASN n 
1 40 THR n 
1 41 ILE n 
1 42 THR n 
1 43 ILE n 
1 44 ASP n 
1 45 ILE n 
1 46 GLU n 
1 47 TYR n 
1 48 GLU n 
1 49 GLY n 
1 50 GLY n 
1 51 PRO n 
1 52 ILE n 
1 53 THR n 
1 54 LYS n 
1 55 GLU n 
1 56 ASP n 
1 57 LEU n 
1 58 LEU n 
1 59 GLU n 
1 60 ALA n 
1 61 PHE n 
1 62 LYS n 
1 63 LEU n 
1 64 ALA n 
1 65 ALA n 
1 66 SER n 
1 67 LYS n 
1 68 LEU n 
1 69 GLY n 
1 70 SER n 
# 
_entity_src_gen.entity_id                          1 
_entity_src_gen.pdbx_src_id                        1 
_entity_src_gen.pdbx_alt_source_flag               sample 
_entity_src_gen.pdbx_seq_type                      'Biological sequence' 
_entity_src_gen.pdbx_beg_seq_num                   1 
_entity_src_gen.pdbx_end_seq_num                   70 
_entity_src_gen.gene_src_common_name               ? 
_entity_src_gen.gene_src_genus                     ? 
_entity_src_gen.pdbx_gene_src_gene                 ? 
_entity_src_gen.gene_src_species                   ? 
_entity_src_gen.gene_src_strain                    ? 
_entity_src_gen.gene_src_tissue                    ? 
_entity_src_gen.gene_src_tissue_fraction           ? 
_entity_src_gen.gene_src_details                   ? 
_entity_src_gen.pdbx_gene_src_fragment             ? 
_entity_src_gen.pdbx_gene_src_scientific_name      'synthetic construct' 
_entity_src_gen.pdbx_gene_src_ncbi_taxonomy_id     32630 
_entity_src_gen.pdbx_gene_src_variant              ? 
_entity_src_gen.pdbx_gene_src_cell_line            ? 
_entity_src_gen.pdbx_gene_src_atcc                 ? 
_entity_src_gen.pdbx_gene_src_organ                ? 
_entity_src_gen.pdbx_gene_src_organelle            ? 
_entity_src_gen.pdbx_gene_src_cell                 ? 
_entity_src_gen.pdbx_gene_src_cellular_location    ? 
_entity_src_gen.host_org_common_name               ? 
_entity_src_gen.pdbx_host_org_scientific_name      'Escherichia coli' 
_entity_src_gen.pdbx_host_org_ncbi_taxonomy_id     562 
_entity_src_gen.host_org_genus                     ? 
_entity_src_gen.pdbx_host_org_gene                 ? 
_entity_src_gen.pdbx_host_org_organ                ? 
_entity_src_gen.host_org_species                   ? 
_entity_src_gen.pdbx_host_org_tissue               ? 
_entity_src_gen.pdbx_host_org_tissue_fraction      ? 
_entity_src_gen.pdbx_host_org_strain               ? 
_entity_src_gen.pdbx_host_org_variant              ? 
_entity_src_gen.pdbx_host_org_cell_line            ? 
_entity_src_gen.pdbx_host_org_atcc                 ? 
_entity_src_gen.pdbx_host_org_culture_collection   ? 
_entity_src_gen.pdbx_host_org_cell                 ? 
_entity_src_gen.pdbx_host_org_organelle            ? 
_entity_src_gen.pdbx_host_org_cellular_location    ? 
_entity_src_gen.pdbx_host_org_vector_type          ? 
_entity_src_gen.pdbx_host_org_vector               ? 
_entity_src_gen.host_org_details                   ? 
_entity_src_gen.expression_system_id               ? 
_entity_src_gen.plasmid_name                       ? 
_entity_src_gen.plasmid_details                    ? 
_entity_src_gen.pdbx_description                   ? 
# 
loop_
_chem_comp.id 
_chem_comp.type 
_chem_comp.mon_nstd_flag 
_chem_comp.name 
_chem_comp.pdbx_synonyms 
_chem_comp.formula 
_chem_comp.formula_weight 
ALA 'L-peptide linking' y ALANINE         ? 'C3 H7 N O2'     89.093  
ARG 'L-peptide linking' y ARGININE        ? 'C6 H15 N4 O2 1' 175.209 
ASN 'L-peptide linking' y ASPARAGINE      ? 'C4 H8 N2 O3'    132.118 
ASP 'L-peptide linking' y 'ASPARTIC ACID' ? 'C4 H7 N O4'     133.103 
GLU 'L-peptide linking' y 'GLUTAMIC ACID' ? 'C5 H9 N O4'     147.129 
GLY 'peptide linking'   y GLYCINE         ? 'C2 H5 N O2'     75.067  
ILE 'L-peptide linking' y ISOLEUCINE      ? 'C6 H13 N O2'    131.173 
LEU 'L-peptide linking' y LEUCINE         ? 'C6 H13 N O2'    131.173 
LYS 'L-peptide linking' y LYSINE          ? 'C6 H15 N2 O2 1' 147.195 
MET 'L-peptide linking' y METHIONINE      ? 'C5 H11 N O2 S'  149.211 
PHE 'L-peptide linking' y PHENYLALANINE   ? 'C9 H11 N O2'    165.189 
PRO 'L-peptide linking' y PROLINE         ? 'C5 H9 N O2'     115.130 
SER 'L-peptide linking' y SERINE          ? 'C3 H7 N O3'     105.093 
THR 'L-peptide linking' y THREONINE       ? 'C4 H9 N O3'     119.119 
TYR 'L-peptide linking' y TYROSINE        ? 'C9 H11 N O3'    181.189 
VAL 'L-peptide linking' y VALINE          ? 'C5 H11 N O2'    117.146 
# 
loop_
_pdbx_poly_seq_scheme.asym_id 
_pdbx_poly_seq_scheme.entity_id 
_pdbx_poly_seq_scheme.seq_id 
_pdbx_poly_seq_scheme.mon_id 
_pdbx_poly_seq_scheme.ndb_seq_num 
_pdbx_poly_seq_scheme.pdb_seq_num 
_pdbx_poly_seq_scheme.auth_seq_num 
_pdbx_poly_seq_scheme.pdb_mon_id 
_pdbx_poly_seq_scheme.auth_mon_id 
_pdbx_poly_seq_scheme.pdb_strand_id 
_pdbx_poly_seq_scheme.pdb_ins_code 
_pdbx_poly_seq_scheme.hetero 
A 1 1  MET 1  1  ?  ?   ?   A . n 
A 1 2  SER 2  2  ?  ?   ?   A . n 
A 1 3  GLY 3  3  ?  ?   ?   A . n 
A 1 4  SER 4  4  ?  ?   ?   A . n 
A 1 5  GLU 5  5  ?  ?   ?   A . n 
A 1 6  GLU 6  6  ?  ?   ?   A . n 
A 1 7  GLU 7  7  ?  ?   ?   A . n 
A 1 8  LYS 8  8  ?  ?   ?   A . n 
A 1 9  PRO 9  9  9  PRO PRO A . n 
A 1 10 ILE 10 10 10 ILE ILE A . n 
A 1 11 VAL 11 11 11 VAL VAL A . n 
A 1 12 ILE 12 12 12 ILE ILE A . n 
A 1 13 ASP 13 13 13 ASP ASP A . n 
A 1 14 LEU 14 14 14 LEU LEU A . n 
A 1 15 ASN 15 15 15 ASN ASN A . n 
A 1 16 LYS 16 16 16 LYS LYS A . n 
A 1 17 THR 17 17 17 THR THR A . n 
A 1 18 ILE 18 18 18 ILE ILE A . n 
A 1 19 GLU 19 19 19 GLU GLU A . n 
A 1 20 ARG 20 20 20 ARG ARG A . n 
A 1 21 ASP 21 21 21 ASP ASP A . n 
A 1 22 GLY 22 22 22 GLY GLY A . n 
A 1 23 ARG 23 23 23 ARG ARG A . n 
A 1 24 LYS 24 24 24 LYS LYS A . n 
A 1 25 VAL 25 25 25 VAL VAL A . n 
A 1 26 LYS 26 26 26 LYS LYS A . n 
A 1 27 LEU 27 27 27 LEU LEU A . n 
A 1 28 VAL 28 28 28 VAL VAL A . n 
A 1 29 ARG 29 29 29 ARG ARG A . n 
A 1 30 ALA 30 30 30 ALA ALA A . n 
A 1 31 THR 31 31 31 THR THR A . n 
A 1 32 ILE 32 32 32 ILE ILE A . n 
A 1 33 THR 33 33 33 THR THR A . n 
A 1 34 VAL 34 34 34 VAL VAL A . n 
A 1 35 ASP 35 35 35 ASP ASP A . n 
A 1 36 PRO 36 36 36 PRO PRO A . n 
A 1 37 GLU 37 37 37 GLU GLU A . n 
A 1 38 THR 38 38 38 THR THR A . n 
A 1 39 ASN 39 39 39 ASN ASN A . n 
A 1 40 THR 40 40 40 THR THR A . n 
A 1 41 ILE 41 41 41 ILE ILE A . n 
A 1 42 THR 42 42 42 THR THR A . n 
A 1 43 ILE 43 43 43 ILE ILE A . n 
A 1 44 ASP 44 44 44 ASP ASP A . n 
A 1 45 ILE 45 45 45 ILE ILE A . n 
A 1 46 GLU 46 46 46 GLU GLU A . n 
A 1 47 TYR 47 47 47 TYR TYR A . n 
A 1 48 GLU 48 48 48 GLU GLU A . n 
A 1 49 GLY 49 49 49 GLY GLY A . n 
A 1 50 GLY 50 50 50 GLY GLY A . n 
A 1 51 PRO 51 51 51 PRO PRO A . n 
A 1 52 ILE 52 52 52 ILE ILE A . n 
A 1 53 THR 53 53 53 THR THR A . n 
A 1 54 LYS 54 54 54 LYS LYS A . n 
A 1 55 GLU 55 55 55 GLU GLU A . n 
A 1 56 ASP 56 56 56 ASP ASP A . n 
A 1 57 LEU 57 57 57 LEU LEU A . n 
A 1 58 LEU 58 58 58 LEU LEU A . n 
A 1 59 GLU 59 59 59 GLU GLU A . n 
A 1 60 ALA 60 60 60 ALA ALA A . n 
A 1 61 PHE 61 61 61 PHE PHE A . n 
A 1 62 LYS 62 62 62 LYS LYS A . n 
A 1 63 LEU 63 63 63 LEU LEU A . n 
A 1 64 ALA 64 64 64 ALA ALA A . n 
A 1 65 ALA 65 65 65 ALA ALA A . n 
A 1 66 SER 66 66 66 SER SER A . n 
A 1 67 LYS 67 67 67 LYS LYS A . n 
A 1 68 LEU 68 68 68 LEU LEU A . n 
A 1 69 GLY 69 69 ?  ?   ?   A . n 
A 1 70 SER 70 70 ?  ?   ?   A . n 
# 
loop_
_software.citation_id 
_software.classification 
_software.compiler_name 
_software.compiler_version 
_software.contact_author 
_software.contact_author_email 
_software.date 
_software.description 
_software.dependencies 
_software.hardware 
_software.language 
_software.location 
_software.mods 
_software.name 
_software.os 
_software.os_version 
_software.type 
_software.version 
_software.pdbx_ordinal 
? refinement       ? ? ? ? ? ? ? ? ? ? ? PHENIX ? ? ? 1.20.1_4487 1 
? 'data reduction' ? ? ? ? ? ? ? ? ? ? ? XDS    ? ? ? .           2 
? 'data scaling'   ? ? ? ? ? ? ? ? ? ? ? XSCALE ? ? ? .           3 
? phasing          ? ? ? ? ? ? ? ? ? ? ? PHASER ? ? ? .           4 
# 
_cell.angle_alpha                  90.000 
_cell.angle_alpha_esd              ? 
_cell.angle_beta                   90.000 
_cell.angle_beta_esd               ? 
_cell.angle_gamma                  90.000 
_cell.angle_gamma_esd              ? 
_cell.entry_id                     8D05 
_cell.details                      ? 
_cell.formula_units_Z              ? 
_cell.length_a                     50.187 
_cell.length_a_esd                 ? 
_cell.length_b                     50.187 
_cell.length_b_esd                 ? 
_cell.length_c                     22.111 
_cell.length_c_esd                 ? 
_cell.volume                       55691.749 
_cell.volume_esd                   ? 
_cell.Z_PDB                        4 
_cell.reciprocal_angle_alpha       ? 
_cell.reciprocal_angle_beta        ? 
_cell.reciprocal_angle_gamma       ? 
_cell.reciprocal_angle_alpha_esd   ? 
_cell.reciprocal_angle_beta_esd    ? 
_cell.reciprocal_angle_gamma_esd   ? 
_cell.reciprocal_length_a          ? 
_cell.reciprocal_length_b          ? 
_cell.reciprocal_length_c          ? 
_cell.reciprocal_length_a_esd      ? 
_cell.reciprocal_length_b_esd      ? 
_cell.reciprocal_length_c_esd      ? 
_cell.pdbx_unique_axis             ? 
_cell.pdbx_esd_method              ? 
# 
_symmetry.entry_id                         8D05 
_symmetry.cell_setting                     ? 
_symmetry.Int_Tables_number                77 
_symmetry.space_group_name_Hall            'P 4c' 
_symmetry.space_group_name_H-M             'P 42' 
_symmetry.pdbx_full_space_group_name_H-M   ? 
# 
_exptl.absorpt_coefficient_mu     ? 
_exptl.absorpt_correction_T_max   ? 
_exptl.absorpt_correction_T_min   ? 
_exptl.absorpt_correction_type    ? 
_exptl.absorpt_process_details    ? 
_exptl.entry_id                   8D05 
_exptl.crystals_number            1 
_exptl.details                    ? 
_exptl.method                     'X-RAY DIFFRACTION' 
_exptl.method_details             ? 
# 
_exptl_crystal.colour                       ? 
_exptl_crystal.density_diffrn               ? 
_exptl_crystal.density_Matthews             1.81 
_exptl_crystal.density_method               ? 
_exptl_crystal.density_percent_sol          31.99 
_exptl_crystal.description                  ? 
_exptl_crystal.F_000                        ? 
_exptl_crystal.id                           1 
_exptl_crystal.preparation                  ? 
_exptl_crystal.size_max                     ? 
_exptl_crystal.size_mid                     ? 
_exptl_crystal.size_min                     ? 
_exptl_crystal.size_rad                     ? 
_exptl_crystal.colour_lustre                ? 
_exptl_crystal.colour_modifier              ? 
_exptl_crystal.colour_primary               ? 
_exptl_crystal.density_meas                 ? 
_exptl_crystal.density_meas_esd             ? 
_exptl_crystal.density_meas_gt              ? 
_exptl_crystal.density_meas_lt              ? 
_exptl_crystal.density_meas_temp            ? 
_exptl_crystal.density_meas_temp_esd        ? 
_exptl_crystal.density_meas_temp_gt         ? 
_exptl_crystal.density_meas_temp_lt         ? 
_exptl_crystal.pdbx_crystal_image_url       ? 
_exptl_crystal.pdbx_crystal_image_format    ? 
_exptl_crystal.pdbx_mosaicity               ? 
_exptl_crystal.pdbx_mosaicity_esd           ? 
_exptl_crystal.pdbx_mosaic_method           ? 
_exptl_crystal.pdbx_mosaic_block_size       ? 
_exptl_crystal.pdbx_mosaic_block_size_esd   ? 
# 
_exptl_crystal_grow.apparatus       ? 
_exptl_crystal_grow.atmosphere      ? 
_exptl_crystal_grow.crystal_id      1 
_exptl_crystal_grow.details         ? 
_exptl_crystal_grow.method          'VAPOR DIFFUSION, SITTING DROP' 
_exptl_crystal_grow.method_ref      ? 
_exptl_crystal_grow.pH              6.3 
_exptl_crystal_grow.pressure        ? 
_exptl_crystal_grow.pressure_esd    ? 
_exptl_crystal_grow.seeding         ? 
_exptl_crystal_grow.seeding_ref     ? 
_exptl_crystal_grow.temp            293 
_exptl_crystal_grow.temp_details    ? 
_exptl_crystal_grow.temp_esd        ? 
_exptl_crystal_grow.time            ? 
_exptl_crystal_grow.pdbx_details    
;0.2 M Ammonium nitrate
20% PEG 3350
;
_exptl_crystal_grow.pdbx_pH_range   ? 
# 
_diffrn.ambient_environment              ? 
_diffrn.ambient_temp                     100 
_diffrn.ambient_temp_details             ? 
_diffrn.ambient_temp_esd                 ? 
_diffrn.crystal_id                       1 
_diffrn.crystal_support                  ? 
_diffrn.crystal_treatment                ? 
_diffrn.details                          ? 
_diffrn.id                               1 
_diffrn.ambient_pressure                 ? 
_diffrn.ambient_pressure_esd             ? 
_diffrn.ambient_pressure_gt              ? 
_diffrn.ambient_pressure_lt              ? 
_diffrn.ambient_temp_gt                  ? 
_diffrn.ambient_temp_lt                  ? 
_diffrn.pdbx_serial_crystal_experiment   N 
# 
_diffrn_detector.details                      ? 
_diffrn_detector.detector                     PIXEL 
_diffrn_detector.diffrn_id                    1 
_diffrn_detector.type                         'DECTRIS EIGER X 16M' 
_diffrn_detector.area_resol_mean              ? 
_diffrn_detector.dtime                        ? 
_diffrn_detector.pdbx_frames_total            ? 
_diffrn_detector.pdbx_collection_time_total   ? 
_diffrn_detector.pdbx_collection_date         2022-02-12 
_diffrn_detector.pdbx_frequency               ? 
# 
_diffrn_radiation.collimation                      ? 
_diffrn_radiation.diffrn_id                        1 
_diffrn_radiation.filter_edge                      ? 
_diffrn_radiation.inhomogeneity                    ? 
_diffrn_radiation.monochromator                    ? 
_diffrn_radiation.polarisn_norm                    ? 
_diffrn_radiation.polarisn_ratio                   ? 
_diffrn_radiation.probe                            ? 
_diffrn_radiation.type                             ? 
_diffrn_radiation.xray_symbol                      ? 
_diffrn_radiation.wavelength_id                    1 
_diffrn_radiation.pdbx_monochromatic_or_laue_m_l   M 
_diffrn_radiation.pdbx_wavelength_list             ? 
_diffrn_radiation.pdbx_wavelength                  ? 
_diffrn_radiation.pdbx_diffrn_protocol             'SINGLE WAVELENGTH' 
_diffrn_radiation.pdbx_analyzer                    ? 
_diffrn_radiation.pdbx_scattering_type             x-ray 
# 
_diffrn_radiation_wavelength.id           1 
_diffrn_radiation_wavelength.wavelength   0.9792 
_diffrn_radiation_wavelength.wt           1.0 
# 
_diffrn_source.current                     ? 
_diffrn_source.details                     ? 
_diffrn_source.diffrn_id                   1 
_diffrn_source.power                       ? 
_diffrn_source.size                        ? 
_diffrn_source.source                      SYNCHROTRON 
_diffrn_source.target                      ? 
_diffrn_source.type                        'APS BEAMLINE 24-ID-C' 
_diffrn_source.voltage                     ? 
_diffrn_source.take-off_angle              ? 
_diffrn_source.pdbx_wavelength_list        0.9792 
_diffrn_source.pdbx_wavelength             ? 
_diffrn_source.pdbx_synchrotron_beamline   24-ID-C 
_diffrn_source.pdbx_synchrotron_site       APS 
# 
_reflns.B_iso_Wilson_estimate                          70.18 
_reflns.entry_id                                       8D05 
_reflns.data_reduction_details                         ? 
_reflns.data_reduction_method                          ? 
_reflns.d_resolution_high                              2.51 
_reflns.d_resolution_low                               50.19 
_reflns.details                                        ? 
_reflns.limit_h_max                                    ? 
_reflns.limit_h_min                                    ? 
_reflns.limit_k_max                                    ? 
_reflns.limit_k_min                                    ? 
_reflns.limit_l_max                                    ? 
_reflns.limit_l_min                                    ? 
_reflns.number_all                                     ? 
_reflns.number_obs                                     2002 
_reflns.observed_criterion                             ? 
_reflns.observed_criterion_F_max                       ? 
_reflns.observed_criterion_F_min                       ? 
_reflns.observed_criterion_I_max                       ? 
_reflns.observed_criterion_I_min                       ? 
_reflns.observed_criterion_sigma_F                     ? 
_reflns.observed_criterion_sigma_I                     ? 
_reflns.percent_possible_obs                           99.90 
_reflns.R_free_details                                 ? 
_reflns.Rmerge_F_all                                   ? 
_reflns.Rmerge_F_obs                                   ? 
_reflns.Friedel_coverage                               ? 
_reflns.number_gt                                      ? 
_reflns.threshold_expression                           ? 
_reflns.pdbx_redundancy                                13.2 
_reflns.pdbx_Rmerge_I_obs                              ? 
_reflns.pdbx_Rmerge_I_all                              ? 
_reflns.pdbx_Rsym_value                                ? 
_reflns.pdbx_netI_over_av_sigmaI                       ? 
_reflns.pdbx_netI_over_sigmaI                          2.85 
_reflns.pdbx_res_netI_over_av_sigmaI_2                 ? 
_reflns.pdbx_res_netI_over_sigmaI_2                    ? 
_reflns.pdbx_chi_squared                               ? 
_reflns.pdbx_scaling_rejects                           ? 
_reflns.pdbx_d_res_high_opt                            ? 
_reflns.pdbx_d_res_low_opt                             ? 
_reflns.pdbx_d_res_opt_method                          ? 
_reflns.phase_calculation_details                      ? 
_reflns.pdbx_Rrim_I_all                                ? 
_reflns.pdbx_Rpim_I_all                                ? 
_reflns.pdbx_d_opt                                     ? 
_reflns.pdbx_number_measured_all                       ? 
_reflns.pdbx_diffrn_id                                 1 
_reflns.pdbx_ordinal                                   1 
_reflns.pdbx_CC_half                                   0.987 
_reflns.pdbx_CC_star                                   ? 
_reflns.pdbx_R_split                                   ? 
_reflns.pdbx_aniso_diffraction_limit_axis_1_ortho[1]   ? 
_reflns.pdbx_aniso_diffraction_limit_axis_1_ortho[2]   ? 
_reflns.pdbx_aniso_diffraction_limit_axis_1_ortho[3]   ? 
_reflns.pdbx_aniso_diffraction_limit_axis_2_ortho[1]   ? 
_reflns.pdbx_aniso_diffraction_limit_axis_2_ortho[2]   ? 
_reflns.pdbx_aniso_diffraction_limit_axis_2_ortho[3]   ? 
_reflns.pdbx_aniso_diffraction_limit_axis_3_ortho[1]   ? 
_reflns.pdbx_aniso_diffraction_limit_axis_3_ortho[2]   ? 
_reflns.pdbx_aniso_diffraction_limit_axis_3_ortho[3]   ? 
_reflns.pdbx_aniso_diffraction_limit_1                 ? 
_reflns.pdbx_aniso_diffraction_limit_2                 ? 
_reflns.pdbx_aniso_diffraction_limit_3                 ? 
_reflns.pdbx_aniso_B_tensor_eigenvector_1_ortho[1]     ? 
_reflns.pdbx_aniso_B_tensor_eigenvector_1_ortho[2]     ? 
_reflns.pdbx_aniso_B_tensor_eigenvector_1_ortho[3]     ? 
_reflns.pdbx_aniso_B_tensor_eigenvector_2_ortho[1]     ? 
_reflns.pdbx_aniso_B_tensor_eigenvector_2_ortho[2]     ? 
_reflns.pdbx_aniso_B_tensor_eigenvector_2_ortho[3]     ? 
_reflns.pdbx_aniso_B_tensor_eigenvector_3_ortho[1]     ? 
_reflns.pdbx_aniso_B_tensor_eigenvector_3_ortho[2]     ? 
_reflns.pdbx_aniso_B_tensor_eigenvector_3_ortho[3]     ? 
_reflns.pdbx_aniso_B_tensor_eigenvalue_1               ? 
_reflns.pdbx_aniso_B_tensor_eigenvalue_2               ? 
_reflns.pdbx_aniso_B_tensor_eigenvalue_3               ? 
_reflns.pdbx_orthogonalization_convention              ? 
_reflns.pdbx_percent_possible_ellipsoidal              ? 
_reflns.pdbx_percent_possible_spherical                ? 
_reflns.pdbx_percent_possible_ellipsoidal_anomalous    ? 
_reflns.pdbx_percent_possible_spherical_anomalous      ? 
_reflns.pdbx_redundancy_anomalous                      ? 
_reflns.pdbx_CC_half_anomalous                         ? 
_reflns.pdbx_absDiff_over_sigma_anomalous              ? 
_reflns.pdbx_percent_possible_anomalous                ? 
_reflns.pdbx_observed_signal_threshold                 ? 
_reflns.pdbx_signal_type                               ? 
_reflns.pdbx_signal_details                            ? 
_reflns.pdbx_signal_software_id                        ? 
_reflns.pdbx_CC_split_method                           ? 
# 
_reflns_shell.d_res_high                                    2.51 
_reflns_shell.d_res_low                                     2.601 
_reflns_shell.meanI_over_sigI_all                           ? 
_reflns_shell.meanI_over_sigI_obs                           ? 
_reflns_shell.number_measured_all                           ? 
_reflns_shell.number_measured_obs                           ? 
_reflns_shell.number_possible                               ? 
_reflns_shell.number_unique_all                             ? 
_reflns_shell.number_unique_obs                             193 
_reflns_shell.percent_possible_all                          100.00 
_reflns_shell.percent_possible_obs                          ? 
_reflns_shell.Rmerge_F_all                                  ? 
_reflns_shell.Rmerge_F_obs                                  ? 
_reflns_shell.Rmerge_I_all                                  ? 
_reflns_shell.Rmerge_I_obs                                  ? 
_reflns_shell.meanI_over_sigI_gt                            ? 
_reflns_shell.meanI_over_uI_all                             ? 
_reflns_shell.meanI_over_uI_gt                              ? 
_reflns_shell.number_measured_gt                            ? 
_reflns_shell.number_unique_gt                              ? 
_reflns_shell.percent_possible_gt                           ? 
_reflns_shell.Rmerge_F_gt                                   ? 
_reflns_shell.Rmerge_I_gt                                   ? 
_reflns_shell.pdbx_redundancy                               14.0 
_reflns_shell.pdbx_Rsym_value                               ? 
_reflns_shell.pdbx_chi_squared                              ? 
_reflns_shell.pdbx_netI_over_sigmaI_all                     ? 
_reflns_shell.pdbx_netI_over_sigmaI_obs                     ? 
_reflns_shell.pdbx_Rrim_I_all                               ? 
_reflns_shell.pdbx_Rpim_I_all                               ? 
_reflns_shell.pdbx_rejects                                  ? 
_reflns_shell.pdbx_ordinal                                  1 
_reflns_shell.pdbx_diffrn_id                                1 
_reflns_shell.pdbx_CC_half                                  0.336 
_reflns_shell.pdbx_CC_star                                  ? 
_reflns_shell.pdbx_R_split                                  ? 
_reflns_shell.pdbx_percent_possible_ellipsoidal             ? 
_reflns_shell.pdbx_percent_possible_spherical               ? 
_reflns_shell.pdbx_percent_possible_ellipsoidal_anomalous   ? 
_reflns_shell.pdbx_percent_possible_spherical_anomalous     ? 
_reflns_shell.pdbx_redundancy_anomalous                     ? 
_reflns_shell.pdbx_CC_half_anomalous                        ? 
_reflns_shell.pdbx_absDiff_over_sigma_anomalous             ? 
_reflns_shell.pdbx_percent_possible_anomalous               ? 
# 
_refine.aniso_B[1][1]                            ? 
_refine.aniso_B[1][2]                            ? 
_refine.aniso_B[1][3]                            ? 
_refine.aniso_B[2][2]                            ? 
_refine.aniso_B[2][3]                            ? 
_refine.aniso_B[3][3]                            ? 
_refine.B_iso_max                                ? 
_refine.B_iso_mean                               72.51 
_refine.B_iso_min                                ? 
_refine.correlation_coeff_Fo_to_Fc               ? 
_refine.correlation_coeff_Fo_to_Fc_free          ? 
_refine.details                                  ? 
_refine.diff_density_max                         ? 
_refine.diff_density_max_esd                     ? 
_refine.diff_density_min                         ? 
_refine.diff_density_min_esd                     ? 
_refine.diff_density_rms                         ? 
_refine.diff_density_rms_esd                     ? 
_refine.entry_id                                 8D05 
_refine.pdbx_refine_id                           'X-RAY DIFFRACTION' 
_refine.ls_abs_structure_details                 ? 
_refine.ls_abs_structure_Flack                   ? 
_refine.ls_abs_structure_Flack_esd               ? 
_refine.ls_abs_structure_Rogers                  ? 
_refine.ls_abs_structure_Rogers_esd              ? 
_refine.ls_d_res_high                            2.51 
_refine.ls_d_res_low                             50.19 
_refine.ls_extinction_coef                       ? 
_refine.ls_extinction_coef_esd                   ? 
_refine.ls_extinction_expression                 ? 
_refine.ls_extinction_method                     ? 
_refine.ls_goodness_of_fit_all                   ? 
_refine.ls_goodness_of_fit_all_esd               ? 
_refine.ls_goodness_of_fit_obs                   ? 
_refine.ls_goodness_of_fit_obs_esd               ? 
_refine.ls_hydrogen_treatment                    ? 
_refine.ls_matrix_type                           ? 
_refine.ls_number_constraints                    ? 
_refine.ls_number_parameters                     ? 
_refine.ls_number_reflns_all                     ? 
_refine.ls_number_reflns_obs                     2000 
_refine.ls_number_reflns_R_free                  114 
_refine.ls_number_reflns_R_work                  1886 
_refine.ls_number_restraints                     ? 
_refine.ls_percent_reflns_obs                    99.90 
_refine.ls_percent_reflns_R_free                 5.70 
_refine.ls_R_factor_all                          ? 
_refine.ls_R_factor_obs                          0.2385 
_refine.ls_R_factor_R_free                       0.2579 
_refine.ls_R_factor_R_free_error                 ? 
_refine.ls_R_factor_R_free_error_details         ? 
_refine.ls_R_factor_R_work                       0.2371 
_refine.ls_R_Fsqd_factor_obs                     ? 
_refine.ls_R_I_factor_obs                        ? 
_refine.ls_redundancy_reflns_all                 ? 
_refine.ls_redundancy_reflns_obs                 ? 
_refine.ls_restrained_S_all                      ? 
_refine.ls_restrained_S_obs                      ? 
_refine.ls_shift_over_esd_max                    ? 
_refine.ls_shift_over_esd_mean                   ? 
_refine.ls_structure_factor_coef                 ? 
_refine.ls_weighting_details                     ? 
_refine.ls_weighting_scheme                      ? 
_refine.ls_wR_factor_all                         ? 
_refine.ls_wR_factor_obs                         ? 
_refine.ls_wR_factor_R_free                      ? 
_refine.ls_wR_factor_R_work                      ? 
_refine.occupancy_max                            ? 
_refine.occupancy_min                            ? 
_refine.solvent_model_details                    'FLAT BULK SOLVENT MODEL' 
_refine.solvent_model_param_bsol                 ? 
_refine.solvent_model_param_ksol                 ? 
_refine.pdbx_R_complete                          ? 
_refine.ls_R_factor_gt                           ? 
_refine.ls_goodness_of_fit_gt                    ? 
_refine.ls_goodness_of_fit_ref                   ? 
_refine.ls_shift_over_su_max                     ? 
_refine.ls_shift_over_su_max_lt                  ? 
_refine.ls_shift_over_su_mean                    ? 
_refine.ls_shift_over_su_mean_lt                 ? 
_refine.pdbx_ls_sigma_I                          ? 
_refine.pdbx_ls_sigma_F                          1.38 
_refine.pdbx_ls_sigma_Fsqd                       ? 
_refine.pdbx_data_cutoff_high_absF               ? 
_refine.pdbx_data_cutoff_high_rms_absF           ? 
_refine.pdbx_data_cutoff_low_absF                ? 
_refine.pdbx_isotropic_thermal_model             ? 
_refine.pdbx_ls_cross_valid_method               'FREE R-VALUE' 
_refine.pdbx_method_to_determine_struct          'MOLECULAR REPLACEMENT' 
_refine.pdbx_starting_model                      'Design model' 
_refine.pdbx_stereochemistry_target_values       'GeoStd + Monomer Library + CDL v1.2' 
_refine.pdbx_R_Free_selection_details            ? 
_refine.pdbx_stereochem_target_val_spec_case     ? 
_refine.pdbx_overall_ESU_R                       ? 
_refine.pdbx_overall_ESU_R_Free                  ? 
_refine.pdbx_solvent_vdw_probe_radii             1.1000 
_refine.pdbx_solvent_ion_probe_radii             ? 
_refine.pdbx_solvent_shrinkage_radii             0.9000 
_refine.pdbx_real_space_R                        ? 
_refine.pdbx_density_correlation                 ? 
_refine.pdbx_pd_number_of_powder_patterns        ? 
_refine.pdbx_pd_number_of_points                 ? 
_refine.pdbx_pd_meas_number_of_points            ? 
_refine.pdbx_pd_proc_ls_prof_R_factor            ? 
_refine.pdbx_pd_proc_ls_prof_wR_factor           ? 
_refine.pdbx_pd_Marquardt_correlation_coeff      ? 
_refine.pdbx_pd_Fsqrd_R_factor                   ? 
_refine.pdbx_pd_ls_matrix_band_width             ? 
_refine.pdbx_overall_phase_error                 29.7519 
_refine.pdbx_overall_SU_R_free_Cruickshank_DPI   ? 
_refine.pdbx_overall_SU_R_free_Blow_DPI          ? 
_refine.pdbx_overall_SU_R_Blow_DPI               ? 
_refine.pdbx_TLS_residual_ADP_flag               ? 
_refine.pdbx_diffrn_id                           1 
_refine.overall_SU_B                             ? 
_refine.overall_SU_ML                            0.1065 
_refine.overall_SU_R_Cruickshank_DPI             ? 
_refine.overall_SU_R_free                        ? 
_refine.overall_FOM_free_R_set                   ? 
_refine.overall_FOM_work_R_set                   ? 
_refine.pdbx_average_fsc_overall                 ? 
_refine.pdbx_average_fsc_work                    ? 
_refine.pdbx_average_fsc_free                    ? 
# 
_refine_hist.pdbx_refine_id                   'X-RAY DIFFRACTION' 
_refine_hist.cycle_id                         LAST 
_refine_hist.details                          ? 
_refine_hist.d_res_high                       2.51 
_refine_hist.d_res_low                        50.19 
_refine_hist.number_atoms_solvent             0 
_refine_hist.number_atoms_total               469 
_refine_hist.number_reflns_all                ? 
_refine_hist.number_reflns_obs                ? 
_refine_hist.number_reflns_R_free             ? 
_refine_hist.number_reflns_R_work             ? 
_refine_hist.R_factor_all                     ? 
_refine_hist.R_factor_obs                     ? 
_refine_hist.R_factor_R_free                  ? 
_refine_hist.R_factor_R_work                  ? 
_refine_hist.pdbx_number_residues_total       ? 
_refine_hist.pdbx_B_iso_mean_ligand           ? 
_refine_hist.pdbx_B_iso_mean_solvent          ? 
_refine_hist.pdbx_number_atoms_protein        469 
_refine_hist.pdbx_number_atoms_nucleic_acid   0 
_refine_hist.pdbx_number_atoms_ligand         0 
_refine_hist.pdbx_number_atoms_lipid          ? 
_refine_hist.pdbx_number_atoms_carb           ? 
_refine_hist.pdbx_pseudo_atom_details         ? 
# 
loop_
_refine_ls_restr.pdbx_refine_id 
_refine_ls_restr.criterion 
_refine_ls_restr.dev_ideal 
_refine_ls_restr.dev_ideal_target 
_refine_ls_restr.number 
_refine_ls_restr.rejects 
_refine_ls_restr.type 
_refine_ls_restr.weight 
_refine_ls_restr.pdbx_restraint_function 
'X-RAY DIFFRACTION' ? 0.0018  ? 473 ? f_bond_d           ? ? 
'X-RAY DIFFRACTION' ? 0.4795  ? 640 ? f_angle_d          ? ? 
'X-RAY DIFFRACTION' ? 0.0464  ? 82  ? f_chiral_restr     ? ? 
'X-RAY DIFFRACTION' ? 0.0027  ? 80  ? f_plane_restr      ? ? 
'X-RAY DIFFRACTION' ? 13.9308 ? 185 ? f_dihedral_angle_d ? ? 
# 
_struct.entry_id                     8D05 
_struct.title                        'Hallucinated C2 protein assembly HALC2_065' 
_struct.pdbx_model_details           ? 
_struct.pdbx_formula_weight          ? 
_struct.pdbx_formula_weight_method   ? 
_struct.pdbx_model_type_details      ? 
_struct.pdbx_CASP_flag               N 
# 
_struct_keywords.entry_id        8D05 
_struct_keywords.text            'De novo design Hallucination Cyclic Oligomer ProteinMPNN, DE NOVO PROTEIN' 
_struct_keywords.pdbx_keywords   'DE NOVO PROTEIN' 
# 
_struct_asym.id                            A 
_struct_asym.pdbx_blank_PDB_chainid_flag   N 
_struct_asym.pdbx_modified                 N 
_struct_asym.entity_id                     1 
_struct_asym.details                       ? 
# 
_struct_ref.id                         1 
_struct_ref.db_name                    PDB 
_struct_ref.db_code                    8D05 
_struct_ref.pdbx_db_accession          8D05 
_struct_ref.pdbx_db_isoform            ? 
_struct_ref.entity_id                  1 
_struct_ref.pdbx_seq_one_letter_code   ? 
_struct_ref.pdbx_align_begin           1 
# 
_struct_ref_seq.align_id                      1 
_struct_ref_seq.ref_id                        1 
_struct_ref_seq.pdbx_PDB_id_code              8D05 
_struct_ref_seq.pdbx_strand_id                A 
_struct_ref_seq.seq_align_beg                 1 
_struct_ref_seq.pdbx_seq_align_beg_ins_code   ? 
_struct_ref_seq.seq_align_end                 70 
_struct_ref_seq.pdbx_seq_align_end_ins_code   ? 
_struct_ref_seq.pdbx_db_accession             8D05 
_struct_ref_seq.db_align_beg                  1 
_struct_ref_seq.pdbx_db_align_beg_ins_code    ? 
_struct_ref_seq.db_align_end                  70 
_struct_ref_seq.pdbx_db_align_end_ins_code    ? 
_struct_ref_seq.pdbx_auth_seq_align_beg       1 
_struct_ref_seq.pdbx_auth_seq_align_end       70 
# 
_pdbx_struct_assembly.id                   1 
_pdbx_struct_assembly.details              author_and_software_defined_assembly 
_pdbx_struct_assembly.method_details       PISA 
_pdbx_struct_assembly.oligomeric_details   dimeric 
_pdbx_struct_assembly.oligomeric_count     2 
# 
loop_
_pdbx_struct_assembly_prop.biol_id 
_pdbx_struct_assembly_prop.type 
_pdbx_struct_assembly_prop.value 
_pdbx_struct_assembly_prop.details 
1 'ABSA (A^2)' 2190 ? 
1 MORE         -22  ? 
1 'SSA (A^2)'  6630 ? 
# 
_pdbx_struct_assembly_gen.assembly_id       1 
_pdbx_struct_assembly_gen.oper_expression   1,2 
_pdbx_struct_assembly_gen.asym_id_list      A 
# 
_pdbx_struct_assembly_auth_evidence.id                     1 
_pdbx_struct_assembly_auth_evidence.assembly_id            1 
_pdbx_struct_assembly_auth_evidence.experimental_support   'light scattering' 
_pdbx_struct_assembly_auth_evidence.details                ? 
# 
loop_
_pdbx_struct_oper_list.id 
_pdbx_struct_oper_list.type 
_pdbx_struct_oper_list.name 
_pdbx_struct_oper_list.symmetry_operation 
_pdbx_struct_oper_list.matrix[1][1] 
_pdbx_struct_oper_list.matrix[1][2] 
_pdbx_struct_oper_list.matrix[1][3] 
_pdbx_struct_oper_list.vector[1] 
_pdbx_struct_oper_list.matrix[2][1] 
_pdbx_struct_oper_list.matrix[2][2] 
_pdbx_struct_oper_list.matrix[2][3] 
_pdbx_struct_oper_list.vector[2] 
_pdbx_struct_oper_list.matrix[3][1] 
_pdbx_struct_oper_list.matrix[3][2] 
_pdbx_struct_oper_list.matrix[3][3] 
_pdbx_struct_oper_list.vector[3] 
1 'identity operation'         1_555 x,y,z     1.0000000000  0.0000000000  0.0000000000 0.0000000000   0.0000000000  1.0000000000 0.0000000000  0.0000000000  0.0000000000 0.0000000000  1.0000000000  0.0000000000 
2 'crystal symmetry operation' 2_655 -x+1,-y,z -0.4869899893 -0.7597096088 0.4309084133 -13.8354593629 -0.7597096088 0.1250437178 -0.6381264600 -7.2676780110 0.4309084133 -0.6381264600 -0.6380537285 3.6583280547 
# 
_struct_conf.conf_type_id            HELX_P 
_struct_conf.id                      HELX_P1 
_struct_conf.pdbx_PDB_helix_id       AA1 
_struct_conf.beg_label_comp_id       THR 
_struct_conf.beg_label_asym_id       A 
_struct_conf.beg_label_seq_id        53 
_struct_conf.pdbx_beg_PDB_ins_code   ? 
_struct_conf.end_label_comp_id       LYS 
_struct_conf.end_label_asym_id       A 
_struct_conf.end_label_seq_id        67 
_struct_conf.pdbx_end_PDB_ins_code   ? 
_struct_conf.beg_auth_comp_id        THR 
_struct_conf.beg_auth_asym_id        A 
_struct_conf.beg_auth_seq_id         53 
_struct_conf.end_auth_comp_id        LYS 
_struct_conf.end_auth_asym_id        A 
_struct_conf.end_auth_seq_id         67 
_struct_conf.pdbx_PDB_helix_class    1 
_struct_conf.details                 ? 
_struct_conf.pdbx_PDB_helix_length   15 
# 
_struct_conf_type.id          HELX_P 
_struct_conf_type.criteria    ? 
_struct_conf_type.reference   ? 
# 
loop_
_struct_sheet.id 
_struct_sheet.type 
_struct_sheet.number_strands 
_struct_sheet.details 
AA1 ? 3 ? 
AA2 ? 3 ? 
# 
loop_
_struct_sheet_order.sheet_id 
_struct_sheet_order.range_id_1 
_struct_sheet_order.range_id_2 
_struct_sheet_order.offset 
_struct_sheet_order.sense 
AA1 1 2 ? anti-parallel 
AA1 2 3 ? anti-parallel 
AA2 1 2 ? anti-parallel 
AA2 2 3 ? anti-parallel 
# 
loop_
_struct_sheet_range.sheet_id 
_struct_sheet_range.id 
_struct_sheet_range.beg_label_comp_id 
_struct_sheet_range.beg_label_asym_id 
_struct_sheet_range.beg_label_seq_id 
_struct_sheet_range.pdbx_beg_PDB_ins_code 
_struct_sheet_range.end_label_comp_id 
_struct_sheet_range.end_label_asym_id 
_struct_sheet_range.end_label_seq_id 
_struct_sheet_range.pdbx_end_PDB_ins_code 
_struct_sheet_range.beg_auth_comp_id 
_struct_sheet_range.beg_auth_asym_id 
_struct_sheet_range.beg_auth_seq_id 
_struct_sheet_range.end_auth_comp_id 
_struct_sheet_range.end_auth_asym_id 
_struct_sheet_range.end_auth_seq_id 
AA1 1 ILE A 10 ? ASP A 13 ? ILE A 10 ASP A 13 
AA1 2 ARG A 23 ? ASP A 35 ? ARG A 23 ASP A 35 
AA1 3 THR A 17 ? ARG A 20 ? THR A 17 ARG A 20 
AA2 1 ILE A 10 ? ASP A 13 ? ILE A 10 ASP A 13 
AA2 2 ARG A 23 ? ASP A 35 ? ARG A 23 ASP A 35 
AA2 3 THR A 40 ? GLY A 49 ? THR A 40 GLY A 49 
# 
loop_
_pdbx_struct_sheet_hbond.sheet_id 
_pdbx_struct_sheet_hbond.range_id_1 
_pdbx_struct_sheet_hbond.range_id_2 
_pdbx_struct_sheet_hbond.range_1_label_atom_id 
_pdbx_struct_sheet_hbond.range_1_label_comp_id 
_pdbx_struct_sheet_hbond.range_1_label_asym_id 
_pdbx_struct_sheet_hbond.range_1_label_seq_id 
_pdbx_struct_sheet_hbond.range_1_PDB_ins_code 
_pdbx_struct_sheet_hbond.range_1_auth_atom_id 
_pdbx_struct_sheet_hbond.range_1_auth_comp_id 
_pdbx_struct_sheet_hbond.range_1_auth_asym_id 
_pdbx_struct_sheet_hbond.range_1_auth_seq_id 
_pdbx_struct_sheet_hbond.range_2_label_atom_id 
_pdbx_struct_sheet_hbond.range_2_label_comp_id 
_pdbx_struct_sheet_hbond.range_2_label_asym_id 
_pdbx_struct_sheet_hbond.range_2_label_seq_id 
_pdbx_struct_sheet_hbond.range_2_PDB_ins_code 
_pdbx_struct_sheet_hbond.range_2_auth_atom_id 
_pdbx_struct_sheet_hbond.range_2_auth_comp_id 
_pdbx_struct_sheet_hbond.range_2_auth_asym_id 
_pdbx_struct_sheet_hbond.range_2_auth_seq_id 
AA1 1 2 N ILE A 10 ? N ILE A 10 O ILE A 32 ? O ILE A 32 
AA1 2 3 O ARG A 23 ? O ARG A 23 N ARG A 20 ? N ARG A 20 
AA2 1 2 N ILE A 10 ? N ILE A 10 O ILE A 32 ? O ILE A 32 
AA2 2 3 N THR A 33 ? N THR A 33 O THR A 42 ? O THR A 42 
# 
loop_
_pdbx_validate_torsion.id 
_pdbx_validate_torsion.PDB_model_num 
_pdbx_validate_torsion.auth_comp_id 
_pdbx_validate_torsion.auth_asym_id 
_pdbx_validate_torsion.auth_seq_id 
_pdbx_validate_torsion.PDB_ins_code 
_pdbx_validate_torsion.label_alt_id 
_pdbx_validate_torsion.phi 
_pdbx_validate_torsion.psi 
1 1 LEU A 14 ? ? -107.11 -67.88 
2 1 GLU A 19 ? ? -105.40 59.24  
# 
loop_
_space_group_symop.id 
_space_group_symop.operation_xyz 
1 x,y,z      
2 -y,x,z+1/2 
3 y,-x,z+1/2 
4 -x,-y,z    
# 
loop_
_pdbx_unobs_or_zero_occ_residues.id 
_pdbx_unobs_or_zero_occ_residues.PDB_model_num 
_pdbx_unobs_or_zero_occ_residues.polymer_flag 
_pdbx_unobs_or_zero_occ_residues.occupancy_flag 
_pdbx_unobs_or_zero_occ_residues.auth_asym_id 
_pdbx_unobs_or_zero_occ_residues.auth_comp_id 
_pdbx_unobs_or_zero_occ_residues.auth_seq_id 
_pdbx_unobs_or_zero_occ_residues.PDB_ins_code 
_pdbx_unobs_or_zero_occ_residues.label_asym_id 
_pdbx_unobs_or_zero_occ_residues.label_comp_id 
_pdbx_unobs_or_zero_occ_residues.label_seq_id 
1  1 Y 1 A MET 1  ? A MET 1  
2  1 Y 1 A SER 2  ? A SER 2  
3  1 Y 1 A GLY 3  ? A GLY 3  
4  1 Y 1 A SER 4  ? A SER 4  
5  1 Y 1 A GLU 5  ? A GLU 5  
6  1 Y 1 A GLU 6  ? A GLU 6  
7  1 Y 1 A GLU 7  ? A GLU 7  
8  1 Y 1 A LYS 8  ? A LYS 8  
9  1 Y 1 A GLY 69 ? A GLY 69 
10 1 Y 1 A SER 70 ? A SER 70 
# 
loop_
_chem_comp_atom.comp_id 
_chem_comp_atom.atom_id 
_chem_comp_atom.type_symbol 
_chem_comp_atom.pdbx_aromatic_flag 
_chem_comp_atom.pdbx_stereo_config 
_chem_comp_atom.pdbx_ordinal 
ALA N    N N N 1   
ALA CA   C N S 2   
ALA C    C N N 3   
ALA O    O N N 4   
ALA CB   C N N 5   
ALA OXT  O N N 6   
ALA H    H N N 7   
ALA H2   H N N 8   
ALA HA   H N N 9   
ALA HB1  H N N 10  
ALA HB2  H N N 11  
ALA HB3  H N N 12  
ALA HXT  H N N 13  
ARG N    N N N 14  
ARG CA   C N S 15  
ARG C    C N N 16  
ARG O    O N N 17  
ARG CB   C N N 18  
ARG CG   C N N 19  
ARG CD   C N N 20  
ARG NE   N N N 21  
ARG CZ   C N N 22  
ARG NH1  N N N 23  
ARG NH2  N N N 24  
ARG OXT  O N N 25  
ARG H    H N N 26  
ARG H2   H N N 27  
ARG HA   H N N 28  
ARG HB2  H N N 29  
ARG HB3  H N N 30  
ARG HG2  H N N 31  
ARG HG3  H N N 32  
ARG HD2  H N N 33  
ARG HD3  H N N 34  
ARG HE   H N N 35  
ARG HH11 H N N 36  
ARG HH12 H N N 37  
ARG HH21 H N N 38  
ARG HH22 H N N 39  
ARG HXT  H N N 40  
ASN N    N N N 41  
ASN CA   C N S 42  
ASN C    C N N 43  
ASN O    O N N 44  
ASN CB   C N N 45  
ASN CG   C N N 46  
ASN OD1  O N N 47  
ASN ND2  N N N 48  
ASN OXT  O N N 49  
ASN H    H N N 50  
ASN H2   H N N 51  
ASN HA   H N N 52  
ASN HB2  H N N 53  
ASN HB3  H N N 54  
ASN HD21 H N N 55  
ASN HD22 H N N 56  
ASN HXT  H N N 57  
ASP N    N N N 58  
ASP CA   C N S 59  
ASP C    C N N 60  
ASP O    O N N 61  
ASP CB   C N N 62  
ASP CG   C N N 63  
ASP OD1  O N N 64  
ASP OD2  O N N 65  
ASP OXT  O N N 66  
ASP H    H N N 67  
ASP H2   H N N 68  
ASP HA   H N N 69  
ASP HB2  H N N 70  
ASP HB3  H N N 71  
ASP HD2  H N N 72  
ASP HXT  H N N 73  
GLU N    N N N 74  
GLU CA   C N S 75  
GLU C    C N N 76  
GLU O    O N N 77  
GLU CB   C N N 78  
GLU CG   C N N 79  
GLU CD   C N N 80  
GLU OE1  O N N 81  
GLU OE2  O N N 82  
GLU OXT  O N N 83  
GLU H    H N N 84  
GLU H2   H N N 85  
GLU HA   H N N 86  
GLU HB2  H N N 87  
GLU HB3  H N N 88  
GLU HG2  H N N 89  
GLU HG3  H N N 90  
GLU HE2  H N N 91  
GLU HXT  H N N 92  
GLY N    N N N 93  
GLY CA   C N N 94  
GLY C    C N N 95  
GLY O    O N N 96  
GLY OXT  O N N 97  
GLY H    H N N 98  
GLY H2   H N N 99  
GLY HA2  H N N 100 
GLY HA3  H N N 101 
GLY HXT  H N N 102 
ILE N    N N N 103 
ILE CA   C N S 104 
ILE C    C N N 105 
ILE O    O N N 106 
ILE CB   C N S 107 
ILE CG1  C N N 108 
ILE CG2  C N N 109 
ILE CD1  C N N 110 
ILE OXT  O N N 111 
ILE H    H N N 112 
ILE H2   H N N 113 
ILE HA   H N N 114 
ILE HB   H N N 115 
ILE HG12 H N N 116 
ILE HG13 H N N 117 
ILE HG21 H N N 118 
ILE HG22 H N N 119 
ILE HG23 H N N 120 
ILE HD11 H N N 121 
ILE HD12 H N N 122 
ILE HD13 H N N 123 
ILE HXT  H N N 124 
LEU N    N N N 125 
LEU CA   C N S 126 
LEU C    C N N 127 
LEU O    O N N 128 
LEU CB   C N N 129 
LEU CG   C N N 130 
LEU CD1  C N N 131 
LEU CD2  C N N 132 
LEU OXT  O N N 133 
LEU H    H N N 134 
LEU H2   H N N 135 
LEU HA   H N N 136 
LEU HB2  H N N 137 
LEU HB3  H N N 138 
LEU HG   H N N 139 
LEU HD11 H N N 140 
LEU HD12 H N N 141 
LEU HD13 H N N 142 
LEU HD21 H N N 143 
LEU HD22 H N N 144 
LEU HD23 H N N 145 
LEU HXT  H N N 146 
LYS N    N N N 147 
LYS CA   C N S 148 
LYS C    C N N 149 
LYS O    O N N 150 
LYS CB   C N N 151 
LYS CG   C N N 152 
LYS CD   C N N 153 
LYS CE   C N N 154 
LYS NZ   N N N 155 
LYS OXT  O N N 156 
LYS H    H N N 157 
LYS H2   H N N 158 
LYS HA   H N N 159 
LYS HB2  H N N 160 
LYS HB3  H N N 161 
LYS HG2  H N N 162 
LYS HG3  H N N 163 
LYS HD2  H N N 164 
LYS HD3  H N N 165 
LYS HE2  H N N 166 
LYS HE3  H N N 167 
LYS HZ1  H N N 168 
LYS HZ2  H N N 169 
LYS HZ3  H N N 170 
LYS HXT  H N N 171 
MET N    N N N 172 
MET CA   C N S 173 
MET C    C N N 174 
MET O    O N N 175 
MET CB   C N N 176 
MET CG   C N N 177 
MET SD   S N N 178 
MET CE   C N N 179 
MET OXT  O N N 180 
MET H    H N N 181 
MET H2   H N N 182 
MET HA   H N N 183 
MET HB2  H N N 184 
MET HB3  H N N 185 
MET HG2  H N N 186 
MET HG3  H N N 187 
MET HE1  H N N 188 
MET HE2  H N N 189 
MET HE3  H N N 190 
MET HXT  H N N 191 
PHE N    N N N 192 
PHE CA   C N S 193 
PHE C    C N N 194 
PHE O    O N N 195 
PHE CB   C N N 196 
PHE CG   C Y N 197 
PHE CD1  C Y N 198 
PHE CD2  C Y N 199 
PHE CE1  C Y N 200 
PHE CE2  C Y N 201 
PHE CZ   C Y N 202 
PHE OXT  O N N 203 
PHE H    H N N 204 
PHE H2   H N N 205 
PHE HA   H N N 206 
PHE HB2  H N N 207 
PHE HB3  H N N 208 
PHE HD1  H N N 209 
PHE HD2  H N N 210 
PHE HE1  H N N 211 
PHE HE2  H N N 212 
PHE HZ   H N N 213 
PHE HXT  H N N 214 
PRO N    N N N 215 
PRO CA   C N S 216 
PRO C    C N N 217 
PRO O    O N N 218 
PRO CB   C N N 219 
PRO CG   C N N 220 
PRO CD   C N N 221 
PRO OXT  O N N 222 
PRO H    H N N 223 
PRO HA   H N N 224 
PRO HB2  H N N 225 
PRO HB3  H N N 226 
PRO HG2  H N N 227 
PRO HG3  H N N 228 
PRO HD2  H N N 229 
PRO HD3  H N N 230 
PRO HXT  H N N 231 
SER N    N N N 232 
SER CA   C N S 233 
SER C    C N N 234 
SER O    O N N 235 
SER CB   C N N 236 
SER OG   O N N 237 
SER OXT  O N N 238 
SER H    H N N 239 
SER H2   H N N 240 
SER HA   H N N 241 
SER HB2  H N N 242 
SER HB3  H N N 243 
SER HG   H N N 244 
SER HXT  H N N 245 
THR N    N N N 246 
THR CA   C N S 247 
THR C    C N N 248 
THR O    O N N 249 
THR CB   C N R 250 
THR OG1  O N N 251 
THR CG2  C N N 252 
THR OXT  O N N 253 
THR H    H N N 254 
THR H2   H N N 255 
THR HA   H N N 256 
THR HB   H N N 257 
THR HG1  H N N 258 
THR HG21 H N N 259 
THR HG22 H N N 260 
THR HG23 H N N 261 
THR HXT  H N N 262 
TYR N    N N N 263 
TYR CA   C N S 264 
TYR C    C N N 265 
TYR O    O N N 266 
TYR CB   C N N 267 
TYR CG   C Y N 268 
TYR CD1  C Y N 269 
TYR CD2  C Y N 270 
TYR CE1  C Y N 271 
TYR CE2  C Y N 272 
TYR CZ   C Y N 273 
TYR OH   O N N 274 
TYR OXT  O N N 275 
TYR H    H N N 276 
TYR H2   H N N 277 
TYR HA   H N N 278 
TYR HB2  H N N 279 
TYR HB3  H N N 280 
TYR HD1  H N N 281 
TYR HD2  H N N 282 
TYR HE1  H N N 283 
TYR HE2  H N N 284 
TYR HH   H N N 285 
TYR HXT  H N N 286 
VAL N    N N N 287 
VAL CA   C N S 288 
VAL C    C N N 289 
VAL O    O N N 290 
VAL CB   C N N 291 
VAL CG1  C N N 292 
VAL CG2  C N N 293 
VAL OXT  O N N 294 
VAL H    H N N 295 
VAL H2   H N N 296 
VAL HA   H N N 297 
VAL HB   H N N 298 
VAL HG11 H N N 299 
VAL HG12 H N N 300 
VAL HG13 H N N 301 
VAL HG21 H N N 302 
VAL HG22 H N N 303 
VAL HG23 H N N 304 
VAL HXT  H N N 305 
# 
loop_
_chem_comp_bond.comp_id 
_chem_comp_bond.atom_id_1 
_chem_comp_bond.atom_id_2 
_chem_comp_bond.value_order 
_chem_comp_bond.pdbx_aromatic_flag 
_chem_comp_bond.pdbx_stereo_config 
_chem_comp_bond.pdbx_ordinal 
ALA N   CA   sing N N 1   
ALA N   H    sing N N 2   
ALA N   H2   sing N N 3   
ALA CA  C    sing N N 4   
ALA CA  CB   sing N N 5   
ALA CA  HA   sing N N 6   
ALA C   O    doub N N 7   
ALA C   OXT  sing N N 8   
ALA CB  HB1  sing N N 9   
ALA CB  HB2  sing N N 10  
ALA CB  HB3  sing N N 11  
ALA OXT HXT  sing N N 12  
ARG N   CA   sing N N 13  
ARG N   H    sing N N 14  
ARG N   H2   sing N N 15  
ARG CA  C    sing N N 16  
ARG CA  CB   sing N N 17  
ARG CA  HA   sing N N 18  
ARG C   O    doub N N 19  
ARG C   OXT  sing N N 20  
ARG CB  CG   sing N N 21  
ARG CB  HB2  sing N N 22  
ARG CB  HB3  sing N N 23  
ARG CG  CD   sing N N 24  
ARG CG  HG2  sing N N 25  
ARG CG  HG3  sing N N 26  
ARG CD  NE   sing N N 27  
ARG CD  HD2  sing N N 28  
ARG CD  HD3  sing N N 29  
ARG NE  CZ   sing N N 30  
ARG NE  HE   sing N N 31  
ARG CZ  NH1  sing N N 32  
ARG CZ  NH2  doub N N 33  
ARG NH1 HH11 sing N N 34  
ARG NH1 HH12 sing N N 35  
ARG NH2 HH21 sing N N 36  
ARG NH2 HH22 sing N N 37  
ARG OXT HXT  sing N N 38  
ASN N   CA   sing N N 39  
ASN N   H    sing N N 40  
ASN N   H2   sing N N 41  
ASN CA  C    sing N N 42  
ASN CA  CB   sing N N 43  
ASN CA  HA   sing N N 44  
ASN C   O    doub N N 45  
ASN C   OXT  sing N N 46  
ASN CB  CG   sing N N 47  
ASN CB  HB2  sing N N 48  
ASN CB  HB3  sing N N 49  
ASN CG  OD1  doub N N 50  
ASN CG  ND2  sing N N 51  
ASN ND2 HD21 sing N N 52  
ASN ND2 HD22 sing N N 53  
ASN OXT HXT  sing N N 54  
ASP N   CA   sing N N 55  
ASP N   H    sing N N 56  
ASP N   H2   sing N N 57  
ASP CA  C    sing N N 58  
ASP CA  CB   sing N N 59  
ASP CA  HA   sing N N 60  
ASP C   O    doub N N 61  
ASP C   OXT  sing N N 62  
ASP CB  CG   sing N N 63  
ASP CB  HB2  sing N N 64  
ASP CB  HB3  sing N N 65  
ASP CG  OD1  doub N N 66  
ASP CG  OD2  sing N N 67  
ASP OD2 HD2  sing N N 68  
ASP OXT HXT  sing N N 69  
GLU N   CA   sing N N 70  
GLU N   H    sing N N 71  
GLU N   H2   sing N N 72  
GLU CA  C    sing N N 73  
GLU CA  CB   sing N N 74  
GLU CA  HA   sing N N 75  
GLU C   O    doub N N 76  
GLU C   OXT  sing N N 77  
GLU CB  CG   sing N N 78  
GLU CB  HB2  sing N N 79  
GLU CB  HB3  sing N N 80  
GLU CG  CD   sing N N 81  
GLU CG  HG2  sing N N 82  
GLU CG  HG3  sing N N 83  
GLU CD  OE1  doub N N 84  
GLU CD  OE2  sing N N 85  
GLU OE2 HE2  sing N N 86  
GLU OXT HXT  sing N N 87  
GLY N   CA   sing N N 88  
GLY N   H    sing N N 89  
GLY N   H2   sing N N 90  
GLY CA  C    sing N N 91  
GLY CA  HA2  sing N N 92  
GLY CA  HA3  sing N N 93  
GLY C   O    doub N N 94  
GLY C   OXT  sing N N 95  
GLY OXT HXT  sing N N 96  
ILE N   CA   sing N N 97  
ILE N   H    sing N N 98  
ILE N   H2   sing N N 99  
ILE CA  C    sing N N 100 
ILE CA  CB   sing N N 101 
ILE CA  HA   sing N N 102 
ILE C   O    doub N N 103 
ILE C   OXT  sing N N 104 
ILE CB  CG1  sing N N 105 
ILE CB  CG2  sing N N 106 
ILE CB  HB   sing N N 107 
ILE CG1 CD1  sing N N 108 
ILE CG1 HG12 sing N N 109 
ILE CG1 HG13 sing N N 110 
ILE CG2 HG21 sing N N 111 
ILE CG2 HG22 sing N N 112 
ILE CG2 HG23 sing N N 113 
ILE CD1 HD11 sing N N 114 
ILE CD1 HD12 sing N N 115 
ILE CD1 HD13 sing N N 116 
ILE OXT HXT  sing N N 117 
LEU N   CA   sing N N 118 
LEU N   H    sing N N 119 
LEU N   H2   sing N N 120 
LEU CA  C    sing N N 121 
LEU CA  CB   sing N N 122 
LEU CA  HA   sing N N 123 
LEU C   O    doub N N 124 
LEU C   OXT  sing N N 125 
LEU CB  CG   sing N N 126 
LEU CB  HB2  sing N N 127 
LEU CB  HB3  sing N N 128 
LEU CG  CD1  sing N N 129 
LEU CG  CD2  sing N N 130 
LEU CG  HG   sing N N 131 
LEU CD1 HD11 sing N N 132 
LEU CD1 HD12 sing N N 133 
LEU CD1 HD13 sing N N 134 
LEU CD2 HD21 sing N N 135 
LEU CD2 HD22 sing N N 136 
LEU CD2 HD23 sing N N 137 
LEU OXT HXT  sing N N 138 
LYS N   CA   sing N N 139 
LYS N   H    sing N N 140 
LYS N   H2   sing N N 141 
LYS CA  C    sing N N 142 
LYS CA  CB   sing N N 143 
LYS CA  HA   sing N N 144 
LYS C   O    doub N N 145 
LYS C   OXT  sing N N 146 
LYS CB  CG   sing N N 147 
LYS CB  HB2  sing N N 148 
LYS CB  HB3  sing N N 149 
LYS CG  CD   sing N N 150 
LYS CG  HG2  sing N N 151 
LYS CG  HG3  sing N N 152 
LYS CD  CE   sing N N 153 
LYS CD  HD2  sing N N 154 
LYS CD  HD3  sing N N 155 
LYS CE  NZ   sing N N 156 
LYS CE  HE2  sing N N 157 
LYS CE  HE3  sing N N 158 
LYS NZ  HZ1  sing N N 159 
LYS NZ  HZ2  sing N N 160 
LYS NZ  HZ3  sing N N 161 
LYS OXT HXT  sing N N 162 
MET N   CA   sing N N 163 
MET N   H    sing N N 164 
MET N   H2   sing N N 165 
MET CA  C    sing N N 166 
MET CA  CB   sing N N 167 
MET CA  HA   sing N N 168 
MET C   O    doub N N 169 
MET C   OXT  sing N N 170 
MET CB  CG   sing N N 171 
MET CB  HB2  sing N N 172 
MET CB  HB3  sing N N 173 
MET CG  SD   sing N N 174 
MET CG  HG2  sing N N 175 
MET CG  HG3  sing N N 176 
MET SD  CE   sing N N 177 
MET CE  HE1  sing N N 178 
MET CE  HE2  sing N N 179 
MET CE  HE3  sing N N 180 
MET OXT HXT  sing N N 181 
PHE N   CA   sing N N 182 
PHE N   H    sing N N 183 
PHE N   H2   sing N N 184 
PHE CA  C    sing N N 185 
PHE CA  CB   sing N N 186 
PHE CA  HA   sing N N 187 
PHE C   O    doub N N 188 
PHE C   OXT  sing N N 189 
PHE CB  CG   sing N N 190 
PHE CB  HB2  sing N N 191 
PHE CB  HB3  sing N N 192 
PHE CG  CD1  doub Y N 193 
PHE CG  CD2  sing Y N 194 
PHE CD1 CE1  sing Y N 195 
PHE CD1 HD1  sing N N 196 
PHE CD2 CE2  doub Y N 197 
PHE CD2 HD2  sing N N 198 
PHE CE1 CZ   doub Y N 199 
PHE CE1 HE1  sing N N 200 
PHE CE2 CZ   sing Y N 201 
PHE CE2 HE2  sing N N 202 
PHE CZ  HZ   sing N N 203 
PHE OXT HXT  sing N N 204 
PRO N   CA   sing N N 205 
PRO N   CD   sing N N 206 
PRO N   H    sing N N 207 
PRO CA  C    sing N N 208 
PRO CA  CB   sing N N 209 
PRO CA  HA   sing N N 210 
PRO C   O    doub N N 211 
PRO C   OXT  sing N N 212 
PRO CB  CG   sing N N 213 
PRO CB  HB2  sing N N 214 
PRO CB  HB3  sing N N 215 
PRO CG  CD   sing N N 216 
PRO CG  HG2  sing N N 217 
PRO CG  HG3  sing N N 218 
PRO CD  HD2  sing N N 219 
PRO CD  HD3  sing N N 220 
PRO OXT HXT  sing N N 221 
SER N   CA   sing N N 222 
SER N   H    sing N N 223 
SER N   H2   sing N N 224 
SER CA  C    sing N N 225 
SER CA  CB   sing N N 226 
SER CA  HA   sing N N 227 
SER C   O    doub N N 228 
SER C   OXT  sing N N 229 
SER CB  OG   sing N N 230 
SER CB  HB2  sing N N 231 
SER CB  HB3  sing N N 232 
SER OG  HG   sing N N 233 
SER OXT HXT  sing N N 234 
THR N   CA   sing N N 235 
THR N   H    sing N N 236 
THR N   H2   sing N N 237 
THR CA  C    sing N N 238 
THR CA  CB   sing N N 239 
THR CA  HA   sing N N 240 
THR C   O    doub N N 241 
THR C   OXT  sing N N 242 
THR CB  OG1  sing N N 243 
THR CB  CG2  sing N N 244 
THR CB  HB   sing N N 245 
THR OG1 HG1  sing N N 246 
THR CG2 HG21 sing N N 247 
THR CG2 HG22 sing N N 248 
THR CG2 HG23 sing N N 249 
THR OXT HXT  sing N N 250 
TYR N   CA   sing N N 251 
TYR N   H    sing N N 252 
TYR N   H2   sing N N 253 
TYR CA  C    sing N N 254 
TYR CA  CB   sing N N 255 
TYR CA  HA   sing N N 256 
TYR C   O    doub N N 257 
TYR C   OXT  sing N N 258 
TYR CB  CG   sing N N 259 
TYR CB  HB2  sing N N 260 
TYR CB  HB3  sing N N 261 
TYR CG  CD1  doub Y N 262 
TYR CG  CD2  sing Y N 263 
TYR CD1 CE1  sing Y N 264 
TYR CD1 HD1  sing N N 265 
TYR CD2 CE2  doub Y N 266 
TYR CD2 HD2  sing N N 267 
TYR CE1 CZ   doub Y N 268 
TYR CE1 HE1  sing N N 269 
TYR CE2 CZ   sing Y N 270 
TYR CE2 HE2  sing N N 271 
TYR CZ  OH   sing N N 272 
TYR OH  HH   sing N N 273 
TYR OXT HXT  sing N N 274 
VAL N   CA   sing N N 275 
VAL N   H    sing N N 276 
VAL N   H2   sing N N 277 
VAL CA  C    sing N N 278 
VAL CA  CB   sing N N 279 
VAL CA  HA   sing N N 280 
VAL C   O    doub N N 281 
VAL C   OXT  sing N N 282 
VAL CB  CG1  sing N N 283 
VAL CB  CG2  sing N N 284 
VAL CB  HB   sing N N 285 
VAL CG1 HG11 sing N N 286 
VAL CG1 HG12 sing N N 287 
VAL CG1 HG13 sing N N 288 
VAL CG2 HG21 sing N N 289 
VAL CG2 HG22 sing N N 290 
VAL CG2 HG23 sing N N 291 
VAL OXT HXT  sing N N 292 
# 
_pdbx_audit_support.funding_organization   'Howard Hughes Medical Institute (HHMI)' 
_pdbx_audit_support.country                'United States' 
_pdbx_audit_support.grant_number           ? 
_pdbx_audit_support.ordinal                1 
# 
_pdbx_initial_refinement_model.accession_code   ? 
_pdbx_initial_refinement_model.id               1 
_pdbx_initial_refinement_model.entity_id_list   ? 
_pdbx_initial_refinement_model.type             'in silico model' 
_pdbx_initial_refinement_model.source_name      Other 
_pdbx_initial_refinement_model.details          'Design model' 
# 
_space_group.name_H-M_alt     'P 42' 
_space_group.name_Hall        'P 4c' 
_space_group.IT_number        77 
_space_group.crystal_system   tetragonal 
_space_group.id               1 
# 
_atom_sites.entry_id                    8D05 
_atom_sites.Cartn_transf_matrix[1][1]   ? 
_atom_sites.Cartn_transf_matrix[1][2]   ? 
_atom_sites.Cartn_transf_matrix[1][3]   ? 
_atom_sites.Cartn_transf_matrix[2][1]   ? 
_atom_sites.Cartn_transf_matrix[2][2]   ? 
_atom_sites.Cartn_transf_matrix[2][3]   ? 
_atom_sites.Cartn_transf_matrix[3][1]   ? 
_atom_sites.Cartn_transf_matrix[3][2]   ? 
_atom_sites.Cartn_transf_matrix[3][3]   ? 
_atom_sites.Cartn_transf_vector[1]      ? 
_atom_sites.Cartn_transf_vector[2]      ? 
_atom_sites.Cartn_transf_vector[3]      ? 
_atom_sites.fract_transf_matrix[1][1]   -0.00632435 
_atom_sites.fract_transf_matrix[1][2]   0.00590889 
_atom_sites.fract_transf_matrix[1][3]   0.01794696 
_atom_sites.fract_transf_matrix[2][1]   0.01597418 
_atom_sites.fract_transf_matrix[2][2]   0.01177991 
_atom_sites.fract_transf_matrix[2][3]   0.00175072 
_atom_sites.fract_transf_matrix[3][1]   -0.02290531 
_atom_sites.fract_transf_matrix[3][2]   0.03392016 
_atom_sites.fract_transf_matrix[3][3]   -0.01923956 
_atom_sites.fract_transf_vector[1]      0.444882 
_atom_sites.fract_transf_vector[2]      0.150109 
_atom_sites.fract_transf_vector[3]      -0.164430 
_atom_sites.solution_primary            ? 
_atom_sites.solution_secondary          ? 
_atom_sites.solution_hydrogens          ? 
_atom_sites.special_details             ? 
# 
loop_
_atom_type.symbol 
_atom_type.scat_dispersion_real 
_atom_type.scat_dispersion_imag 
_atom_type.scat_Cromer_Mann_a1 
_atom_type.scat_Cromer_Mann_a2 
_atom_type.scat_Cromer_Mann_a3 
_atom_type.scat_Cromer_Mann_a4 
_atom_type.scat_Cromer_Mann_b1 
_atom_type.scat_Cromer_Mann_b2 
_atom_type.scat_Cromer_Mann_b3 
_atom_type.scat_Cromer_Mann_b4 
_atom_type.scat_Cromer_Mann_c 
_atom_type.scat_source 
_atom_type.scat_dispersion_source 
C ? ? 3.54356 2.42580 ? ? 25.62398 1.50364 ? ? 0.0 
;2-Gaussian fit: Grosse-Kunstleve RW, Sauter NK, Adams PD: Newsletter of the IUCr Commission on Crystallographic Computing 2004, 3, 22-31.
;
? 
N ? ? 4.01032 2.96436 ? ? 19.97189 1.75589 ? ? 0.0 
;2-Gaussian fit: Grosse-Kunstleve RW, Sauter NK, Adams PD: Newsletter of the IUCr Commission on Crystallographic Computing 2004, 3, 22-31.
;
? 
O ? ? 4.49882 3.47563 ? ? 15.80542 1.70748 ? ? 0.0 
;2-Gaussian fit: Grosse-Kunstleve RW, Sauter NK, Adams PD: Newsletter of the IUCr Commission on Crystallographic Computing 2004, 3, 22-31.
;
? 
# 
loop_
_atom_site.group_PDB 
_atom_site.id 
_atom_site.type_symbol 
_atom_site.label_atom_id 
_atom_site.label_alt_id 
_atom_site.label_comp_id 
_atom_site.label_asym_id 
_atom_site.label_entity_id 
_atom_site.label_seq_id 
_atom_site.pdbx_PDB_ins_code 
_atom_site.Cartn_x 
_atom_site.Cartn_y 
_atom_site.Cartn_z 
_atom_site.occupancy 
_atom_site.B_iso_or_equiv 
_atom_site.pdbx_formal_charge 
_atom_site.auth_seq_id 
_atom_site.auth_comp_id 
_atom_site.auth_asym_id 
_atom_site.auth_atom_id 
_atom_site.pdbx_PDB_model_num 
ATOM 1   N N   . PRO A 1 9  ? -1.85863  -13.90142 -7.08432  1.000 90.78810  ? 9  PRO A N   1 
ATOM 2   C CA  . PRO A 1 9  ? -1.04082  -12.74845 -6.68762  1.000 72.59118  ? 9  PRO A CA  1 
ATOM 3   C C   . PRO A 1 9  ? -1.33267  -11.50993 -7.53223  1.000 79.42358  ? 9  PRO A C   1 
ATOM 4   O O   . PRO A 1 9  ? -0.79853  -11.37085 -8.63329  1.000 91.53030  ? 9  PRO A O   1 
ATOM 5   C CB  . PRO A 1 9  ? 0.39108   -13.24171 -6.91151  1.000 67.39319  ? 9  PRO A CB  1 
ATOM 6   C CG  . PRO A 1 9  ? 0.26507   -14.29394 -7.96152  1.000 92.54884  ? 9  PRO A CG  1 
ATOM 7   C CD  . PRO A 1 9  ? -1.05535  -14.96379 -7.71399  1.000 80.61846  ? 9  PRO A CD  1 
ATOM 8   N N   . ILE A 1 10 ? -2.16962  -10.61910 -7.01223  1.000 76.01671  ? 10 ILE A N   1 
ATOM 9   C CA  . ILE A 1 10 ? -2.58569  -9.42308  -7.73448  1.000 69.22379  ? 10 ILE A CA  1 
ATOM 10  C C   . ILE A 1 10 ? -1.59180  -8.30338  -7.45800  1.000 70.52132  ? 10 ILE A C   1 
ATOM 11  O O   . ILE A 1 10 ? -1.17156  -8.09230  -6.31390  1.000 67.96311  ? 10 ILE A O   1 
ATOM 12  C CB  . ILE A 1 10 ? -4.01934  -9.01484  -7.34335  1.000 70.42657  ? 10 ILE A CB  1 
ATOM 13  C CG1 . ILE A 1 10 ? -4.99449  -10.17513 -7.56324  1.000 67.07880  ? 10 ILE A CG1 1 
ATOM 14  C CG2 . ILE A 1 10 ? -4.47084  -7.81200  -8.15247  1.000 74.21386  ? 10 ILE A CG2 1 
ATOM 15  C CD1 . ILE A 1 10 ? -5.28388  -10.99084 -6.31755  1.000 73.71117  ? 10 ILE A CD1 1 
ATOM 16  N N   . VAL A 1 11 ? -1.21519  -7.58213  -8.51090  1.000 75.48926  ? 11 VAL A N   1 
ATOM 17  C CA  . VAL A 1 11 ? -0.22906  -6.51076  -8.44215  1.000 73.72589  ? 11 VAL A CA  1 
ATOM 18  C C   . VAL A 1 11 ? -0.86948  -5.22993  -8.96158  1.000 70.44918  ? 11 VAL A C   1 
ATOM 19  O O   . VAL A 1 11 ? -1.49826  -5.23416  -10.02627 1.000 79.65028  ? 11 VAL A O   1 
ATOM 20  C CB  . VAL A 1 11 ? 1.03634   -6.86104  -9.24794  1.000 63.85891  ? 11 VAL A CB  1 
ATOM 21  C CG1 . VAL A 1 11 ? 1.79562   -5.60195  -9.63609  1.000 74.12593  ? 11 VAL A CG1 1 
ATOM 22  C CG2 . VAL A 1 11 ? 1.92804   -7.80177  -8.44898  1.000 59.72684  ? 11 VAL A CG2 1 
ATOM 23  N N   . ILE A 1 12 ? -0.71206  -4.14050  -8.21025  1.000 69.87397  ? 12 ILE A N   1 
ATOM 24  C CA  . ILE A 1 12 ? -1.28543  -2.84539  -8.56092  1.000 72.58746  ? 12 ILE A CA  1 
ATOM 25  C C   . ILE A 1 12 ? -0.18574  -1.79383  -8.51894  1.000 71.92422  ? 12 ILE A C   1 
ATOM 26  O O   . ILE A 1 12 ? 0.51771   -1.66595  -7.51085  1.000 65.52082  ? 12 ILE A O   1 
ATOM 27  C CB  . ILE A 1 12 ? -2.43711  -2.44818  -7.61732  1.000 71.21361  ? 12 ILE A CB  1 
ATOM 28  C CG1 . ILE A 1 12 ? -3.64979  -3.35619  -7.82182  1.000 71.82684  ? 12 ILE A CG1 1 
ATOM 29  C CG2 . ILE A 1 12 ? -2.82220  -0.98990  -7.82446  1.000 76.30896  ? 12 ILE A CG2 1 
ATOM 30  C CD1 . ILE A 1 12 ? -3.68012  -4.54224  -6.89366  1.000 78.71977  ? 12 ILE A CD1 1 
ATOM 31  N N   . ASP A 1 13 ? -0.04106  -1.04509  -9.60924  1.000 76.04580  ? 13 ASP A N   1 
ATOM 32  C CA  . ASP A 1 13 ? 0.83372   0.11934   -9.60587  1.000 78.03288  ? 13 ASP A CA  1 
ATOM 33  C C   . ASP A 1 13 ? 0.17360   1.26698   -8.85288  1.000 90.50017  ? 13 ASP A C   1 
ATOM 34  O O   . ASP A 1 13 ? -1.01685  1.54447   -9.02911  1.000 79.97785  ? 13 ASP A O   1 
ATOM 35  C CB  . ASP A 1 13 ? 1.15975   0.55211   -11.03452 1.000 93.06627  ? 13 ASP A CB  1 
ATOM 36  C CG  . ASP A 1 13 ? 2.16123   -0.36281  -11.71068 1.000 99.36965  ? 13 ASP A CG  1 
ATOM 37  O OD1 . ASP A 1 13 ? 2.70623   -1.25579  -11.02838 1.000 88.44729  ? 13 ASP A OD1 1 
ATOM 38  O OD2 . ASP A 1 13 ? 2.40267   -0.18737  -12.92342 1.000 101.76204 ? 13 ASP A OD2 1 
ATOM 39  N N   . LEU A 1 14 ? 0.95385   1.93705   -8.00513  1.000 80.79104  ? 14 LEU A N   1 
ATOM 40  C CA  . LEU A 1 14 ? 0.45948   3.06281   -7.21767  1.000 81.23056  ? 14 LEU A CA  1 
ATOM 41  C C   . LEU A 1 14 ? 1.01114   4.37728   -7.75708  1.000 82.83865  ? 14 LEU A C   1 
ATOM 42  O O   . LEU A 1 14 ? 0.25099   5.18976   -8.28990  1.000 90.31850  ? 14 LEU A O   1 
ATOM 43  C CB  . LEU A 1 14 ? 0.80979   2.87274   -5.74077  1.000 72.37161  ? 14 LEU A CB  1 
ATOM 44  C CG  . LEU A 1 14 ? 0.22619   1.61455   -5.09460  1.000 65.64448  ? 14 LEU A CG  1 
ATOM 45  C CD1 . LEU A 1 14 ? 0.51467   1.58192   -3.60027  1.000 63.62056  ? 14 LEU A CD1 1 
ATOM 46  C CD2 . LEU A 1 14 ? -1.26837  1.51916   -5.35946  1.000 68.62642  ? 14 LEU A CD2 1 
ATOM 47  N N   . ASN A 1 15 ? 2.31918   4.61060   -7.62880  1.000 81.34284  ? 15 ASN A N   1 
ATOM 48  C CA  . ASN A 1 15 ? 2.97605   5.80161   -8.17269  1.000 81.44812  ? 15 ASN A CA  1 
ATOM 49  C C   . ASN A 1 15 ? 2.36804   7.08305   -7.60080  1.000 82.21926  ? 15 ASN A C   1 
ATOM 50  O O   . ASN A 1 15 ? 2.07090   8.03818   -8.32289  1.000 78.03455  ? 15 ASN A O   1 
ATOM 51  C CB  . ASN A 1 15 ? 2.92978   5.80025   -9.70267  1.000 83.73260  ? 15 ASN A CB  1 
ATOM 52  C CG  . ASN A 1 15 ? 3.48031   4.51926   -10.29937 1.000 92.22836  ? 15 ASN A CG  1 
ATOM 53  O OD1 . ASN A 1 15 ? 4.36583   3.88579   -9.72474  1.000 94.42862  ? 15 ASN A OD1 1 
ATOM 54  N ND2 . ASN A 1 15 ? 2.95655   4.12894   -11.45532 1.000 96.11040  ? 15 ASN A ND2 1 
ATOM 55  N N   . LYS A 1 16 ? 2.18394   7.09349   -6.28366  1.000 84.80466  ? 16 LYS A N   1 
ATOM 56  C CA  . LYS A 1 16 ? 1.67591   8.25346   -5.56777  1.000 71.33199  ? 16 LYS A CA  1 
ATOM 57  C C   . LYS A 1 16 ? 2.49330   8.43329   -4.29801  1.000 65.03913  ? 16 LYS A C   1 
ATOM 58  O O   . LYS A 1 16 ? 2.96834   7.46103   -3.70749  1.000 86.01533  ? 16 LYS A O   1 
ATOM 59  C CB  . LYS A 1 16 ? 0.18623   8.10575   -5.22757  1.000 69.92656  ? 16 LYS A CB  1 
ATOM 60  C CG  . LYS A 1 16 ? -0.47905  9.39261   -4.77309  1.000 90.59746  ? 16 LYS A CG  1 
ATOM 61  C CD  . LYS A 1 16 ? -0.66459  10.35312  -5.93612  1.000 81.57532  ? 16 LYS A CD  1 
ATOM 62  C CE  . LYS A 1 16 ? -0.98196  11.75520  -5.44818  1.000 80.37255  ? 16 LYS A CE  1 
ATOM 63  N NZ  . LYS A 1 16 ? 0.17156   12.35592  -4.71819  1.000 74.25866  ? 16 LYS A NZ  1 
ATOM 64  N N   . THR A 1 17 ? 2.66501   9.68422   -3.88789  1.000 56.34985  ? 17 THR A N   1 
ATOM 65  C CA  . THR A 1 17 ? 3.47472   9.99986   -2.72217  1.000 67.61699  ? 17 THR A CA  1 
ATOM 66  C C   . THR A 1 17 ? 2.60227   10.53403  -1.59438  1.000 65.28513  ? 17 THR A C   1 
ATOM 67  O O   . THR A 1 17 ? 1.51451   11.07299  -1.81501  1.000 67.94598  ? 17 THR A O   1 
ATOM 68  C CB  . THR A 1 17 ? 4.56102   11.02599  -3.05950  1.000 69.19349  ? 17 THR A CB  1 
ATOM 69  O OG1 . THR A 1 17 ? 3.95752   12.30675  -3.27730  1.000 88.45107  ? 17 THR A OG1 1 
ATOM 70  C CG2 . THR A 1 17 ? 5.31855   10.60331  -4.30994  1.000 75.80218  ? 17 THR A CG2 1 
ATOM 71  N N   . ILE A 1 18 ? 3.10394   10.37070  -0.37051  1.000 81.94152  ? 18 ILE A N   1 
ATOM 72  C CA  . ILE A 1 18 ? 2.42831   10.83973  0.83356   1.000 76.00660  ? 18 ILE A CA  1 
ATOM 73  C C   . ILE A 1 18 ? 3.47436   11.47396  1.73892   1.000 70.30329  ? 18 ILE A C   1 
ATOM 74  O O   . ILE A 1 18 ? 4.39533   10.79094  2.19802   1.000 58.04655  ? 18 ILE A O   1 
ATOM 75  C CB  . ILE A 1 18 ? 1.69726   9.70521   1.57251   1.000 70.62701  ? 18 ILE A CB  1 
ATOM 76  C CG1 . ILE A 1 18 ? 0.55482   9.16246   0.71522   1.000 74.15901  ? 18 ILE A CG1 1 
ATOM 77  C CG2 . ILE A 1 18 ? 1.18203   10.19266  2.91910   1.000 76.23294  ? 18 ILE A CG2 1 
ATOM 78  C CD1 . ILE A 1 18 ? 0.16190   7.74912   1.05110   1.000 68.19514  ? 18 ILE A CD1 1 
ATOM 79  N N   . GLU A 1 19 ? 3.33264   12.77315  1.99841   1.000 74.32364  ? 19 GLU A N   1 
ATOM 80  C CA  . GLU A 1 19 ? 4.27408   13.48215  2.85455   1.000 79.19265  ? 19 GLU A CA  1 
ATOM 81  C C   . GLU A 1 19 ? 3.64708   13.75676  4.21745   1.000 78.40308  ? 19 GLU A C   1 
ATOM 82  O O   . GLU A 1 19 ? 3.52512   14.91418  4.63602   1.000 91.87049  ? 19 GLU A O   1 
ATOM 83  C CB  . GLU A 1 19 ? 4.72606   14.78122  2.17855   1.000 92.03893  ? 19 GLU A CB  1 
ATOM 84  C CG  . GLU A 1 19 ? 5.36076   14.55982  0.80862   1.000 91.45201  ? 19 GLU A CG  1 
ATOM 85  C CD  . GLU A 1 19 ? 5.19625   15.74304  -0.12061  1.000 108.43037 ? 19 GLU A CD  1 
ATOM 86  O OE1 . GLU A 1 19 ? 5.00947   16.86968  0.37965   1.000 105.73267 ? 19 GLU A OE1 1 
ATOM 87  O OE2 . GLU A 1 19 ? 5.24239   15.54021  -1.35414  1.000 102.61388 ? 19 GLU A OE2 1 
ATOM 88  N N   . ARG A 1 20 ? 3.25045   12.69461  4.91151   1.000 76.71729  ? 20 ARG A N   1 
ATOM 89  C CA  . ARG A 1 20 ? 2.55348   12.82032  6.18447   1.000 71.37717  ? 20 ARG A CA  1 
ATOM 90  C C   . ARG A 1 20 ? 3.55904   13.01492  7.31024   1.000 65.33698  ? 20 ARG A C   1 
ATOM 91  O O   . ARG A 1 20 ? 4.47594   12.20128  7.47789   1.000 68.91635  ? 20 ARG A O   1 
ATOM 92  C CB  . ARG A 1 20 ? 1.69391   11.58471  6.44190   1.000 75.08551  ? 20 ARG A CB  1 
ATOM 93  C CG  . ARG A 1 20 ? 0.77097   11.70733  7.63522   1.000 77.82795  ? 20 ARG A CG  1 
ATOM 94  C CD  . ARG A 1 20 ? -0.41828  12.61589  7.33380   1.000 92.16914  ? 20 ARG A CD  1 
ATOM 95  N NE  . ARG A 1 20 ? -1.32273  12.73309  8.47436   1.000 99.48054  ? 20 ARG A NE  1 
ATOM 96  C CZ  . ARG A 1 20 ? -2.28381  11.86456  8.75948   1.000 98.16986  ? 20 ARG A CZ  1 
ATOM 97  N NH1 . ARG A 1 20 ? -2.49316  10.79454  8.01013   1.000 91.57433  ? 20 ARG A NH1 1 
ATOM 98  N NH2 . ARG A 1 20 ? -3.05176  12.07320  9.82584   1.000 92.38232  ? 20 ARG A NH2 1 
ATOM 99  N N   . ASP A 1 21 ? 3.39108   14.09749  8.07250   1.000 71.65641  ? 21 ASP A N   1 
ATOM 100 C CA  . ASP A 1 21 ? 4.22846   14.39643  9.23460   1.000 68.75607  ? 21 ASP A CA  1 
ATOM 101 C C   . ASP A 1 21 ? 5.70657   14.48394  8.87018   1.000 64.71348  ? 21 ASP A C   1 
ATOM 102 O O   . ASP A 1 21 ? 6.57662   14.14037  9.67361   1.000 63.13434  ? 21 ASP A O   1 
ATOM 103 C CB  . ASP A 1 21 ? 4.01573   13.36893  10.35164  1.000 78.49934  ? 21 ASP A CB  1 
ATOM 104 C CG  . ASP A 1 21 ? 2.81645   13.69560  11.22512  1.000 67.92176  ? 21 ASP A CG  1 
ATOM 105 O OD1 . ASP A 1 21 ? 2.64356   14.87815  11.58640  1.000 65.68464  ? 21 ASP A OD1 1 
ATOM 106 O OD2 . ASP A 1 21 ? 2.04836   12.76729  11.55122  1.000 71.90118  ? 21 ASP A OD2 1 
ATOM 107 N N   . GLY A 1 22 ? 6.00663   14.94210  7.65604   1.000 72.27249  ? 22 GLY A N   1 
ATOM 108 C CA  . GLY A 1 22 ? 7.38050   15.13911  7.24442   1.000 68.81418  ? 22 GLY A CA  1 
ATOM 109 C C   . GLY A 1 22 ? 8.09619   13.90757  6.74285   1.000 67.16924  ? 22 GLY A C   1 
ATOM 110 O O   . GLY A 1 22 ? 9.32078   13.94899  6.58967   1.000 79.92604  ? 22 GLY A O   1 
ATOM 111 N N   . ARG A 1 23 ? 7.38438   12.81262  6.47980   1.000 67.96736  ? 23 ARG A N   1 
ATOM 112 C CA  . ARG A 1 23 ? 7.98223   11.58215  5.96526   1.000 67.49888  ? 23 ARG A CA  1 
ATOM 113 C C   . ARG A 1 23 ? 7.60088   11.41667  4.50015   1.000 69.55702  ? 23 ARG A C   1 
ATOM 114 O O   . ARG A 1 23 ? 6.42429   11.21819  4.17798   1.000 79.76877  ? 23 ARG A O   1 
ATOM 115 C CB  . ARG A 1 23 ? 7.53238   10.36723  6.77304   1.000 72.03890  ? 23 ARG A CB  1 
ATOM 116 C CG  . ARG A 1 23 ? 8.21354   10.20247  8.12162   1.000 82.17432  ? 23 ARG A CG  1 
ATOM 117 C CD  . ARG A 1 23 ? 7.20679   10.31034  9.25700   1.000 78.49757  ? 23 ARG A CD  1 
ATOM 118 N NE  . ARG A 1 23 ? 5.95633   9.62434   8.95058   1.000 74.41024  ? 23 ARG A NE  1 
ATOM 119 C CZ  . ARG A 1 23 ? 4.93956   9.50144   9.79429   1.000 76.48680  ? 23 ARG A CZ  1 
ATOM 120 N NH1 . ARG A 1 23 ? 5.00252   9.97761   11.02731  1.000 79.15291  ? 23 ARG A NH1 1 
ATOM 121 N NH2 . ARG A 1 23 ? 3.83218   8.88455   9.39003   1.000 70.99930  ? 23 ARG A NH2 1 
ATOM 122 N N   . LYS A 1 24 ? 8.59480   11.49304  3.62040   1.000 71.34202  ? 24 LYS A N   1 
ATOM 123 C CA  . LYS A 1 24 ? 8.37663   11.20307  2.20930   1.000 73.88180  ? 24 LYS A CA  1 
ATOM 124 C C   . LYS A 1 24 ? 8.19014   9.70467   2.01754   1.000 75.93204  ? 24 LYS A C   1 
ATOM 125 O O   . LYS A 1 24 ? 9.06127   8.91359   2.39477   1.000 80.72209  ? 24 LYS A O   1 
ATOM 126 C CB  . LYS A 1 24 ? 9.54932   11.70619  1.36854   1.000 83.08816  ? 24 LYS A CB  1 
ATOM 127 C CG  . LYS A 1 24 ? 9.57102   13.20404  1.12062   1.000 106.61467 ? 24 LYS A CG  1 
ATOM 128 C CD  . LYS A 1 24 ? 10.77142  13.59897  0.26529   1.000 112.06532 ? 24 LYS A CD  1 
ATOM 129 C CE  . LYS A 1 24 ? 10.74126  15.08007  -0.07974  1.000 105.94090 ? 24 LYS A CE  1 
ATOM 130 N NZ  . LYS A 1 24 ? 11.95437  15.49986  -0.83109  1.000 100.72186 ? 24 LYS A NZ  1 
ATOM 131 N N   . VAL A 1 25 ? 7.05681   9.31508   1.43606   1.000 78.24319  ? 25 VAL A N   1 
ATOM 132 C CA  . VAL A 1 25 ? 6.74113   7.91147   1.18205   1.000 68.61572  ? 25 VAL A CA  1 
ATOM 133 C C   . VAL A 1 25 ? 6.21606   7.83290   -0.25016  1.000 69.42371  ? 25 VAL A C   1 
ATOM 134 O O   . VAL A 1 25 ? 5.01540   7.98806   -0.50071  1.000 71.29236  ? 25 VAL A O   1 
ATOM 135 C CB  . VAL A 1 25 ? 5.72877   7.34503   2.18111   1.000 64.49681  ? 25 VAL A CB  1 
ATOM 136 C CG1 . VAL A 1 25 ? 5.48535   5.86432   1.90022   1.000 63.46774  ? 25 VAL A CG1 1 
ATOM 137 C CG2 . VAL A 1 25 ? 6.20583   7.55509   3.61086   1.000 65.37849  ? 25 VAL A CG2 1 
ATOM 138 N N   . LYS A 1 26 ? 7.11603   7.60649   -1.20648  1.000 69.33026  ? 26 LYS A N   1 
ATOM 139 C CA  . LYS A 1 26 ? 6.71777   7.43650   -2.60059  1.000 73.60183  ? 26 LYS A CA  1 
ATOM 140 C C   . LYS A 1 26 ? 6.31363   5.98340   -2.82948  1.000 69.82506  ? 26 LYS A C   1 
ATOM 141 O O   . LYS A 1 26 ? 7.14539   5.07718   -2.71903  1.000 73.19388  ? 26 LYS A O   1 
ATOM 142 C CB  . LYS A 1 26 ? 7.85254   7.85139   -3.53776  1.000 76.34426  ? 26 LYS A CB  1 
ATOM 143 C CG  . LYS A 1 26 ? 7.52707   7.75976   -5.03084  1.000 82.22391  ? 26 LYS A CG  1 
ATOM 144 C CD  . LYS A 1 26 ? 8.08080   6.48690   -5.65463  1.000 88.26148  ? 26 LYS A CD  1 
ATOM 145 C CE  . LYS A 1 26 ? 7.83410   6.45981   -7.15122  1.000 88.19042  ? 26 LYS A CE  1 
ATOM 146 N NZ  . LYS A 1 26 ? 6.38334   6.54940   -7.47823  1.000 78.05763  ? 26 LYS A NZ  1 
ATOM 147 N N   . LEU A 1 27 ? 5.04185   5.76345   -3.15143  1.000 65.33885  ? 27 LEU A N   1 
ATOM 148 C CA  . LEU A 1 27 ? 4.52797   4.41033   -3.31310  1.000 66.51531  ? 27 LEU A CA  1 
ATOM 149 C C   . LEU A 1 27 ? 4.96220   3.83047   -4.65334  1.000 67.66808  ? 27 LEU A C   1 
ATOM 150 O O   . LEU A 1 27 ? 5.10025   4.54386   -5.64997  1.000 75.47428  ? 27 LEU A O   1 
ATOM 151 C CB  . LEU A 1 27 ? 3.00246   4.39120   -3.20433  1.000 58.87492  ? 27 LEU A CB  1 
ATOM 152 C CG  . LEU A 1 27 ? 2.34304   4.34123   -1.82037  1.000 64.66246  ? 27 LEU A CG  1 
ATOM 153 C CD1 . LEU A 1 27 ? 3.09102   5.16175   -0.77932  1.000 66.90220  ? 27 LEU A CD1 1 
ATOM 154 C CD2 . LEU A 1 27 ? 0.90748   4.82371   -1.92391  1.000 60.63566  ? 27 LEU A CD2 1 
ATOM 155 N N   . VAL A 1 28 ? 5.17686   2.51437   -4.66735  1.000 67.94437  ? 28 VAL A N   1 
ATOM 156 C CA  . VAL A 1 28 ? 5.66878   1.80277   -5.84068  1.000 68.48391  ? 28 VAL A CA  1 
ATOM 157 C C   . VAL A 1 28 ? 4.67004   0.75528   -6.32026  1.000 69.56036  ? 28 VAL A C   1 
ATOM 158 O O   . VAL A 1 28 ? 4.25903   0.76145   -7.48489  1.000 70.06042  ? 28 VAL A O   1 
ATOM 159 C CB  . VAL A 1 28 ? 7.04722   1.15645   -5.57010  1.000 62.34633  ? 28 VAL A CB  1 
ATOM 160 C CG1 . VAL A 1 28 ? 7.43214   0.22443   -6.70852  1.000 63.84651  ? 28 VAL A CG1 1 
ATOM 161 C CG2 . VAL A 1 28 ? 8.10527   2.22792   -5.37282  1.000 57.35363  ? 28 VAL A CG2 1 
ATOM 162 N N   . ARG A 1 29 ? 4.26259   -0.14834  -5.43243  1.000 62.93652  ? 29 ARG A N   1 
ATOM 163 C CA  . ARG A 1 29 ? 3.47554   -1.29738  -5.85179  1.000 57.27005  ? 29 ARG A CA  1 
ATOM 164 C C   . ARG A 1 29 ? 2.72591   -1.86350  -4.65712  1.000 64.08139  ? 29 ARG A C   1 
ATOM 165 O O   . ARG A 1 29 ? 3.16564   -1.73320  -3.51175  1.000 68.66878  ? 29 ARG A O   1 
ATOM 166 C CB  . ARG A 1 29 ? 4.37349   -2.37289  -6.47156  1.000 67.66603  ? 29 ARG A CB  1 
ATOM 167 C CG  . ARG A 1 29 ? 3.64696   -3.42310  -7.28958  1.000 74.64318  ? 29 ARG A CG  1 
ATOM 168 C CD  . ARG A 1 29 ? 4.59260   -4.55868  -7.64411  1.000 88.56064  ? 29 ARG A CD  1 
ATOM 169 N NE  . ARG A 1 29 ? 5.96394   -4.08893  -7.80673  1.000 90.03450  ? 29 ARG A NE  1 
ATOM 170 C CZ  . ARG A 1 29 ? 6.44873   -3.55476  -8.91871  1.000 101.77275 ? 29 ARG A CZ  1 
ATOM 171 N NH1 . ARG A 1 29 ? 5.69700   -3.40195  -9.99734  1.000 98.28549  ? 29 ARG A NH1 1 
ATOM 172 N NH2 . ARG A 1 29 ? 7.71864   -3.15989  -8.94917  1.000 102.65444 ? 29 ARG A NH2 1 
ATOM 173 N N   . ALA A 1 30 ? 1.59072   -2.49932  -4.94171  1.000 63.72855  ? 30 ALA A N   1 
ATOM 174 C CA  . ALA A 1 30 ? 0.79726   -3.19605  -3.93704  1.000 61.74410  ? 30 ALA A CA  1 
ATOM 175 C C   . ALA A 1 30 ? 0.56268   -4.62075  -4.41421  1.000 61.63356  ? 30 ALA A C   1 
ATOM 176 O O   . ALA A 1 30 ? -0.02777  -4.83258  -5.47921  1.000 60.06495  ? 30 ALA A O   1 
ATOM 177 C CB  . ALA A 1 30 ? -0.53390  -2.48318  -3.68560  1.000 62.82054  ? 30 ALA A CB  1 
ATOM 178 N N   . THR A 1 31 ? 1.02937   -5.59279  -3.63464  1.000 71.10402  ? 31 THR A N   1 
ATOM 179 C CA  . THR A 1 31 ? 0.90158   -7.00992  -3.96460  1.000 65.48756  ? 31 THR A CA  1 
ATOM 180 C C   . THR A 1 31 ? -0.17621  -7.60541  -3.06114  1.000 64.46902  ? 31 THR A C   1 
ATOM 181 O O   . THR A 1 31 ? 0.05902   -7.84031  -1.87197  1.000 59.08679  ? 31 THR A O   1 
ATOM 182 C CB  . THR A 1 31 ? 2.23371   -7.73383  -3.79689  1.000 65.75864  ? 31 THR A CB  1 
ATOM 183 O OG1 . THR A 1 31 ? 3.23304   -7.08804  -4.59577  1.000 73.77013  ? 31 THR A OG1 1 
ATOM 184 C CG2 . THR A 1 31 ? 2.10547   -9.18496  -4.23570  1.000 70.49079  ? 31 THR A CG2 1 
ATOM 185 N N   . ILE A 1 32 ? -1.34965  -7.85078  -3.63206  1.000 62.63486  ? 32 ILE A N   1 
ATOM 186 C CA  . ILE A 1 32 ? -2.49724  -8.33792  -2.87765  1.000 66.74325  ? 32 ILE A CA  1 
ATOM 187 C C   . ILE A 1 32 ? -2.50613  -9.85905  -2.90950  1.000 67.24857  ? 32 ILE A C   1 
ATOM 188 O O   . ILE A 1 32 ? -2.36853  -10.47141 -3.97492  1.000 70.12524  ? 32 ILE A O   1 
ATOM 189 C CB  . ILE A 1 32 ? -3.80950  -7.77119  -3.44508  1.000 60.66357  ? 32 ILE A CB  1 
ATOM 190 C CG1 . ILE A 1 32 ? -3.66210  -6.28103  -3.75280  1.000 60.82149  ? 32 ILE A CG1 1 
ATOM 191 C CG2 . ILE A 1 32 ? -4.95306  -8.00221  -2.46941  1.000 65.97211  ? 32 ILE A CG2 1 
ATOM 192 C CD1 . ILE A 1 32 ? -3.38236  -5.42894  -2.54282  1.000 69.93048  ? 32 ILE A CD1 1 
ATOM 193 N N   . THR A 1 33 ? -2.66979  -10.47218 -1.73843  1.000 64.99490  ? 33 THR A N   1 
ATOM 194 C CA  . THR A 1 33 ? -2.80507  -11.91894 -1.60613  1.000 63.01045  ? 33 THR A CA  1 
ATOM 195 C C   . THR A 1 33 ? -4.16170  -12.20560 -0.97577  1.000 66.76353  ? 33 THR A C   1 
ATOM 196 O O   . THR A 1 33 ? -4.36498  -11.95096 0.21649   1.000 62.50249  ? 33 THR A O   1 
ATOM 197 C CB  . THR A 1 33 ? -1.67265  -12.50905 -0.76461  1.000 79.48611  ? 33 THR A CB  1 
ATOM 198 O OG1 . THR A 1 33 ? -0.42127  -12.31192 -1.43696  1.000 88.43718  ? 33 THR A OG1 1 
ATOM 199 C CG2 . THR A 1 33 ? -1.89394  -13.99976 -0.54156  1.000 74.69343  ? 33 THR A CG2 1 
ATOM 200 N N   . VAL A 1 34 ? -5.08744  -12.72590 -1.77638  1.000 67.44419  ? 34 VAL A N   1 
ATOM 201 C CA  . VAL A 1 34 ? -6.44717  -13.00896 -1.33588  1.000 61.87247  ? 34 VAL A CA  1 
ATOM 202 C C   . VAL A 1 34 ? -6.56612  -14.49362 -1.02884  1.000 61.95932  ? 34 VAL A C   1 
ATOM 203 O O   . VAL A 1 34 ? -6.21278  -15.34018 -1.86129  1.000 67.25469  ? 34 VAL A O   1 
ATOM 204 C CB  . VAL A 1 34 ? -7.47573  -12.58292 -2.39766  1.000 64.93073  ? 34 VAL A CB  1 
ATOM 205 C CG1 . VAL A 1 34 ? -8.86888  -13.04420 -2.00129  1.000 63.98061  ? 34 VAL A CG1 1 
ATOM 206 C CG2 . VAL A 1 34 ? -7.44426  -11.07508 -2.58550  1.000 60.08278  ? 34 VAL A CG2 1 
ATOM 207 N N   . ASP A 1 35 ? -7.05789  -14.81206 0.16395   1.000 66.12946  ? 35 ASP A N   1 
ATOM 208 C CA  . ASP A 1 35 ? -7.27209  -16.19523 0.58944   1.000 64.52137  ? 35 ASP A CA  1 
ATOM 209 C C   . ASP A 1 35 ? -8.74661  -16.38370 0.91730   1.000 71.82488  ? 35 ASP A C   1 
ATOM 210 O O   . ASP A 1 35 ? -9.20013  -15.97848 2.00299   1.000 79.77057  ? 35 ASP A O   1 
ATOM 211 C CB  . ASP A 1 35 ? -6.40090  -16.53427 1.79696   1.000 66.03998  ? 35 ASP A CB  1 
ATOM 212 C CG  . ASP A 1 35 ? -6.40170  -18.01600 2.12131   1.000 92.56421  ? 35 ASP A CG  1 
ATOM 213 O OD1 . ASP A 1 35 ? -7.03347  -18.79440 1.37594   1.000 100.80730 ? 35 ASP A OD1 1 
ATOM 214 O OD2 . ASP A 1 35 ? -5.76768  -18.40244 3.12554   1.000 103.23654 ? 35 ASP A OD2 1 
ATOM 215 N N   . PRO A 1 36 ? -9.53291  -16.98959 0.02299   1.000 68.03929  ? 36 PRO A N   1 
ATOM 216 C CA  . PRO A 1 36 ? -10.97531 -17.11937 0.27737   1.000 64.79154  ? 36 PRO A CA  1 
ATOM 217 C C   . PRO A 1 36 ? -11.31747 -18.12210 1.36179   1.000 69.88162  ? 36 PRO A C   1 
ATOM 218 O O   . PRO A 1 36 ? -12.45696 -18.11479 1.84526   1.000 74.84537  ? 36 PRO A O   1 
ATOM 219 C CB  . PRO A 1 36 ? -11.52714 -17.56882 -1.07879  1.000 68.89992  ? 36 PRO A CB  1 
ATOM 220 C CG  . PRO A 1 36 ? -10.39560 -18.32975 -1.68995  1.000 70.31851  ? 36 PRO A CG  1 
ATOM 221 C CD  . PRO A 1 36 ? -9.13451  -17.62974 -1.24452  1.000 65.11263  ? 36 PRO A CD  1 
ATOM 222 N N   . GLU A 1 37 ? -10.37740 -18.97466 1.76245   1.000 78.37484  ? 37 GLU A N   1 
ATOM 223 C CA  . GLU A 1 37 ? -10.65674 -20.02666 2.72979   1.000 82.53850  ? 37 GLU A CA  1 
ATOM 224 C C   . GLU A 1 37 ? -10.50728 -19.56525 4.17239   1.000 76.91940  ? 37 GLU A C   1 
ATOM 225 O O   . GLU A 1 37 ? -11.04697 -20.21708 5.07399   1.000 71.57403  ? 37 GLU A O   1 
ATOM 226 C CB  . GLU A 1 37 ? -9.74305  -21.22679 2.46407   1.000 88.14970  ? 37 GLU A CB  1 
ATOM 227 C CG  . GLU A 1 37 ? -9.66225  -21.59809 0.98849   1.000 96.76915  ? 37 GLU A CG  1 
ATOM 228 C CD  . GLU A 1 37 ? -8.98590  -22.93342 0.74813   1.000 117.90590 ? 37 GLU A CD  1 
ATOM 229 O OE1 . GLU A 1 37 ? -8.60751  -23.59819 1.73514   1.000 102.47247 ? 37 GLU A OE1 1 
ATOM 230 O OE2 . GLU A 1 37 ? -8.83799  -23.31956 -0.43142  1.000 100.60909 ? 37 GLU A OE2 1 
ATOM 231 N N   . THR A 1 38 ? -9.79411  -18.46530 4.41207   1.000 76.35131  ? 38 THR A N   1 
ATOM 232 C CA  . THR A 1 38 ? -9.68831  -17.87722 5.74210   1.000 68.82672  ? 38 THR A CA  1 
ATOM 233 C C   . THR A 1 38 ? -10.28728 -16.47785 5.80100   1.000 68.71092  ? 38 THR A C   1 
ATOM 234 O O   . THR A 1 38 ? -10.17374 -15.81131 6.83929   1.000 67.71080  ? 38 THR A O   1 
ATOM 235 C CB  . THR A 1 38 ? -8.22715  -17.83650 6.20192   1.000 76.85137  ? 38 THR A CB  1 
ATOM 236 O OG1 . THR A 1 38 ? -7.47990  -16.95791 5.35201   1.000 64.35513  ? 38 THR A OG1 1 
ATOM 237 C CG2 . THR A 1 38 ? -7.61355  -19.22870 6.15468   1.000 80.37547  ? 38 THR A CG2 1 
ATOM 238 N N   . ASN A 1 39 ? -10.91711 -16.01763 4.71736   1.000 67.76039  ? 39 ASN A N   1 
ATOM 239 C CA  . ASN A 1 39 ? -11.54306 -14.69380 4.65399   1.000 70.93445  ? 39 ASN A CA  1 
ATOM 240 C C   . ASN A 1 39 ? -10.53543 -13.58635 4.95598   1.000 66.32864  ? 39 ASN A C   1 
ATOM 241 O O   . ASN A 1 39 ? -10.84188 -12.61552 5.65080   1.000 53.84293  ? 39 ASN A O   1 
ATOM 242 C CB  . ASN A 1 39 ? -12.74595 -14.60442 5.59764   1.000 60.36739  ? 39 ASN A CB  1 
ATOM 243 C CG  . ASN A 1 39 ? -13.75172 -15.71306 5.36662   1.000 69.66851  ? 39 ASN A CG  1 
ATOM 244 O OD1 . ASN A 1 39 ? -13.80541 -16.30243 4.28737   1.000 75.72976  ? 39 ASN A OD1 1 
ATOM 245 N ND2 . ASN A 1 39 ? -14.55816 -15.99950 6.38151   1.000 79.70919  ? 39 ASN A ND2 1 
ATOM 246 N N   . THR A 1 40 ? -9.32394  -13.72823 4.42449   1.000 67.85697  ? 40 THR A N   1 
ATOM 247 C CA  . THR A 1 40 ? -8.23393  -12.81117 4.72048   1.000 69.03079  ? 40 THR A CA  1 
ATOM 248 C C   . THR A 1 40 ? -7.63078  -12.26468 3.43520   1.000 66.53576  ? 40 THR A C   1 
ATOM 249 O O   . THR A 1 40 ? -7.42439  -13.00531 2.46843   1.000 61.56411  ? 40 THR A O   1 
ATOM 250 C CB  . THR A 1 40 ? -7.14380  -13.49029 5.55645   1.000 65.38825  ? 40 THR A CB  1 
ATOM 251 O OG1 . THR A 1 40 ? -6.80803  -14.75586 4.97232   1.000 93.19158  ? 40 THR A OG1 1 
ATOM 252 C CG2 . THR A 1 40 ? -7.61919  -13.70197 6.98627   1.000 61.67202  ? 40 THR A CG2 1 
ATOM 253 N N   . ILE A 1 41 ? -7.34813  -10.96365 3.43939   1.000 61.15273  ? 41 ILE A N   1 
ATOM 254 C CA  . ILE A 1 41 ? -6.64628  -10.28959 2.35333   1.000 58.06288  ? 41 ILE A CA  1 
ATOM 255 C C   . ILE A 1 41 ? -5.32331  -9.78448  2.90801   1.000 59.79204  ? 41 ILE A C   1 
ATOM 256 O O   . ILE A 1 41 ? -5.30326  -9.01826  3.87835   1.000 52.06743  ? 41 ILE A O   1 
ATOM 257 C CB  . ILE A 1 41 ? -7.46420  -9.13082  1.75942   1.000 65.16900  ? 41 ILE A CB  1 
ATOM 258 C CG1 . ILE A 1 41 ? -8.63384  -9.65873  0.92542   1.000 64.89265  ? 41 ILE A CG1 1 
ATOM 259 C CG2 . ILE A 1 41 ? -6.57941  -8.22359  0.91853   1.000 61.61068  ? 41 ILE A CG2 1 
ATOM 260 C CD1 . ILE A 1 41 ? -9.87395  -9.96466  1.72637   1.000 63.31615  ? 41 ILE A CD1 1 
ATOM 261 N N   . THR A 1 42 ? -4.22264  -10.21668 2.30210   1.000 65.56290  ? 42 THR A N   1 
ATOM 262 C CA  . THR A 1 42 ? -2.88658  -9.78568  2.68930   1.000 68.45798  ? 42 THR A CA  1 
ATOM 263 C C   . THR A 1 42 ? -2.34313  -8.84107  1.62714   1.000 62.58096  ? 42 THR A C   1 
ATOM 264 O O   . THR A 1 42 ? -2.46320  -9.11279  0.42772   1.000 60.24911  ? 42 THR A O   1 
ATOM 265 C CB  . THR A 1 42 ? -1.95183  -10.98113 2.87238   1.000 65.83135  ? 42 THR A CB  1 
ATOM 266 O OG1 . THR A 1 42 ? -2.59245  -11.95883 3.70032   1.000 63.63899  ? 42 THR A OG1 1 
ATOM 267 C CG2 . THR A 1 42 ? -0.65816  -10.54262 3.53970   1.000 69.40810  ? 42 THR A CG2 1 
ATOM 268 N N   . ILE A 1 43 ? -1.75957  -7.73022  2.06627   1.000 58.76791  ? 43 ILE A N   1 
ATOM 269 C CA  . ILE A 1 43 ? -1.32712  -6.65888  1.17642   1.000 60.79973  ? 43 ILE A CA  1 
ATOM 270 C C   . ILE A 1 43 ? 0.14006   -6.36765  1.45487   1.000 61.94198  ? 43 ILE A C   1 
ATOM 271 O O   . ILE A 1 43 ? 0.48259   -5.86887  2.53352   1.000 63.31582  ? 43 ILE A O   1 
ATOM 272 C CB  . ILE A 1 43 ? -2.16659  -5.38746  1.35488   1.000 65.16341  ? 43 ILE A CB  1 
ATOM 273 C CG1 . ILE A 1 43 ? -3.64655  -5.68430  1.11707   1.000 65.59768  ? 43 ILE A CG1 1 
ATOM 274 C CG2 . ILE A 1 43 ? -1.67857  -4.29051  0.42286   1.000 57.19404  ? 43 ILE A CG2 1 
ATOM 275 C CD1 . ILE A 1 43 ? -4.54907  -4.53503  1.48671   1.000 64.28699  ? 43 ILE A CD1 1 
ATOM 276 N N   . ASP A 1 44 ? 1.00324   -6.66611  0.48822   1.000 63.68091  ? 44 ASP A N   1 
ATOM 277 C CA  . ASP A 1 44 ? 2.38403   -6.20760  0.52024   1.000 66.53125  ? 44 ASP A CA  1 
ATOM 278 C C   . ASP A 1 44 ? 2.46467   -4.86557  -0.19736  1.000 64.26782  ? 44 ASP A C   1 
ATOM 279 O O   . ASP A 1 44 ? 1.90994   -4.70571  -1.28891  1.000 67.09184  ? 44 ASP A O   1 
ATOM 280 C CB  . ASP A 1 44 ? 3.31448   -7.22682  -0.13771  1.000 78.59059  ? 44 ASP A CB  1 
ATOM 281 C CG  . ASP A 1 44 ? 4.78476   -6.89369  0.05809   1.000 100.01948 ? 44 ASP A CG  1 
ATOM 282 O OD1 . ASP A 1 44 ? 5.09370   -5.90142  0.75154   1.000 112.93155 ? 44 ASP A OD1 1 
ATOM 283 O OD2 . ASP A 1 44 ? 5.63466   -7.63126  -0.48448  1.000 104.15945 ? 44 ASP A OD2 1 
ATOM 284 N N   . ILE A 1 45 ? 3.14301   -3.90267  0.41819   1.000 57.64883  ? 45 ILE A N   1 
ATOM 285 C CA  . ILE A 1 45 ? 3.22788   -2.54129  -0.10337  1.000 62.63364  ? 45 ILE A CA  1 
ATOM 286 C C   . ILE A 1 45 ? 4.69691   -2.15899  -0.20504  1.000 60.43600  ? 45 ILE A C   1 
ATOM 287 O O   . ILE A 1 45 ? 5.37766   -2.01106  0.81843   1.000 66.19196  ? 45 ILE A O   1 
ATOM 288 C CB  . ILE A 1 45 ? 2.46286   -1.53809  0.76905   1.000 61.67826  ? 45 ILE A CB  1 
ATOM 289 C CG1 . ILE A 1 45 ? 0.95864   -1.80360  0.67890   1.000 57.21193  ? 45 ILE A CG1 1 
ATOM 290 C CG2 . ILE A 1 45 ? 2.78479   -0.11268  0.35093   1.000 59.11216  ? 45 ILE A CG2 1 
ATOM 291 C CD1 . ILE A 1 45 ? 0.11738   -0.81022  1.43669   1.000 64.59703  ? 45 ILE A CD1 1 
ATOM 292 N N   . GLU A 1 46 ? 5.18662   -2.00366  -1.43145  1.000 63.05396  ? 46 GLU A N   1 
ATOM 293 C CA  . GLU A 1 46 ? 6.53901   -1.51981  -1.66422  1.000 65.11999  ? 46 GLU A CA  1 
ATOM 294 C C   . GLU A 1 46 ? 6.51392   -0.01636  -1.89826  1.000 63.33294  ? 46 GLU A C   1 
ATOM 295 O O   . GLU A 1 46 ? 5.66817   0.49912   -2.63430  1.000 48.41273  ? 46 GLU A O   1 
ATOM 296 C CB  . GLU A 1 46 ? 7.17930   -2.22775  -2.86202  1.000 59.42194  ? 46 GLU A CB  1 
ATOM 297 C CG  . GLU A 1 46 ? 7.59898   -3.66176  -2.58742  1.000 70.71014  ? 46 GLU A CG  1 
ATOM 298 C CD  . GLU A 1 46 ? 6.65803   -4.67432  -3.20358  1.000 86.38307  ? 46 GLU A CD  1 
ATOM 299 O OE1 . GLU A 1 46 ? 6.36163   -4.55317  -4.41236  1.000 87.37003  ? 46 GLU A OE1 1 
ATOM 300 O OE2 . GLU A 1 46 ? 6.21060   -5.58735  -2.47991  1.000 88.39384  ? 46 GLU A OE2 1 
ATOM 301 N N   . TYR A 1 47 ? 7.44801   0.68446   -1.26181  1.000 62.90880  ? 47 TYR A N   1 
ATOM 302 C CA  . TYR A 1 47 ? 7.54092   2.13119   -1.36018  1.000 58.17665  ? 47 TYR A CA  1 
ATOM 303 C C   . TYR A 1 47 ? 9.00614   2.53856   -1.34488  1.000 71.60458  ? 47 TYR A C   1 
ATOM 304 O O   . TYR A 1 47 ? 9.82619   1.90511   -0.67342  1.000 72.53364  ? 47 TYR A O   1 
ATOM 305 C CB  . TYR A 1 47 ? 6.79121   2.82077   -0.21261  1.000 52.44176  ? 47 TYR A CB  1 
ATOM 306 C CG  . TYR A 1 47 ? 7.38724   2.54914   1.15229   1.000 54.33935  ? 47 TYR A CG  1 
ATOM 307 C CD1 . TYR A 1 47 ? 7.11276   1.36647   1.82690   1.000 58.57407  ? 47 TYR A CD1 1 
ATOM 308 C CD2 . TYR A 1 47 ? 8.22213   3.47442   1.76429   1.000 60.39271  ? 47 TYR A CD2 1 
ATOM 309 C CE1 . TYR A 1 47 ? 7.65631   1.11113   3.07139   1.000 62.96933  ? 47 TYR A CE1 1 
ATOM 310 C CE2 . TYR A 1 47 ? 8.77025   3.22798   3.00966   1.000 62.50086  ? 47 TYR A CE2 1 
ATOM 311 C CZ  . TYR A 1 47 ? 8.48256   2.04521   3.65747   1.000 62.63245  ? 47 TYR A CZ  1 
ATOM 312 O OH  . TYR A 1 47 ? 9.02513   1.79540   4.89645   1.000 66.37237  ? 47 TYR A OH  1 
ATOM 313 N N   . GLU A 1 48 ? 9.32811   3.59076   -2.08749  1.000 77.32621  ? 48 GLU A N   1 
ATOM 314 C CA  . GLU A 1 48 ? 10.67200  4.16314   -2.10929  1.000 70.08587  ? 48 GLU A CA  1 
ATOM 315 C C   . GLU A 1 48 ? 10.58717  5.51602   -1.40897  1.000 71.00966  ? 48 GLU A C   1 
ATOM 316 O O   . GLU A 1 48 ? 10.33274  6.54461   -2.03585  1.000 91.27788  ? 48 GLU A O   1 
ATOM 317 C CB  . GLU A 1 48 ? 11.19968  4.29222   -3.54014  1.000 83.22955  ? 48 GLU A CB  1 
ATOM 318 C CG  . GLU A 1 48 ? 12.66812  4.69042   -3.62949  1.000 98.89459  ? 48 GLU A CG  1 
ATOM 319 C CD  . GLU A 1 48 ? 12.87342  6.19020   -3.74461  1.000 107.17979 ? 48 GLU A CD  1 
ATOM 320 O OE1 . GLU A 1 48 ? 11.97138  6.88066   -4.26722  1.000 115.40972 ? 48 GLU A OE1 1 
ATOM 321 O OE2 . GLU A 1 48 ? 13.93887  6.67903   -3.31406  1.000 91.72267  ? 48 GLU A OE2 1 
ATOM 322 N N   . GLY A 1 49 ? 10.78855  5.50700   -0.09849  1.000 66.97365  ? 49 GLY A N   1 
ATOM 323 C CA  . GLY A 1 49 ? 10.70098  6.73489   0.65977   1.000 80.77794  ? 49 GLY A CA  1 
ATOM 324 C C   . GLY A 1 49 ? 11.18501  6.54304   2.07776   1.000 76.13528  ? 49 GLY A C   1 
ATOM 325 O O   . GLY A 1 49 ? 11.77627  5.51737   2.42151   1.000 76.57217  ? 49 GLY A O   1 
ATOM 326 N N   . GLY A 1 50 ? 10.91528  7.55131   2.90305   1.000 79.53461  ? 50 GLY A N   1 
ATOM 327 C CA  . GLY A 1 50 ? 11.34564  7.55687   4.27933   1.000 84.76155  ? 50 GLY A CA  1 
ATOM 328 C C   . GLY A 1 50 ? 10.62916  6.52694   5.12662   1.000 84.15885  ? 50 GLY A C   1 
ATOM 329 O O   . GLY A 1 50 ? 9.94135   5.63524   4.61972   1.000 78.51343  ? 50 GLY A O   1 
ATOM 330 N N   . PRO A 1 51 ? 10.76667  6.64005   6.44879   1.000 90.89713  ? 51 PRO A N   1 
ATOM 331 C CA  . PRO A 1 51 ? 10.20073  5.61799   7.33761   1.000 81.93816  ? 51 PRO A CA  1 
ATOM 332 C C   . PRO A 1 51 ? 8.67945   5.65955   7.31796   1.000 80.66170  ? 51 PRO A C   1 
ATOM 333 O O   . PRO A 1 51 ? 8.06905   6.72404   7.44646   1.000 81.33809  ? 51 PRO A O   1 
ATOM 334 C CB  . PRO A 1 51 ? 10.76493  5.99037   8.71239   1.000 80.63274  ? 51 PRO A CB  1 
ATOM 335 C CG  . PRO A 1 51 ? 11.00222  7.46061   8.62936   1.000 95.39241  ? 51 PRO A CG  1 
ATOM 336 C CD  . PRO A 1 51 ? 11.35876  7.76471   7.19609   1.000 96.16619  ? 51 PRO A CD  1 
ATOM 337 N N   . ILE A 1 52 ? 8.07269   4.49115   7.14826   1.000 77.11924  ? 52 ILE A N   1 
ATOM 338 C CA  . ILE A 1 52 ? 6.62624   4.38154   7.05265   1.000 66.81800  ? 52 ILE A CA  1 
ATOM 339 C C   . ILE A 1 52 ? 6.05707   4.06465   8.42971   1.000 72.35551  ? 52 ILE A C   1 
ATOM 340 O O   . ILE A 1 52 ? 6.74889   3.55786   9.31741   1.000 86.92042  ? 52 ILE A O   1 
ATOM 341 C CB  . ILE A 1 52 ? 6.21575   3.31835   6.00935   1.000 55.65877  ? 52 ILE A CB  1 
ATOM 342 C CG1 . ILE A 1 52 ? 4.87275   3.67608   5.37558   1.000 61.64107  ? 52 ILE A CG1 1 
ATOM 343 C CG2 . ILE A 1 52 ? 6.15850   1.93373   6.64043   1.000 58.17223  ? 52 ILE A CG2 1 
ATOM 344 C CD1 . ILE A 1 52 ? 4.55995   2.88696   4.12325   1.000 60.26459  ? 52 ILE A CD1 1 
ATOM 345 N N   . THR A 1 53 ? 4.77826   4.38121   8.61580   1.000 64.25999  ? 53 THR A N   1 
ATOM 346 C CA  . THR A 1 53 ? 4.07835   4.14461   9.87158   1.000 56.97754  ? 53 THR A CA  1 
ATOM 347 C C   . THR A 1 53 ? 2.76094   3.43360   9.58201   1.000 52.41120  ? 53 THR A C   1 
ATOM 348 O O   . THR A 1 53 ? 2.44156   3.10803   8.43562   1.000 55.95900  ? 53 THR A O   1 
ATOM 349 C CB  . THR A 1 53 ? 3.82829   5.45594   10.62956  1.000 68.81317  ? 53 THR A CB  1 
ATOM 350 O OG1 . THR A 1 53 ? 3.08504   6.35712   9.80040   1.000 68.33417  ? 53 THR A OG1 1 
ATOM 351 C CG2 . THR A 1 53 ? 5.14664   6.10656   11.03257  1.000 67.53933  ? 53 THR A CG2 1 
ATOM 352 N N   . LYS A 1 54 ? 1.98950   3.18730   10.64485  1.000 63.96904  ? 54 LYS A N   1 
ATOM 353 C CA  . LYS A 1 54 ? 0.69042   2.54650   10.47848  1.000 63.47161  ? 54 LYS A CA  1 
ATOM 354 C C   . LYS A 1 54 ? -0.31155  3.48306   9.81526   1.000 57.78145  ? 54 LYS A C   1 
ATOM 355 O O   . LYS A 1 54 ? -1.16429  3.03048   9.04247   1.000 57.07347  ? 54 LYS A O   1 
ATOM 356 C CB  . LYS A 1 54 ? 0.15936   2.06818   11.83109  1.000 59.37375  ? 54 LYS A CB  1 
ATOM 357 C CG  . LYS A 1 54 ? 1.00734   0.99009   12.48449  1.000 76.02838  ? 54 LYS A CG  1 
ATOM 358 C CD  . LYS A 1 54 ? 0.39806   0.52567   13.79720  1.000 84.57151  ? 54 LYS A CD  1 
ATOM 359 C CE  . LYS A 1 54 ? 1.23367   -0.57225  14.43502  1.000 78.41287  ? 54 LYS A CE  1 
ATOM 360 N NZ  . LYS A 1 54 ? 0.64170   -1.05022  15.71501  1.000 99.62068  ? 54 LYS A NZ  1 
ATOM 361 N N   . GLU A 1 55 ? -0.22411  4.78357   10.10280  0.820 61.31694  ? 55 GLU A N   1 
ATOM 362 C CA  . GLU A 1 55 ? -1.10359  5.74276   9.44416   0.820 68.18092  ? 55 GLU A CA  1 
ATOM 363 C C   . GLU A 1 55 ? -0.82135  5.80829   7.94895   0.820 62.06703  ? 55 GLU A C   1 
ATOM 364 O O   . GLU A 1 55 ? -1.74602  5.94901   7.14200   0.820 61.17219  ? 55 GLU A O   1 
ATOM 365 C CB  . GLU A 1 55 ? -0.94690  7.12259   10.08075  0.820 65.69642  ? 55 GLU A CB  1 
ATOM 366 C CG  . GLU A 1 55 ? -1.37087  7.19091   11.53640  0.820 77.27412  ? 55 GLU A CG  1 
ATOM 367 C CD  . GLU A 1 55 ? -1.17674  8.57110   12.13609  0.820 110.88868 ? 55 GLU A CD  1 
ATOM 368 O OE1 . GLU A 1 55 ? -0.50725  9.41074   11.49587  0.820 105.43539 ? 55 GLU A OE1 1 
ATOM 369 O OE2 . GLU A 1 55 ? -1.69423  8.81755   13.24598  0.820 112.84681 ? 55 GLU A OE2 1 
ATOM 370 N N   . ASP A 1 56 ? 0.45206   5.70318   7.56146   1.000 62.80437  ? 56 ASP A N   1 
ATOM 371 C CA  . ASP A 1 56 ? 0.79691   5.76160   6.14613   1.000 57.98537  ? 56 ASP A CA  1 
ATOM 372 C C   . ASP A 1 56 ? 0.40386   4.48436   5.41700   1.000 56.34307  ? 56 ASP A C   1 
ATOM 373 O O   . ASP A 1 56 ? 0.03515   4.53667   4.23873   1.000 54.02174  ? 56 ASP A O   1 
ATOM 374 C CB  . ASP A 1 56 ? 2.29326   6.02682   5.97940   1.000 59.42765  ? 56 ASP A CB  1 
ATOM 375 C CG  . ASP A 1 56 ? 2.74647   7.28558   6.69361   1.000 77.67984  ? 56 ASP A CG  1 
ATOM 376 O OD1 . ASP A 1 56 ? 1.96594   7.82085   7.50925   1.000 73.83727  ? 56 ASP A OD1 1 
ATOM 377 O OD2 . ASP A 1 56 ? 3.88029   7.74134   6.43645   1.000 81.13815  ? 56 ASP A OD2 1 
ATOM 378 N N   . LEU A 1 57 ? 0.47380   3.33342   6.09250   1.000 50.15177  ? 57 LEU A N   1 
ATOM 379 C CA  . LEU A 1 57 ? 0.08569   2.08412   5.44915   1.000 54.42597  ? 57 LEU A CA  1 
ATOM 380 C C   . LEU A 1 57 ? -1.40990  2.03457   5.16994   1.000 59.55816  ? 57 LEU A C   1 
ATOM 381 O O   . LEU A 1 57 ? -1.83371  1.43206   4.17676   1.000 59.95294  ? 57 LEU A O   1 
ATOM 382 C CB  . LEU A 1 57 ? 0.50700   0.89157   6.30531   1.000 56.07616  ? 57 LEU A CB  1 
ATOM 383 C CG  . LEU A 1 57 ? 1.93607   0.39642   6.07439   1.000 48.03836  ? 57 LEU A CG  1 
ATOM 384 C CD1 . LEU A 1 57 ? 2.20534   -0.86594  6.87560   1.000 69.13299  ? 57 LEU A CD1 1 
ATOM 385 C CD2 . LEU A 1 57 ? 2.17735   0.15520   4.59247   1.000 49.70961  ? 57 LEU A CD2 1 
ATOM 386 N N   . LEU A 1 58 ? -2.22375  2.65815   6.02582   1.000 59.83405  ? 58 LEU A N   1 
ATOM 387 C CA  . LEU A 1 58 ? -3.65434  2.73280   5.75191   1.000 52.44369  ? 58 LEU A CA  1 
ATOM 388 C C   . LEU A 1 58 ? -3.95041  3.64321   4.56870   1.000 62.34751  ? 58 LEU A C   1 
ATOM 389 O O   . LEU A 1 58 ? -4.93873  3.43139   3.85764   1.000 63.75031  ? 58 LEU A O   1 
ATOM 390 C CB  . LEU A 1 58 ? -4.40718  3.21154   6.99222   1.000 47.15621  ? 58 LEU A CB  1 
ATOM 391 C CG  . LEU A 1 58 ? -4.56307  2.17833   8.10673   1.000 51.23038  ? 58 LEU A CG  1 
ATOM 392 C CD1 . LEU A 1 58 ? -5.30352  2.77185   9.29252   1.000 53.13851  ? 58 LEU A CD1 1 
ATOM 393 C CD2 . LEU A 1 58 ? -5.28369  0.94446   7.58326   1.000 52.99902  ? 58 LEU A CD2 1 
ATOM 394 N N   . GLU A 1 59 ? -3.10840  4.65297   4.34060   1.000 67.47464  ? 59 GLU A N   1 
ATOM 395 C CA  . GLU A 1 59 ? -3.30188  5.53696   3.19553   1.000 67.89837  ? 59 GLU A CA  1 
ATOM 396 C C   . GLU A 1 59 ? -3.02338  4.80304   1.88893   1.000 56.56017  ? 59 GLU A C   1 
ATOM 397 O O   . GLU A 1 59 ? -3.81275  4.87923   0.94106   1.000 59.45789  ? 59 GLU A O   1 
ATOM 398 C CB  . GLU A 1 59 ? -2.40712  6.76815   3.33048   1.000 64.31637  ? 59 GLU A CB  1 
ATOM 399 C CG  . GLU A 1 59 ? -3.04606  8.05852   2.84729   1.000 72.94372  ? 59 GLU A CG  1 
ATOM 400 C CD  . GLU A 1 59 ? -4.08737  8.58854   3.81377   1.000 93.89886  ? 59 GLU A CD  1 
ATOM 401 O OE1 . GLU A 1 59 ? -4.16651  8.07400   4.94993   1.000 100.62072 ? 59 GLU A OE1 1 
ATOM 402 O OE2 . GLU A 1 59 ? -4.82765  9.52147   3.43922   1.000 97.51771  ? 59 GLU A OE2 1 
ATOM 403 N N   . ALA A 1 60 ? -1.89775  4.08653   1.81945   1.000 62.52231  ? 60 ALA A N   1 
ATOM 404 C CA  . ALA A 1 60 ? -1.62954  3.23550   0.66656   1.000 74.96591  ? 60 ALA A CA  1 
ATOM 405 C C   . ALA A 1 60 ? -2.62524  2.08826   0.56946   1.000 79.88492  ? 60 ALA A C   1 
ATOM 406 O O   . ALA A 1 60 ? -2.83184  1.54578   -0.52244  1.000 70.67855  ? 60 ALA A O   1 
ATOM 407 C CB  . ALA A 1 60 ? -0.20437  2.68956   0.73406   1.000 72.29717  ? 60 ALA A CB  1 
ATOM 408 N N   . PHE A 1 61 ? -3.23969  1.70496   1.69048   1.000 75.44436  ? 61 PHE A N   1 
ATOM 409 C CA  . PHE A 1 61 ? -4.33063  0.73876   1.65455   1.000 69.35942  ? 61 PHE A CA  1 
ATOM 410 C C   . PHE A 1 61 ? -5.58845  1.34380   1.03816   1.000 68.84357  ? 61 PHE A C   1 
ATOM 411 O O   . PHE A 1 61 ? -6.34006  0.63743   0.35566   1.000 54.66555  ? 61 PHE A O   1 
ATOM 412 C CB  . PHE A 1 61 ? -4.59645  0.21459   3.06898   1.000 58.62655  ? 61 PHE A CB  1 
ATOM 413 C CG  . PHE A 1 61 ? -5.97640  -0.33622  3.27524   1.000 54.66292  ? 61 PHE A CG  1 
ATOM 414 C CD1 . PHE A 1 61 ? -6.38106  -1.49839  2.64068   1.000 55.19982  ? 61 PHE A CD1 1 
ATOM 415 C CD2 . PHE A 1 61 ? -6.86256  0.29958   4.12829   1.000 69.47259  ? 61 PHE A CD2 1 
ATOM 416 C CE1 . PHE A 1 61 ? -7.65162  -2.00199  2.83992   1.000 60.60837  ? 61 PHE A CE1 1 
ATOM 417 C CE2 . PHE A 1 61 ? -8.13079  -0.20301  4.33358   1.000 78.76581  ? 61 PHE A CE2 1 
ATOM 418 C CZ  . PHE A 1 61 ? -8.52651  -1.35550  3.68898   1.000 71.64653  ? 61 PHE A CZ  1 
ATOM 419 N N   . LYS A 1 62 ? -5.82514  2.64197   1.24903   1.000 74.18769  ? 62 LYS A N   1 
ATOM 420 C CA  . LYS A 1 62 ? -6.92140  3.31208   0.55263   1.000 63.46272  ? 62 LYS A CA  1 
ATOM 421 C C   . LYS A 1 62 ? -6.62389  3.44546   -0.93513  1.000 64.67866  ? 62 LYS A C   1 
ATOM 422 O O   . LYS A 1 62 ? -7.50715  3.23544   -1.77520  1.000 71.76108  ? 62 LYS A O   1 
ATOM 423 C CB  . LYS A 1 62 ? -7.17965  4.69456   1.15663   1.000 61.71251  ? 62 LYS A CB  1 
ATOM 424 C CG  . LYS A 1 62 ? -7.58729  4.71908   2.62135   1.000 80.42528  ? 62 LYS A CG  1 
ATOM 425 C CD  . LYS A 1 62 ? -8.15642  6.08481   2.99934   1.000 94.97966  ? 62 LYS A CD  1 
ATOM 426 C CE  . LYS A 1 62 ? -7.46808  6.68260   4.21706   1.000 103.63596 ? 62 LYS A CE  1 
ATOM 427 N NZ  . LYS A 1 62 ? -8.28634  7.77950   4.80789   1.000 118.39299 ? 62 LYS A NZ  1 
ATOM 428 N N   . LEU A 1 63 ? -5.38195  3.79447   -1.27894  1.000 61.15268  ? 63 LEU A N   1 
ATOM 429 C CA  . LEU A 1 63 ? -5.03700  4.04109   -2.67515  1.000 63.42401  ? 63 LEU A CA  1 
ATOM 430 C C   . LEU A 1 63 ? -5.07941  2.75818   -3.49324  1.000 69.96953  ? 63 LEU A C   1 
ATOM 431 O O   . LEU A 1 63 ? -5.51603  2.76907   -4.64959  1.000 75.63074  ? 63 LEU A O   1 
ATOM 432 C CB  . LEU A 1 63 ? -3.65537  4.68627   -2.76869  1.000 66.73756  ? 63 LEU A CB  1 
ATOM 433 C CG  . LEU A 1 63 ? -3.26412  5.19407   -4.15911  1.000 86.52941  ? 63 LEU A CG  1 
ATOM 434 C CD1 . LEU A 1 63 ? -3.85923  6.57228   -4.41491  1.000 79.23117  ? 63 LEU A CD1 1 
ATOM 435 C CD2 . LEU A 1 63 ? -1.75615  5.20898   -4.34147  1.000 84.04490  ? 63 LEU A CD2 1 
ATOM 436 N N   . ALA A 1 64 ? -4.62662  1.64343   -2.91359  1.000 82.07357  ? 64 ALA A N   1 
ATOM 437 C CA  . ALA A 1 64 ? -4.60632  0.38352   -3.65058  1.000 75.38066  ? 64 ALA A CA  1 
ATOM 438 C C   . ALA A 1 64 ? -6.01597  -0.06651  -4.01191  1.000 67.75080  ? 64 ALA A C   1 
ATOM 439 O O   . ALA A 1 64 ? -6.24018  -0.62235  -5.09229  1.000 69.83526  ? 64 ALA A O   1 
ATOM 440 C CB  . ALA A 1 64 ? -3.88995  -0.69082  -2.83382  1.000 70.79327  ? 64 ALA A CB  1 
ATOM 441 N N   . ALA A 1 65 ? -6.98010  0.17382   -3.12161  1.000 69.02936  ? 65 ALA A N   1 
ATOM 442 C CA  . ALA A 1 65 ? -8.36083  -0.19719  -3.41330  1.000 73.75361  ? 65 ALA A CA  1 
ATOM 443 C C   . ALA A 1 65 ? -8.96578  0.71924   -4.46965  1.000 80.86499  ? 65 ALA A C   1 
ATOM 444 O O   . ALA A 1 65 ? -9.76512  0.27387   -5.30040  1.000 93.65863  ? 65 ALA A O   1 
ATOM 445 C CB  . ALA A 1 65 ? -9.19473  -0.16742  -2.13475  1.000 63.25762  ? 65 ALA A CB  1 
ATOM 446 N N   . SER A 1 66 ? -8.59149  2.00000   -4.45984  1.000 80.87505  ? 66 SER A N   1 
ATOM 447 C CA  . SER A 1 66 ? -9.13630  2.94938   -5.42151  1.000 74.56377  ? 66 SER A CA  1 
ATOM 448 C C   . SER A 1 66 ? -8.64645  2.70342   -6.84101  1.000 82.08309  ? 66 SER A C   1 
ATOM 449 O O   . SER A 1 66 ? -9.23137  3.25076   -7.78212  1.000 96.71379  ? 66 SER A O   1 
ATOM 450 C CB  . SER A 1 66 ? -8.78796  4.37929   -5.00480  1.000 79.37750  ? 66 SER A CB  1 
ATOM 451 O OG  . SER A 1 66 ? -7.47380  4.72555   -5.40888  1.000 92.29484  ? 66 SER A OG  1 
ATOM 452 N N   . LYS A 1 67 ? -7.59346  1.90566   -7.02142  1.000 89.51167  ? 67 LYS A N   1 
ATOM 453 C CA  . LYS A 1 67 ? -7.02715  1.64213   -8.33718  1.000 89.13794  ? 67 LYS A CA  1 
ATOM 454 C C   . LYS A 1 67 ? -7.55397  0.35874   -8.96485  1.000 88.68789  ? 67 LYS A C   1 
ATOM 455 O O   . LYS A 1 67 ? -7.06926  -0.03959  -10.02849 1.000 99.96029  ? 67 LYS A O   1 
ATOM 456 C CB  . LYS A 1 67 ? -5.49804  1.58565   -8.25438  1.000 84.81900  ? 67 LYS A CB  1 
ATOM 457 C CG  . LYS A 1 67 ? -4.85361  2.89868   -7.84151  1.000 90.65654  ? 67 LYS A CG  1 
ATOM 458 C CD  . LYS A 1 67 ? -5.20814  4.01850   -8.80675  1.000 105.50832 ? 67 LYS A CD  1 
ATOM 459 C CE  . LYS A 1 67 ? -4.57151  5.33049   -8.38407  1.000 111.03267 ? 67 LYS A CE  1 
ATOM 460 N NZ  . LYS A 1 67 ? -4.90189  6.43144   -9.32905  1.000 118.63358 ? 67 LYS A NZ  1 
ATOM 461 N N   . LEU A 1 68 ? -8.52562  -0.29400  -8.33820  1.000 91.89431  ? 68 LEU A N   1 
ATOM 462 C CA  . LEU A 1 68 ? -9.13352  -1.47820  -8.92715  1.000 98.36088  ? 68 LEU A CA  1 
ATOM 463 C C   . LEU A 1 68 ? -10.65127 -1.43039  -8.75889  1.000 96.58698  ? 68 LEU A C   1 
ATOM 464 O O   . LEU A 1 68 ? -11.39997 -2.12842  -9.44423  1.000 103.31147 ? 68 LEU A O   1 
ATOM 465 C CB  . LEU A 1 68 ? -8.54049  -2.75183  -8.30800  1.000 88.58339  ? 68 LEU A CB  1 
ATOM 466 C CG  . LEU A 1 68 ? -8.61143  -3.00311  -6.79715  1.000 88.73867  ? 68 LEU A CG  1 
ATOM 467 C CD1 . LEU A 1 68 ? -9.91495  -3.68812  -6.39659  1.000 95.87637  ? 68 LEU A CD1 1 
ATOM 468 C CD2 . LEU A 1 68 ? -7.40904  -3.82292  -6.33603  1.000 73.10785  ? 68 LEU A CD2 1 
# 
loop_
_atom_site_anisotrop.id 
_atom_site_anisotrop.type_symbol 
_atom_site_anisotrop.pdbx_label_atom_id 
_atom_site_anisotrop.pdbx_label_alt_id 
_atom_site_anisotrop.pdbx_label_comp_id 
_atom_site_anisotrop.pdbx_label_asym_id 
_atom_site_anisotrop.pdbx_label_seq_id 
_atom_site_anisotrop.pdbx_PDB_ins_code 
_atom_site_anisotrop.U[1][1] 
_atom_site_anisotrop.U[2][2] 
_atom_site_anisotrop.U[3][3] 
_atom_site_anisotrop.U[1][2] 
_atom_site_anisotrop.U[1][3] 
_atom_site_anisotrop.U[2][3] 
_atom_site_anisotrop.pdbx_auth_seq_id 
_atom_site_anisotrop.pdbx_auth_comp_id 
_atom_site_anisotrop.pdbx_auth_asym_id 
_atom_site_anisotrop.pdbx_auth_atom_id 
1   N N   . PRO A 9  ? 1.23482 1.08039 1.13433 -0.14670 0.03284  -0.19106 9  PRO A N   
2   C CA  . PRO A 9  ? 0.99642 0.86444 0.89728 -0.13093 0.04590  -0.17315 9  PRO A CA  
3   C C   . PRO A 9  ? 1.10660 0.97597 0.93517 -0.15268 0.02617  -0.15673 9  PRO A C   
4   O O   . PRO A 9  ? 1.29012 1.13999 1.04764 -0.17744 0.04190  -0.17793 9  PRO A O   
5   C CB  . PRO A 9  ? 0.93169 0.78814 0.84081 -0.12661 0.09322  -0.20644 9  PRO A CB  
6   C CG  . PRO A 9  ? 1.27585 1.09605 1.14455 -0.15295 0.10642  -0.24741 9  PRO A CG  
7   C CD  . PRO A 9  ? 1.11942 0.93552 1.00820 -0.15699 0.06949  -0.23745 9  PRO A CD  
8   N N   . ILE A 10 ? 1.04918 0.94027 0.89884 -0.14467 -0.00603 -0.11865 10 ILE A N   
9   C CA  . ILE A 10 ? 0.97865 0.87325 0.77829 -0.16446 -0.03227 -0.09510 10 ILE A CA  
10  C C   . ILE A 10 ? 0.98978 0.90071 0.78901 -0.15060 -0.01288 -0.08451 10 ILE A C   
11  O O   . ILE A 10 ? 0.93192 0.86115 0.78922 -0.12081 0.00059  -0.07618 10 ILE A O   
12  C CB  . ILE A 10 ? 0.97547 0.88442 0.81600 -0.16264 -0.07517 -0.05887 10 ILE A CB  
13  C CG1 . ILE A 10 ? 0.93459 0.82829 0.78581 -0.17599 -0.09588 -0.06751 10 ILE A CG1 
14  C CG2 . ILE A 10 ? 1.03596 0.94744 0.83640 -0.18543 -0.10719 -0.03040 10 ILE A CG2 
15  C CD1 . ILE A 10 ? 0.98741 0.89272 0.92055 -0.14715 -0.08522 -0.06709 10 ILE A CD1 
16  N N   . VAL A 11 ? 1.07862 0.98098 0.80866 -0.17536 -0.01305 -0.08355 11 VAL A N   
17  C CA  . VAL A 11 ? 1.05361 0.96910 0.77854 -0.16726 0.00531  -0.07397 11 VAL A CA  
18  C C   . VAL A 11 ? 1.01884 0.94169 0.71622 -0.18453 -0.03091 -0.03762 11 VAL A C   
19  O O   . VAL A 11 ? 1.16117 1.06792 0.79726 -0.21886 -0.05714 -0.03172 11 VAL A O   
20  C CB  . VAL A 11 ? 0.95112 0.84954 0.62568 -0.18128 0.04857  -0.10737 11 VAL A CB  
21  C CG1 . VAL A 11 ? 1.08756 0.99531 0.73358 -0.18751 0.05735  -0.09101 11 VAL A CG1 
22  C CG2 . VAL A 11 ? 0.87734 0.77759 0.61441 -0.15455 0.08640  -0.13345 11 VAL A CG2 
23  N N   . ILE A 12 ? 0.98873 0.93347 0.73271 -0.16305 -0.03462 -0.01244 12 ILE A N   
24  C CA  . ILE A 12 ? 1.02132 0.97499 0.76169 -0.17476 -0.06783 0.02509  12 ILE A CA  
25  C C   . ILE A 12 ? 1.01085 0.97420 0.74775 -0.16799 -0.04820 0.03209  12 ILE A C   
26  O O   . ILE A 12 ? 0.91016 0.88479 0.69455 -0.13926 -0.02472 0.02479  12 ILE A O   
27  C CB  . ILE A 12 ? 0.97226 0.94190 0.79164 -0.15483 -0.09477 0.05168  12 ILE A CB  
28  C CG1 . ILE A 12 ? 0.97993 0.94148 0.80769 -0.16655 -0.12109 0.05278  12 ILE A CG1 
29  C CG2 . ILE A 12 ? 1.02678 1.00723 0.86540 -0.16061 -0.12186 0.08977  12 ILE A CG2 
30  C CD1 . ILE A 12 ? 1.05453 1.01565 0.92081 -0.14407 -0.09939 0.02850  12 ILE A CD1 
31  N N   . ASP A 13 ? 1.08412 1.04190 0.76337 -0.19716 -0.06039 0.04867  13 ASP A N   
32  C CA  . ASP A 13 ? 1.10405 1.07270 0.78814 -0.19289 -0.04890 0.06375  13 ASP A CA  
33  C C   . ASP A 13 ? 1.23225 1.21829 0.98805 -0.17487 -0.07722 0.09818  13 ASP A C   
34  O O   . ASP A 13 ? 1.09196 1.07926 0.86757 -0.18437 -0.11550 0.12408  13 ASP A O   
35  C CB  . ASP A 13 ? 1.32792 1.28387 0.92429 -0.23348 -0.05279 0.07396  13 ASP A CB  
36  C CG  . ASP A 13 ? 1.43631 1.37380 0.96548 -0.24878 -0.00712 0.03407  13 ASP A CG  
37  O OD1 . ASP A 13 ? 1.28565 1.22351 0.85143 -0.22430 0.02642  0.00152  13 ASP A OD1 
38  O OD2 . ASP A 13 ? 1.50138 1.42249 0.94262 -0.28701 -0.00365 0.03593  13 ASP A OD2 
39  N N   . LEU A 14 ? 1.09048 1.08811 0.89108 -0.14987 -0.05784 0.09785  14 LEU A N   
40  C CA  . LEU A 14 ? 1.06939 1.07856 0.93843 -0.13209 -0.07588 0.12309  14 LEU A CA  
41  C C   . LEU A 14 ? 1.09021 1.10395 0.95332 -0.14369 -0.08296 0.14827  14 LEU A C   
42  O O   . LEU A 14 ? 1.18032 1.19603 1.05533 -0.15923 -0.11675 0.18201  14 LEU A O   
43  C CB  . LEU A 14 ? 0.93795 0.95177 0.86005 -0.09805 -0.05309 0.10403  14 LEU A CB  
44  C CG  . LEU A 14 ? 0.84951 0.85990 0.78477 -0.08619 -0.04705 0.08429  14 LEU A CG  
45  C CD1 . LEU A 14 ? 0.80799 0.82102 0.78827 -0.05794 -0.02938 0.07247  14 LEU A CD1 
46  C CD2 . LEU A 14 ? 0.88071 0.89101 0.83576 -0.09508 -0.07740 0.10231  14 LEU A CD2 
47  N N   . ASN A 15 ? 1.07362 1.08986 0.92718 -0.13722 -0.05390 0.13595  15 ASN A N   
48  C CA  . ASN A 15 ? 1.07551 1.09614 0.92301 -0.14934 -0.05675 0.15921  15 ASN A CA  
49  C C   . ASN A 15 ? 1.05974 1.08698 0.97724 -0.13751 -0.08275 0.18778  15 ASN A C   
50  O O   . ASN A 15 ? 1.00532 1.03455 0.92509 -0.15622 -0.10842 0.22203  15 ASN A O   
51  C CB  . ASN A 15 ? 1.13332 1.14630 0.90185 -0.18940 -0.06732 0.17503  15 ASN A CB  
52  C CG  . ASN A 15 ? 1.26867 1.26935 0.96624 -0.20334 -0.03546 0.14057  15 ASN A CG  
53  O OD1 . ASN A 15 ? 1.29052 1.29262 1.00471 -0.18358 0.00138  0.10973  15 ASN A OD1 
54  N ND2 . ASN A 15 ? 1.34826 1.33447 0.96904 -0.23938 -0.05055 0.14594  15 ASN A ND2 
55  N N   . LYS A 16 ? 1.07279 1.10105 1.04834 -0.10788 -0.07491 0.17328  16 LYS A N   
56  C CA  . LYS A 16 ? 0.87810 0.90745 0.92473 -0.09378 -0.08875 0.19008  16 LYS A CA  
57  C C   . LYS A 16 ? 0.79055 0.81648 0.86415 -0.06934 -0.06455 0.16652  16 LYS A C   
58  O O   . LYS A 16 ? 1.06354 1.08705 1.11759 -0.05884 -0.04429 0.13963  16 LYS A O   
59  C CB  . LYS A 16 ? 0.84536 0.87378 0.93774 -0.08777 -0.10746 0.19820  16 LYS A CB  
60  C CG  . LYS A 16 ? 1.07991 1.10792 1.25445 -0.07847 -0.12152 0.21961  16 LYS A CG  
61  C CD  . LYS A 16 ? 0.96103 0.99402 1.14443 -0.10262 -0.15438 0.26195  16 LYS A CD  
62  C CE  . LYS A 16 ? 0.91624 0.94738 1.19016 -0.09138 -0.16259 0.28056  16 LYS A CE  
63  N NZ  . LYS A 16 ? 0.84024 0.86537 1.11587 -0.07682 -0.13715 0.26038  16 LYS A NZ  
64  N N   . THR A 17 ? 0.66598 0.68952 0.78553 -0.06278 -0.06961 0.17810  17 THR A N   
65  C CA  . THR A 17 ? 0.80494 0.82045 0.94374 -0.04540 -0.05239 0.15779  17 THR A CA  
66  C C   . THR A 17 ? 0.76213 0.76510 0.95331 -0.02936 -0.05176 0.15011  17 THR A C   
67  O O   . THR A 17 ? 0.78110 0.78404 1.01649 -0.03052 -0.06534 0.16747  17 THR A O   
68  C CB  . THR A 17 ? 0.82138 0.83925 0.96840 -0.05219 -0.05369 0.17119  17 THR A CB  
69  O OG1 . THR A 17 ? 1.04936 1.06490 1.24646 -0.05573 -0.07314 0.19665  17 THR A OG1 
70  C CG2 . THR A 17 ? 0.91809 0.94739 1.01465 -0.07175 -0.04872 0.18107  17 THR A CG2 
71  N N   . ILE A 18 ? 0.97853 0.96902 1.16586 -0.01637 -0.03508 0.12427  18 ILE A N   
72  C CA  . ILE A 18 ? 0.89802 0.87004 1.11984 -0.00390 -0.02547 0.10908  18 ILE A CA  
73  C C   . ILE A 18 ? 0.83302 0.78830 1.04988 -0.00097 -0.01891 0.09355  18 ILE A C   
74  O O   . ILE A 18 ? 0.69108 0.64479 0.86964 -0.00119 -0.01423 0.08043  18 ILE A O   
75  C CB  . ILE A 18 ? 0.83690 0.80464 1.04196 0.00403  -0.01154 0.09047  18 ILE A CB  
76  C CG1 . ILE A 18 ? 0.87182 0.85394 1.09194 -0.00001 -0.02185 0.10702  18 ILE A CG1 
77  C CG2 . ILE A 18 ? 0.90853 0.85248 1.13549 0.01366  0.00690  0.07016  18 ILE A CG2 
78  C CD1 . ILE A 18 ? 0.80497 0.78958 0.99655 0.00350  -0.01249 0.09315  18 ILE A CD1 
79  N N   . GLU A 19 ? 0.87380 0.81522 1.13493 0.00039  -0.02091 0.09614  19 GLU A N   
80  C CA  . GLU A 19 ? 0.94371 0.86457 1.20067 0.00002  -0.01829 0.08063  19 GLU A CA  
81  C C   . GLU A 19 ? 0.94294 0.83235 1.20367 0.00615  0.00058  0.05146  19 GLU A C   
82  O O   . GLU A 19 ? 1.10844 0.97608 1.40613 0.00661  0.00496  0.04345  19 GLU A O   
83  C CB  . GLU A 19 ? 1.09093 1.01438 1.39174 -0.00580 -0.03276 0.10178  19 GLU A CB  
84  C CG  . GLU A 19 ? 1.07818 1.03007 1.36650 -0.01615 -0.04637 0.13090  19 GLU A CG  
85  C CD  . GLU A 19 ? 1.27441 1.23316 1.61228 -0.02406 -0.06262 0.16251  19 GLU A CD  
86  O OE1 . GLU A 19 ? 1.22896 1.16963 1.61876 -0.02027 -0.06459 0.16007  19 GLU A OE1 
87  O OE2 . GLU A 19 ? 1.19834 1.17852 1.52198 -0.03625 -0.07338 0.18999  19 GLU A OE2 
88  N N   . ARG A 20 ? 0.93615 0.82087 1.15787 0.00919  0.01440  0.03457  20 ARG A N   
89  C CA  . ARG A 20 ? 0.88140 0.73521 1.09539 0.01183  0.03884  0.00633  20 ARG A CA  
90  C C   . ARG A 20 ? 0.83220 0.65643 0.99387 0.00214  0.03839  -0.01582 20 ARG A C   
91  O O   . ARG A 20 ? 0.89079 0.72174 1.00596 -0.00385 0.02482  -0.01291 20 ARG A O   
92  C CB  . ARG A 20 ? 0.93292 0.79434 1.12565 0.01624  0.05302  0.00165  20 ARG A CB  
93  C CG  . ARG A 20 ? 0.97834 0.80987 1.16890 0.01803  0.08577  -0.02505 20 ARG A CG  
94  C CD  . ARG A 20 ? 1.13245 0.96147 1.40807 0.02666  0.10148  -0.02206 20 ARG A CD  
95  N NE  . ARG A 20 ? 1.23355 1.03262 1.51363 0.02844  0.14236  -0.05101 20 ARG A NE  
96  C CZ  . ARG A 20 ? 1.21417 1.01890 1.49692 0.03266  0.16325  -0.05354 20 ARG A CZ  
97  N NH1 . ARG A 20 ? 1.12003 0.95784 1.40153 0.03568  0.14394  -0.03000 20 ARG A NH1 
98  N NH2 . ARG A 20 ? 1.14981 0.92416 1.43613 0.03238  0.20697  -0.08183 20 ARG A NH2 
99  N N   . ASP A 21 ? 0.91983 0.70928 1.09352 -0.00107 0.05209  -0.03750 21 ASP A N   
100 C CA  . ASP A 21 ? 0.91427 0.66676 1.03139 -0.01542 0.05025  -0.06174 21 ASP A CA  
101 C C   . ASP A 21 ? 0.86254 0.62689 0.96939 -0.02335 0.01620  -0.04461 21 ASP A C   
102 O O   . ASP A 21 ? 0.86656 0.61384 0.91843 -0.03691 0.00244  -0.05271 21 ASP A O   
103 C CB  . ASP A 21 ? 1.06884 0.80293 1.11086 -0.02361 0.06415  -0.08049 21 ASP A CB  
104 C CG  . ASP A 21 ? 0.94724 0.64799 0.98550 -0.02375 0.10572  -0.11076 21 ASP A CG  
105 O OD1 . ASP A 21 ? 0.92173 0.59067 0.98333 -0.02675 0.12160  -0.13232 21 ASP A OD1 
106 O OD2 . ASP A 21 ? 1.00348 0.70862 1.01983 -0.02128 0.12539  -0.11383 21 ASP A OD2 
107 N N   . GLY A 22 ? 0.93026 0.72358 1.09218 -0.01718 0.00158  -0.01829 22 GLY A N   
108 C CA  . GLY A 22 ? 0.88108 0.68674 1.04681 -0.02430 -0.02463 -0.00112 22 GLY A CA  
109 C C   . GLY A 22 ? 0.85677 0.69397 1.00139 -0.02423 -0.03591 0.01690  22 GLY A C   
110 O O   . GLY A 22 ? 1.01401 0.85903 1.16378 -0.03104 -0.05426 0.02872  22 GLY A O   
111 N N   . ARG A 23 ? 0.86626 0.72114 0.99505 -0.01690 -0.02437 0.01900  23 ARG A N   
112 C CA  . ARG A 23 ? 0.85576 0.73804 0.97085 -0.01619 -0.03039 0.03247  23 ARG A CA  
113 C C   . ARG A 23 ? 0.86215 0.77629 1.00441 -0.01039 -0.02594 0.05213  23 ARG A C   
114 O O   . ARG A 23 ? 0.98824 0.90727 1.13534 -0.00473 -0.01618 0.05232  23 ARG A O   
115 C CB  . ARG A 23 ? 0.92962 0.80509 1.00244 -0.01560 -0.02283 0.02023  23 ARG A CB  
116 C CG  . ARG A 23 ? 1.08109 0.92853 1.11263 -0.02811 -0.03479 0.00861  23 ARG A CG  
117 C CD  . ARG A 23 ? 1.05954 0.87360 1.04941 -0.03224 -0.01763 -0.01511 23 ARG A CD  
118 N NE  . ARG A 23 ? 1.00151 0.82906 0.99668 -0.02086 0.00464  -0.01657 23 ARG A NE  
119 C CZ  . ARG A 23 ? 1.04408 0.84966 1.01241 -0.02213 0.02729  -0.03463 23 ARG A CZ  
120 N NH1 . ARG A 23 ? 1.10710 0.87223 1.02812 -0.03638 0.03379  -0.05605 23 ARG A NH1 
121 N NH2 . ARG A 23 ? 0.96256 0.78482 0.95026 -0.01113 0.04499  -0.03158 23 ARG A NH2 
122 N N   . LYS A 24 ? 0.87267 0.80674 1.03126 -0.01457 -0.03307 0.06945  24 LYS A N   
123 C CA  . LYS A 24 ? 0.89363 0.85448 1.05906 -0.01545 -0.02792 0.08706  24 LYS A CA  
124 C C   . LYS A 24 ? 0.92482 0.89791 1.06234 -0.01278 -0.01821 0.08077  24 LYS A C   
125 O O   . LYS A 24 ? 0.98684 0.96219 1.11804 -0.01287 -0.01691 0.07541  24 LYS A O   
126 C CB  . LYS A 24 ? 0.99841 0.97412 1.18444 -0.02329 -0.03133 0.10518  24 LYS A CB  
127 C CG  . LYS A 24 ? 1.28682 1.25645 1.50760 -0.02760 -0.04146 0.11926  24 LYS A CG  
128 C CD  . LYS A 24 ? 1.34367 1.33018 1.58413 -0.03686 -0.04179 0.13962  24 LYS A CD  
129 C CE  . LYS A 24 ? 1.25466 1.23671 1.53391 -0.04244 -0.05367 0.15832  24 LYS A CE  
130 N NZ  . LYS A 24 ? 1.17610 1.17392 1.47696 -0.05270 -0.05224 0.17952  24 LYS A NZ  
131 N N   . VAL A 25 ? 0.95471 0.93482 1.08335 -0.01129 -0.01371 0.08323  25 VAL A N   
132 C CA  . VAL A 25 ? 0.83780 0.82714 0.94213 -0.00981 -0.00526 0.07618  25 VAL A CA  
133 C C   . VAL A 25 ? 0.84619 0.85021 0.94138 -0.01872 -0.00566 0.09027  25 VAL A C   
134 O O   . VAL A 25 ? 0.86841 0.87171 0.96866 -0.01935 -0.01270 0.09681  25 VAL A O   
135 C CB  . VAL A 25 ? 0.79284 0.76952 0.88822 -0.00196 -0.00198 0.06232  25 VAL A CB  
136 C CG1 . VAL A 25 ? 0.78284 0.76921 0.85943 -0.00103 0.00491  0.05652  25 VAL A CG1 
137 C CG2 . VAL A 25 ? 0.81287 0.76906 0.90215 0.00024  -0.00345 0.04976  25 VAL A CG2 
138 N N   . LYS A 26 ? 0.84527 0.86120 0.92777 -0.02830 0.00191  0.09591  26 LYS A N   
139 C CA  . LYS A 26 ? 0.90551 0.93063 0.96040 -0.04340 0.00241  0.10751  26 LYS A CA  
140 C C   . LYS A 26 ? 0.86726 0.89293 0.89286 -0.04426 0.01225  0.09128  26 LYS A C   
141 O O   . LYS A 26 ? 0.91053 0.93789 0.93261 -0.04133 0.03004  0.07567  26 LYS A O   
142 C CB  . LYS A 26 ? 0.94010 0.97387 0.98677 -0.05676 0.01311  0.11821  26 LYS A CB  
143 C CG  . LYS A 26 ? 1.02813 1.06666 1.02935 -0.07953 0.01449  0.13118  26 LYS A CG  
144 C CD  . LYS A 26 ? 1.11701 1.15637 1.08016 -0.08754 0.04240  0.11076  26 LYS A CD  
145 C CE  . LYS A 26 ? 1.13714 1.17500 1.03870 -0.11652 0.04565  0.12119  26 LYS A CE  
146 N NZ  . LYS A 26 ? 1.01765 1.05056 0.89763 -0.12638 0.01377  0.13588  26 LYS A NZ  
147 N N   . LEU A 27 ? 0.81481 0.83887 0.82890 -0.04862 -0.00054 0.09628  27 LEU A N   
148 C CA  . LEU A 27 ? 0.83815 0.86036 0.82877 -0.04992 0.00514  0.08106  27 LEU A CA  
149 C C   . LEU A 27 ? 0.86843 0.89151 0.81115 -0.07031 0.01682  0.07686  27 LEU A C   
150 O O   . LEU A 27 ? 0.97501 1.00009 0.89259 -0.08887 0.01170  0.09355  27 LEU A O   
151 C CB  . LEU A 27 ? 0.73838 0.75806 0.74054 -0.04930 -0.01426 0.08978  27 LEU A CB  
152 C CG  . LEU A 27 ? 0.80084 0.81538 0.84067 -0.02987 -0.01368 0.08252  27 LEU A CG  
153 C CD1 . LEU A 27 ? 0.82381 0.83264 0.88554 -0.01805 -0.00682 0.07861  27 LEU A CD1 
154 C CD2 . LEU A 27 ? 0.73968 0.75426 0.80994 -0.03136 -0.03148 0.09919  27 LEU A CD2 
155 N N   . VAL A 28 ? 0.87769 0.89714 0.80675 -0.06878 0.03434  0.05372  28 VAL A N   
156 C CA  . VAL A 28 ? 0.90168 0.91617 0.78423 -0.08810 0.05528  0.03990  28 VAL A CA  
157 C C   . VAL A 28 ? 0.92983 0.93430 0.77885 -0.09904 0.04823  0.02819  28 VAL A C   
158 O O   . VAL A 28 ? 0.95760 0.95394 0.75043 -0.12545 0.04107  0.03243  28 VAL A O   
159 C CB  . VAL A 28 ? 0.81515 0.83135 0.72238 -0.07871 0.08921  0.01936  28 VAL A CB  
160 C CG1 . VAL A 28 ? 0.85183 0.85811 0.71594 -0.09747 0.11954  -0.00350 28 VAL A CG1 
161 C CG2 . VAL A 28 ? 0.73923 0.76477 0.67518 -0.07462 0.09496  0.03331  28 VAL A CG2 
162 N N   . ARG A 29 ? 0.83617 0.83921 0.71593 -0.08200 0.04760  0.01529  29 ARG A N   
163 C CA  . ARG A 29 ? 0.77595 0.76846 0.63159 -0.09163 0.04437  0.00059  29 ARG A CA  
164 C C   . ARG A 29 ? 0.84594 0.84110 0.74778 -0.07093 0.03343  0.00011  29 ARG A C   
165 O O   . ARG A 29 ? 0.88821 0.88943 0.83147 -0.05051 0.03901  0.00147  29 ARG A O   
166 C CB  . ARG A 29 ? 0.91877 0.90034 0.75189 -0.10017 0.07886  -0.03006 29 ARG A CB  
167 C CG  . ARG A 29 ? 1.02795 0.99189 0.81626 -0.12000 0.07703  -0.04850 29 ARG A CG  
168 C CD  . ARG A 29 ? 1.20939 1.16019 0.99532 -0.12256 0.11853  -0.08464 29 ARG A CD  
169 N NE  . ARG A 29 ? 1.22220 1.17894 1.01976 -0.12002 0.15155  -0.08878 29 ARG A NE  
170 C CZ  . ARG A 29 ? 1.39250 1.34217 1.13224 -0.14439 0.16967  -0.09101 29 ARG A CZ  
171 N NH1 . ARG A 29 ? 1.38119 1.31562 1.03760 -0.17620 0.15453  -0.08837 29 ARG A NH1 
172 N NH2 . ARG A 29 ? 1.39225 1.34982 1.15833 -0.13918 0.20210  -0.09324 29 ARG A NH2 
173 N N   . ALA A 30 ? 0.84703 0.83608 0.73829 -0.07952 0.01686  -0.00052 30 ALA A N   
174 C CA  . ALA A 30 ? 0.80771 0.79825 0.74004 -0.06354 0.00985  -0.00133 30 ALA A CA  
175 C C   . ALA A 30 ? 0.81545 0.79372 0.73263 -0.07301 0.01554  -0.02303 30 ALA A C   
176 O O   . ALA A 30 ? 0.81266 0.78079 0.68874 -0.09613 0.00193  -0.02512 30 ALA A O   
177 C CB  . ALA A 30 ? 0.81160 0.80789 0.76740 -0.06269 -0.01751 0.02335  30 ALA A CB  
178 N N   . THR A 31 ? 0.92467 0.90177 0.87520 -0.05767 0.03281  -0.03807 31 THR A N   
179 C CA  . THR A 31 ? 0.85792 0.82211 0.80821 -0.06376 0.04127  -0.06077 31 THR A CA  
180 C C   . THR A 31 ? 0.83042 0.79804 0.82108 -0.05280 0.02531  -0.05069 31 THR A C   
181 O O   . THR A 31 ? 0.74607 0.72066 0.77831 -0.03422 0.03133  -0.04463 31 THR A O   
182 C CB  . THR A 31 ? 0.85490 0.81517 0.82847 -0.05554 0.07273  -0.08208 31 THR A CB  
183 O OG1 . THR A 31 ? 0.96712 0.92596 0.90985 -0.06528 0.09206  -0.08950 31 THR A OG1 
184 C CG2 . THR A 31 ? 0.91889 0.86212 0.89733 -0.06305 0.08433  -0.10890 31 THR A CG2 
185 N N   . ILE A 32 ? 0.81351 0.77540 0.79092 -0.06718 0.00366  -0.04656 32 ILE A N   
186 C CA  . ILE A 32 ? 0.84951 0.81614 0.87028 -0.05898 -0.01114 -0.03385 32 ILE A CA  
187 C C   . ILE A 32 ? 0.85500 0.80916 0.89097 -0.06092 -0.00373 -0.05455 32 ILE A C   
188 O O   . ILE A 32 ? 0.90908 0.84574 0.90961 -0.07992 -0.00196 -0.07693 32 ILE A O   
189 C CB  . ILE A 32 ? 0.77305 0.74199 0.78990 -0.07345 -0.04248 -0.01346 32 ILE A CB  
190 C CG1 . ILE A 32 ? 0.77814 0.75538 0.77741 -0.07682 -0.05073 0.00486  32 ILE A CG1 
191 C CG2 . ILE A 32 ? 0.81695 0.79550 0.89419 -0.06054 -0.05103 0.00432  32 ILE A CG2 
192 C CD1 . ILE A 32 ? 0.87712 0.86740 0.91251 -0.05326 -0.03715 0.01677  32 ILE A CD1 
193 N N   . THR A 33 ? 0.80753 0.76813 0.89385 -0.04359 0.00146  -0.04754 33 THR A N   
194 C CA  . THR A 33 ? 0.77573 0.72626 0.89211 -0.04366 0.00528  -0.06090 33 THR A CA  
195 C C   . THR A 33 ? 0.80827 0.76571 0.96273 -0.04055 -0.01188 -0.04043 33 THR A C   
196 O O   . THR A 33 ? 0.74026 0.70977 0.92478 -0.02552 -0.00716 -0.02079 33 THR A O   
197 C CB  . THR A 33 ? 0.97258 0.92410 1.12343 -0.02822 0.02625  -0.06615 33 THR A CB  
198 O OG1 . THR A 33 ? 1.09530 1.04074 1.22418 -0.03165 0.04541  -0.08607 33 THR A OG1 
199 C CG2 . THR A 33 ? 0.90028 0.84223 1.09550 -0.02756 0.02766  -0.07500 33 THR A CG2 
200 N N   . VAL A 34 ? 0.82119 0.76900 0.97239 -0.05717 -0.03111 -0.04503 34 VAL A N   
201 C CA  . VAL A 34 ? 0.73318 0.68814 0.92956 -0.05673 -0.04877 -0.02443 34 VAL A CA  
202 C C   . VAL A 34 ? 0.72465 0.67018 0.95936 -0.05552 -0.04513 -0.03440 34 VAL A C   
203 O O   . VAL A 34 ? 0.80412 0.72986 1.02140 -0.06863 -0.04511 -0.06126 34 VAL A O   
204 C CB  . VAL A 34 ? 0.77874 0.73004 0.95831 -0.07839 -0.08066 -0.01602 34 VAL A CB  
205 C CG1 . VAL A 34 ? 0.74354 0.70206 0.98539 -0.07882 -0.09894 0.00495  34 VAL A CG1 
206 C CG2 . VAL A 34 ? 0.72083 0.68356 0.87849 -0.07835 -0.08648 0.00093  34 VAL A CG2 
207 N N   . ASP A 35 ? 0.75622 0.71382 1.04258 -0.04152 -0.03975 -0.01352 35 ASP A N   
208 C CA  . ASP A 35 ? 0.72237 0.67362 1.05553 -0.04004 -0.03844 -0.01527 35 ASP A CA  
209 C C   . ASP A 35 ? 0.79622 0.75634 1.17645 -0.04276 -0.05328 0.00829  35 ASP A C   
210 O O   . ASP A 35 ? 0.88241 0.85829 1.29022 -0.03091 -0.04208 0.03315  35 ASP A O   
211 C CB  . ASP A 35 ? 0.73276 0.68918 1.08728 -0.02388 -0.01804 -0.00715 35 ASP A CB  
212 C CG  . ASP A 35 ? 1.05447 1.00215 1.46040 -0.02386 -0.01792 -0.00899 35 ASP A CG  
213 O OD1 . ASP A 35 ? 1.15719 1.09281 1.58021 -0.03564 -0.03110 -0.02168 35 ASP A OD1 
214 O OD2 . ASP A 35 ? 1.18036 1.13167 1.61049 -0.01409 -0.00769 0.00401  35 ASP A OD2 
215 N N   . PRO A 36 ? 0.74813 0.69711 1.13995 -0.05992 -0.07721 0.00114  36 PRO A N   
216 C CA  . PRO A 36 ? 0.68443 0.64390 1.13345 -0.06344 -0.09389 0.02691  36 PRO A CA  
217 C C   . PRO A 36 ? 0.72646 0.69148 1.23724 -0.05346 -0.08139 0.04169  36 PRO A C   
218 O O   . PRO A 36 ? 0.76659 0.74495 1.33224 -0.05239 -0.08498 0.06740  36 PRO A O   
219 C CB  . PRO A 36 ? 0.74729 0.68813 1.18246 -0.08928 -0.12828 0.01246  36 PRO A CB  
220 C CG  . PRO A 36 ? 0.78883 0.70466 1.17829 -0.09611 -0.11823 -0.02590 36 PRO A CG  
221 C CD  . PRO A 36 ? 0.73220 0.65561 1.08617 -0.07921 -0.08857 -0.03209 36 PRO A CD  
222 N N   . GLU A 37 ? 0.83710 0.79302 1.34777 -0.04711 -0.06656 0.02915  37 GLU A N   
223 C CA  . GLU A 37 ? 0.86912 0.82831 1.43866 -0.04136 -0.05901 0.04623  37 GLU A CA  
224 C C   . GLU A 37 ? 0.79133 0.76681 1.36445 -0.02723 -0.03463 0.07348  37 GLU A C   
225 O O   . GLU A 37 ? 0.70641 0.68794 1.32514 -0.02549 -0.02771 0.09682  37 GLU A O   
226 C CB  . GLU A 37 ? 0.94326 0.88272 1.52331 -0.04345 -0.05789 0.02305  37 GLU A CB  
227 C CG  . GLU A 37 ? 1.06896 0.98431 1.62352 -0.06059 -0.07414 -0.01386 37 GLU A CG  
228 C CD  . GLU A 37 ? 1.33406 1.22660 1.91923 -0.06344 -0.06877 -0.03912 37 GLU A CD  
229 O OE1 . GLU A 37 ? 1.11970 1.01804 1.75575 -0.05147 -0.05769 -0.02235 37 GLU A OE1 
230 O OE2 . GLU A 37 ? 1.13260 0.99906 1.69103 -0.07975 -0.07555 -0.07562 37 GLU A OE2 
231 N N   . THR A 38 ? 0.79952 0.77987 1.32160 -0.01983 -0.02152 0.07100  38 THR A N   
232 C CA  . THR A 38 ? 0.70481 0.69535 1.21494 -0.01111 0.00101  0.09317  38 THR A CA  
233 C C   . THR A 38 ? 0.70601 0.70685 1.19784 -0.00797 0.01058  0.09915  38 THR A C   
234 O O   . THR A 38 ? 0.69932 0.70370 1.16966 -0.00268 0.03311  0.11092  38 THR A O   
235 C CB  . THR A 38 ? 0.82082 0.80529 1.29388 -0.00621 0.00826  0.08766  38 THR A CB  
236 O OG1 . THR A 38 ? 0.67837 0.65997 1.10685 -0.00467 0.00521  0.06523  38 THR A OG1 
237 C CG2 . THR A 38 ? 0.85667 0.83102 1.36621 -0.00828 -0.00041 0.08373  38 THR A CG2 
238 N N   . ASN A 39 ? 0.69052 0.69331 1.19075 -0.01342 -0.00708 0.09168  39 ASN A N   
239 C CA  . ASN A 39 ? 0.72712 0.73994 1.22813 -0.01087 -0.00204 0.10001  39 ASN A CA  
240 C C   . ASN A 39 ? 0.68872 0.69983 1.13163 -0.00345 0.01293  0.09129  39 ASN A C   
241 O O   . ASN A 39 ? 0.52876 0.54523 0.97179 0.00280  0.03359  0.10042  39 ASN A O   
242 C CB  . ASN A 39 ? 0.57049 0.59462 1.12857 -0.00710 0.01871  0.12436  39 ASN A CB  
243 C CG  . ASN A 39 ? 0.66509 0.69227 1.28972 -0.01468 0.00353  0.13639  39 ASN A CG  
244 O OD1 . ASN A 39 ? 0.74210 0.76244 1.37284 -0.02505 -0.02877 0.12594  39 ASN A OD1 
245 N ND2 . ASN A 39 ? 0.77346 0.80892 1.44620 -0.01175 0.02821  0.15761  39 ASN A ND2 
246 N N   . THR A 40 ? 0.72613 0.72840 1.12372 -0.00479 0.00466  0.07222  40 THR A N   
247 C CA  . THR A 40 ? 0.75838 0.75855 1.10593 0.00134  0.01620  0.06490  40 THR A CA  
248 C C   . THR A 40 ? 0.73953 0.73610 1.05243 -0.00414 0.00075  0.04713  40 THR A C   
249 O O   . THR A 40 ? 0.68088 0.66929 0.98899 -0.01330 -0.01355 0.03208  40 THR A O   
250 C CB  . THR A 40 ? 0.71974 0.71347 1.05125 0.00472  0.02519  0.06434  40 THR A CB  
251 O OG1 . THR A 40 ? 1.06718 1.05400 1.41969 0.00043  0.01303  0.05379  40 THR A OG1 
252 C CG2 . THR A 40 ? 0.66840 0.66338 1.01148 0.00627  0.04315  0.08568  40 THR A CG2 
253 N N   . ILE A 41 ? 0.67900 0.67905 0.96547 -0.00056 0.00597  0.04816  41 ILE A N   
254 C CA  . ILE A 41 ? 0.65384 0.65093 0.90135 -0.00651 -0.00476 0.03518  41 ILE A CA  
255 C C   . ILE A 41 ? 0.68768 0.68257 0.90157 0.00135  0.01016  0.02872  41 ILE A C   
256 O O   . ILE A 41 ? 0.59022 0.58723 0.80087 0.00889  0.02317  0.03800  41 ILE A O   
257 C CB  . ILE A 41 ? 0.73888 0.74267 0.99458 -0.01131 -0.01764 0.04692  41 ILE A CB  
258 C CG1 . ILE A 41 ? 0.72460 0.72900 1.01203 -0.02471 -0.04298 0.05453  41 ILE A CG1 
259 C CG2 . ILE A 41 ? 0.71019 0.71149 0.91924 -0.01675 -0.02374 0.03857  41 ILE A CG2 
260 C CD1 . ILE A 41 ? 0.67978 0.69277 1.03317 -0.01882 -0.03732 0.07305  41 ILE A CD1 
261 N N   . THR A 42 ? 0.77034 0.75890 0.96185 -0.00201 0.00964  0.01209  42 THR A N   
262 C CA  . THR A 42 ? 0.81442 0.80183 0.98485 0.00389  0.02003  0.00755  42 THR A CA  
263 C C   . THR A 42 ? 0.75102 0.73877 0.88800 -0.00206 0.01744  -0.00161 42 THR A C   
264 O O   . THR A 42 ? 0.72838 0.71122 0.84959 -0.01399 0.01055  -0.01362 42 THR A O   
265 C CB  . THR A 42 ? 0.77710 0.75876 0.96544 0.00555  0.02525  -0.00125 42 THR A CB  
266 O OG1 . THR A 42 ? 0.73865 0.71949 0.95986 0.00763  0.02392  0.01032  42 THR A OG1 
267 C CG2 . THR A 42 ? 0.82446 0.80668 1.00605 0.01140  0.03141  0.00245  42 THR A CG2 
268 N N   . ILE A 43 ? 0.70666 0.69778 0.82847 0.00335  0.02231  0.00440  43 ILE A N   
269 C CA  . ILE A 43 ? 0.74095 0.73393 0.83523 -0.00228 0.01937  0.00168  43 ILE A CA  
270 C C   . ILE A 43 ? 0.75845 0.75091 0.84415 0.00228  0.02980  -0.00351 43 ILE A C   
271 O O   . ILE A 43 ? 0.77444 0.76702 0.86425 0.00988  0.03206  0.00527  43 ILE A O   
272 C CB  . ILE A 43 ? 0.79329 0.79121 0.89141 -0.00085 0.01266  0.01710  43 ILE A CB  
273 C CG1 . ILE A 43 ? 0.78919 0.78968 0.91354 -0.00531 0.00090  0.02652  43 ILE A CG1 
274 C CG2 . ILE A 43 ? 0.69993 0.69987 0.77330 -0.00831 0.00665  0.01863  43 ILE A CG2 
275 C CD1 . ILE A 43 ? 0.76174 0.76724 0.91363 -0.00106 -0.00078 0.04281  43 ILE A CD1 
276 N N   . ASP A 44 ? 0.78518 0.77530 0.85911 -0.00444 0.03700  -0.01805 44 ASP A N   
277 C CA  . ASP A 44 ? 0.82058 0.81260 0.89471 -0.00172 0.04727  -0.02076 44 ASP A CA  
278 C C   . ASP A 44 ? 0.80055 0.79645 0.84489 -0.00849 0.04419  -0.01547 44 ASP A C   
279 O O   . ASP A 44 ? 0.84626 0.84010 0.86283 -0.02147 0.03922  -0.01806 44 ASP A O   
280 C CB  . ASP A 44 ? 0.97019 0.95730 1.05860 -0.00522 0.06448  -0.04018 44 ASP A CB  
281 C CG  . ASP A 44 ? 1.23275 1.22402 1.34352 -0.00047 0.07627  -0.03968 44 ASP A CG  
282 O OD1 . ASP A 44 ? 1.39493 1.39155 1.50440 0.00433  0.06682  -0.02395 44 ASP A OD1 
283 O OD2 . ASP A 44 ? 1.27832 1.26608 1.41319 -0.00233 0.09622  -0.05588 44 ASP A OD2 
284 N N   . ILE A 45 ? 0.71391 0.71321 0.76326 -0.00228 0.04373  -0.00596 45 ILE A N   
285 C CA  . ILE A 45 ? 0.78203 0.78497 0.81279 -0.00745 0.03916  0.00275  45 ILE A CA  
286 C C   . ILE A 45 ? 0.75092 0.75673 0.78864 -0.00711 0.04998  0.00082  45 ILE A C   
287 O O   . ILE A 45 ? 0.81656 0.82191 0.87652 0.00118  0.04782  0.00565  45 ILE A O   
288 C CB  . ILE A 45 ? 0.76777 0.76993 0.80578 -0.00090 0.02804  0.01646  45 ILE A CB  
289 C CG1 . ILE A 45 ? 0.70939 0.71124 0.75316 -0.00233 0.01958  0.02119  45 ILE A CG1 
290 C CG2 . ILE A 45 ? 0.73648 0.74122 0.76829 -0.00472 0.02339  0.02623  45 ILE A CG2 
291 C CD1 . ILE A 45 ? 0.79740 0.79725 0.85973 0.00399  0.01618  0.03215  45 ILE A CD1 
292 N N   . GLU A 46 ? 0.79012 0.79768 0.80796 -0.01874 0.06113  -0.00508 46 GLU A N   
293 C CA  . GLU A 46 ? 0.81067 0.82282 0.84077 -0.01981 0.07493  -0.00491 46 GLU A CA  
294 C C   . GLU A 46 ? 0.79141 0.80769 0.80726 -0.02446 0.06407  0.01207  46 GLU A C   
295 O O   . GLU A 46 ? 0.61276 0.62835 0.59834 -0.03516 0.05380  0.01990  46 GLU A O   
296 C CB  . GLU A 46 ? 0.74354 0.75316 0.76106 -0.03155 0.10212  -0.02308 46 GLU A CB  
297 C CG  . GLU A 46 ? 0.87579 0.88100 0.92987 -0.02484 0.11859  -0.04113 46 GLU A CG  
298 C CD  . GLU A 46 ? 1.08774 1.08169 1.11273 -0.03371 0.12140  -0.05820 46 GLU A CD  
299 O OE1 . GLU A 46 ? 1.12048 1.10675 1.09242 -0.05257 0.12930  -0.06768 46 GLU A OE1 
300 O OE2 . GLU A 46 ? 1.10494 1.09612 1.15751 -0.02438 0.11348  -0.06082 46 GLU A OE2 
301 N N   . TYR A 47 ? 0.77589 0.79542 0.81894 -0.01796 0.06283  0.01995  47 TYR A N   
302 C CA  . TYR A 47 ? 0.71622 0.73794 0.75630 -0.02126 0.05238  0.03567  47 TYR A CA  
303 C C   . TYR A 47 ? 0.87484 0.90218 0.94363 -0.02125 0.06238  0.03924  47 TYR A C   
304 O O   . TYR A 47 ? 0.87498 0.90285 0.97812 -0.01419 0.06671  0.03447  47 TYR A O   
305 C CB  . TYR A 47 ? 0.64309 0.65745 0.69202 -0.01216 0.03299  0.04282  47 TYR A CB  
306 C CG  . TYR A 47 ? 0.66239 0.67005 0.73221 -0.00305 0.02872  0.03929  47 TYR A CG  
307 C CD1 . TYR A 47 ? 0.71663 0.72030 0.78862 0.00204  0.02955  0.03158  47 TYR A CD1 
308 C CD2 . TYR A 47 ? 0.73520 0.73852 0.82093 -0.00275 0.02019  0.04610  47 TYR A CD2 
309 C CE1 . TYR A 47 ? 0.77073 0.76636 0.85546 0.00531  0.02047  0.03345  47 TYR A CE1 
310 C CE2 . TYR A 47 ? 0.76169 0.75519 0.85787 -0.00015 0.00992  0.04556  47 TYR A CE2 
311 C CZ  . TYR A 47 ? 0.76556 0.75530 0.85889 0.00287  0.00929  0.04067  47 TYR A CZ  
312 O OH  . TYR A 47 ? 0.81528 0.79356 0.91301 0.00068  -0.00583 0.04509  47 TYR A OH  
313 N N   . GLU A 48 ? 0.94820 0.98036 1.00948 -0.03065 0.06377  0.05134  48 GLU A N   
314 C CA  . GLU A 48 ? 0.84306 0.88188 0.93800 -0.03182 0.07224  0.05877  48 GLU A CA  
315 C C   . GLU A 48 ? 0.85167 0.88604 0.96032 -0.02862 0.04831  0.07388  48 GLU A C   
316 O O   . GLU A 48 ? 1.11131 1.14753 1.20930 -0.03681 0.04277  0.08780  48 GLU A O   
317 C CB  . GLU A 48 ? 1.01356 1.05959 1.08919 -0.04768 0.09764  0.06059  48 GLU A CB  
318 C CG  . GLU A 48 ? 1.19354 1.24867 1.31534 -0.04880 0.11430  0.06729  48 GLU A CG  
319 C CD  . GLU A 48 ? 1.29521 1.35365 1.42348 -0.05455 0.09941  0.09010  48 GLU A CD  
320 O OE1 . GLU A 48 ? 1.41343 1.46899 1.50263 -0.06363 0.08601  0.10146  48 GLU A OE1 
321 O OE2 . GLU A 48 ? 1.08058 1.14438 1.26008 -0.05092 0.09871  0.09887  48 GLU A OE2 
322 N N   . GLY A 49 ? 0.79605 0.82179 0.92686 -0.01914 0.03326  0.07126  49 GLY A N   
323 C CA  . GLY A 49 ? 0.97177 0.98658 1.11084 -0.01792 0.01323  0.07897  49 GLY A CA  
324 C C   . GLY A 49 ? 0.91281 0.91440 1.06559 -0.01380 -0.00196 0.07427  49 GLY A C   
325 O O   . GLY A 49 ? 0.91206 0.91704 1.08030 -0.01193 -0.00007 0.07136  49 GLY A O   
326 N N   . GLY A 50 ? 0.96359 0.94761 1.11074 -0.01458 -0.01800 0.07408  50 GLY A N   
327 C CA  . GLY A 50 ? 1.03725 1.00186 1.18143 -0.01726 -0.03614 0.06973  50 GLY A CA  
328 C C   . GLY A 50 ? 1.04349 0.99760 1.15655 -0.01474 -0.03636 0.05922  50 GLY A C   
329 O O   . GLY A 50 ? 0.97108 0.93635 1.07571 -0.00895 -0.02225 0.05533  50 GLY A O   
330 N N   . PRO A 51 ? 1.14418 1.07421 1.23529 -0.02200 -0.05336 0.05496  51 PRO A N   
331 C CA  . PRO A 51 ? 1.04540 0.96428 1.10360 -0.02338 -0.05449 0.04908  51 PRO A CA  
332 C C   . PRO A 51 ? 1.04058 0.95360 1.07060 -0.01675 -0.03482 0.03596  51 PRO A C   
333 O O   . PRO A 51 ? 1.05690 0.95562 1.07795 -0.01669 -0.02850 0.02723  51 PRO A O   
334 C CB  . PRO A 51 ? 1.04798 0.93755 1.07816 -0.03923 -0.07929 0.04920  51 PRO A CB  
335 C CG  . PRO A 51 ? 1.23732 1.11450 1.27267 -0.04302 -0.08330 0.04443  51 PRO A CG  
336 C CD  . PRO A 51 ? 1.21974 1.12733 1.30681 -0.03262 -0.07239 0.05461  51 PRO A CD  
337 N N   . ILE A 52 ? 0.99344 0.91720 1.01954 -0.01118 -0.02500 0.03547  52 ILE A N   
338 C CA  . ILE A 52 ? 0.86806 0.79030 0.88041 -0.00480 -0.00740 0.02673  52 ILE A CA  
339 C C   . ILE A 52 ? 0.95974 0.85749 0.93196 -0.01117 -0.00467 0.01849  52 ILE A C   
340 O O   . ILE A 52 ? 1.15526 1.04137 1.10596 -0.02158 -0.01972 0.02335  52 ILE A O   
341 C CB  . ILE A 52 ? 0.71287 0.65885 0.74305 0.00261  0.00156  0.03020  52 ILE A CB  
342 C CG1 . ILE A 52 ? 0.78548 0.73614 0.82046 0.00794  0.01317  0.02764  52 ILE A CG1 
343 C CG2 . ILE A 52 ? 0.74781 0.69273 0.76974 0.00189  0.00025  0.03089  52 ILE A CG2 
344 C CD1 . ILE A 52 ? 0.75754 0.72850 0.80375 0.00981  0.01662  0.03152  52 ILE A CD1 
345 N N   . THR A 53 ? 0.86281 0.75179 0.82698 -0.00718 0.01488  0.00811  53 THR A N   
346 C CA  . THR A 53 ? 0.79256 0.65655 0.71577 -0.01447 0.02754  -0.00227 53 THR A CA  
347 C C   . THR A 53 ? 0.72512 0.60123 0.66503 -0.00506 0.04736  -0.00259 53 THR A C   
348 O O   . THR A 53 ? 0.74895 0.65033 0.72690 0.00490  0.04595  0.00518  53 THR A O   
349 C CB  . THR A 53 ? 0.96063 0.79278 0.86117 -0.02157 0.03961  -0.01990 53 THR A CB  
350 O OG1 . THR A 53 ? 0.93556 0.77689 0.88393 -0.00935 0.05368  -0.02344 53 THR A OG1 
351 C CG2 . THR A 53 ? 0.95659 0.77282 0.83677 -0.03441 0.01527  -0.01929 53 THR A CG2 
352 N N   . LYS A 54 ? 0.88889 0.74460 0.79703 -0.01122 0.06608  -0.01136 54 LYS A N   
353 C CA  . LYS A 54 ? 0.87129 0.73758 0.80275 -0.00315 0.08654  -0.01048 54 LYS A CA  
354 C C   . LYS A 54 ? 0.78031 0.65246 0.76266 0.00783  0.10326  -0.01551 54 LYS A C   
355 O O   . LYS A 54 ? 0.75001 0.64302 0.77549 0.01663  0.10543  -0.00659 54 LYS A O   
356 C CB  . LYS A 54 ? 0.84322 0.68520 0.72749 -0.01476 0.10655  -0.01712 54 LYS A CB  
357 C CG  . LYS A 54 ? 1.06955 0.90775 0.91142 -0.02791 0.08485  -0.00417 54 LYS A CG  
358 C CD  . LYS A 54 ? 1.20429 1.01728 0.99175 -0.04347 0.10506  -0.00707 54 LYS A CD  
359 C CE  . LYS A 54 ? 1.13952 0.94908 0.89072 -0.05917 0.07689  0.01319  54 LYS A CE  
360 N NZ  . LYS A 54 ? 1.43754 1.22124 1.12634 -0.07892 0.09518  0.01455  54 LYS A NZ  
361 N N   . GLU A 55 ? 0.83147 0.68384 0.81444 0.00592  0.11226  -0.02810 55 GLU A N   
362 C CA  . GLU A 55 ? 0.89521 0.75359 0.94175 0.01607  0.12422  -0.02846 55 GLU A CA  
363 C C   . GLU A 55 ? 0.79406 0.68315 0.88104 0.02248  0.09670  -0.00823 55 GLU A C   
364 O O   . GLU A 55 ? 0.75922 0.66421 0.90082 0.02904  0.09632  0.00327  55 GLU A O   
365 C CB  . GLU A 55 ? 0.87527 0.70296 0.91791 0.01172  0.13923  -0.04764 55 GLU A CB  
366 C CG  . GLU A 55 ? 1.05025 0.84037 1.04543 0.00130  0.17406  -0.07274 55 GLU A CG  
367 C CD  . GLU A 55 ? 1.49046 1.24464 1.47815 -0.00533 0.19061  -0.09719 55 GLU A CD  
368 O OE1 . GLU A 55 ? 1.41058 1.17014 1.42532 -0.00243 0.16828  -0.09151 55 GLU A OE1 
369 O OE2 . GLU A 55 ? 1.53846 1.25698 1.49220 -0.01499 0.22812  -0.12318 55 GLU A OE2 
370 N N   . ASP A 56 ? 0.80959 0.70592 0.87077 0.01806  0.07341  -0.00220 56 ASP A N   
371 C CA  . ASP A 56 ? 0.73145 0.65326 0.81848 0.02013  0.05291  0.01483  56 ASP A CA  
372 C C   . ASP A 56 ? 0.70281 0.64575 0.79222 0.02142  0.04684  0.02405  56 ASP A C   
373 O O   . ASP A 56 ? 0.65967 0.61959 0.77331 0.02072  0.03560  0.03720  56 ASP A O   
374 C CB  . ASP A 56 ? 0.75662 0.67921 0.82215 0.01460  0.03673  0.01710  56 ASP A CB  
375 C CG  . ASP A 56 ? 0.99687 0.89579 1.05882 0.01081  0.03850  0.00743  56 ASP A CG  
376 O OD1 . ASP A 56 ? 0.95476 0.83156 1.01916 0.01153  0.05706  -0.00677 56 ASP A OD1 
377 O OD2 . ASP A 56 ? 1.04084 0.94167 1.10037 0.00633  0.02355  0.01255  56 ASP A OD2 
378 N N   . LEU A 57 ? 0.63427 0.57417 0.69711 0.02065  0.05190  0.01844  57 LEU A N   
379 C CA  . LEU A 57 ? 0.68080 0.63730 0.74985 0.02146  0.04707  0.02454  57 LEU A CA  
380 C C   . LEU A 57 ? 0.73155 0.69381 0.83759 0.02494  0.05337  0.02994  57 LEU A C   
381 O O   . LEU A 57 ? 0.72692 0.70401 0.84703 0.02276  0.04143  0.03851  57 LEU A O   
382 C CB  . LEU A 57 ? 0.71246 0.66351 0.75468 0.01939  0.04943  0.02051  57 LEU A CB  
383 C CG  . LEU A 57 ? 0.61312 0.56942 0.64271 0.01611  0.03624  0.02212  57 LEU A CG  
384 C CD1 . LEU A 57 ? 0.88534 0.83743 0.90398 0.01357  0.03452  0.02395  57 LEU A CD1 
385 C CD2 . LEU A 57 ? 0.62318 0.59751 0.66806 0.01612  0.03009  0.02481  57 LEU A CD2 
386 N N   . LEU A 58 ? 0.73332 0.68203 0.85806 0.02846  0.07289  0.02469  58 LEU A N   
387 C CA  . LEU A 58 ? 0.61897 0.57465 0.79899 0.03255  0.07979  0.03276  58 LEU A CA  
388 C C   . LEU A 58 ? 0.72571 0.69336 0.94984 0.03148  0.06048  0.04882  58 LEU A C   
389 O O   . LEU A 58 ? 0.72426 0.70485 0.99310 0.03019  0.04902  0.06442  58 LEU A O   
390 C CB  . LEU A 58 ? 0.55332 0.48938 0.74901 0.03622  0.11381  0.02041  58 LEU A CB  
391 C CG  . LEU A 58 ? 0.62082 0.54633 0.77936 0.03345  0.13387  0.01146  58 LEU A CG  
392 C CD1 . LEU A 58 ? 0.65061 0.55231 0.81609 0.03338  0.17458  -0.00382 58 LEU A CD1 
393 C CD2 . LEU A 58 ? 0.62796 0.57316 0.81258 0.03479  0.12477  0.02477  58 LEU A CD2 
394 N N   . GLU A 59 ? 0.79556 0.75851 1.00965 0.02968  0.05320  0.04857  59 GLU A N   
395 C CA  . GLU A 59 ? 0.78449 0.75844 1.03689 0.02555  0.03156  0.06874  59 GLU A CA  
396 C C   . GLU A 59 ? 0.64405 0.63529 0.86968 0.01458  0.00505  0.08261  59 GLU A C   
397 O O   . GLU A 59 ? 0.66671 0.66880 0.92360 0.00686  -0.01578 0.10332  59 GLU A O   
398 C CB  . GLU A 59 ? 0.74407 0.70766 0.99199 0.02535  0.03167  0.06536  59 GLU A CB  
399 C CG  . GLU A 59 ? 0.83000 0.79435 1.14717 0.02569  0.02350  0.08261  59 GLU A CG  
400 C CD  . GLU A 59 ? 1.08064 1.02943 1.45766 0.03561  0.05172  0.07170  59 GLU A CD  
401 O OE1 . GLU A 59 ? 1.18055 1.11416 1.52841 0.04011  0.08039  0.04778  59 GLU A OE1 
402 O OE2 . GLU A 59 ? 1.09959 1.05024 1.55539 0.03752  0.04668  0.08789  59 GLU A OE2 
403 N N   . ALA A 60 ? 0.73808 0.73015 0.90733 0.01149  0.00560  0.07149  60 ALA A N   
404 C CA  . ALA A 60 ? 0.90237 0.90533 1.04065 -0.00003 -0.00973 0.07643  60 ALA A CA  
405 C C   . ALA A 60 ? 0.96036 0.96709 1.10782 -0.00140 -0.01304 0.07640  60 ALA A C   
406 O O   . ALA A 60 ? 0.84734 0.85994 0.97818 -0.01477 -0.03032 0.08311  60 ALA A O   
407 C CB  . ALA A 60 ? 0.88405 0.88558 0.97733 -0.00067 -0.00131 0.06193  60 ALA A CB  
408 N N   . PHE A 61 ? 0.89853 0.89994 1.06806 0.00949  0.00394  0.06861  61 PHE A N   
409 C CA  . PHE A 61 ? 0.81212 0.81810 1.00511 0.00859  0.00101  0.07241  61 PHE A CA  
410 C C   . PHE A 61 ? 0.78364 0.79688 1.03521 0.00388  -0.01640 0.09463  61 PHE A C   
411 O O   . PHE A 61 ? 0.59754 0.61723 0.86226 -0.00544 -0.03549 0.10492  61 PHE A O   
412 C CB  . PHE A 61 ? 0.67685 0.67464 0.87604 0.01948  0.02729  0.06051  61 PHE A CB  
413 C CG  . PHE A 61 ? 0.60909 0.61127 0.85657 0.02134  0.03122  0.06854  61 PHE A CG  
414 C CD1 . PHE A 61 ? 0.61311 0.62268 0.86154 0.01437  0.01529  0.07273  61 PHE A CD1 
415 C CD2 . PHE A 61 ? 0.78228 0.77925 1.07810 0.02923  0.05391  0.07024  61 PHE A CD2 
416 C CE1 . PHE A 61 ? 0.66247 0.67699 0.96337 0.01549  0.01706  0.08238  61 PHE A CE1 
417 C CE2 . PHE A 61 ? 0.87962 0.88227 1.23085 0.03124  0.06118  0.07913  61 PHE A CE2 
418 C CZ  . PHE A 61 ? 0.78476 0.79732 1.14015 0.02444  0.04045  0.08712  61 PHE A CZ  
419 N N   . LYS A 62 ? 0.83817 0.84919 1.13142 0.00878  -0.01276 0.10344  62 LYS A N   
420 C CA  . LYS A 62 ? 0.67666 0.69571 1.03892 0.00275  -0.03505 0.13066  62 LYS A CA  
421 C C   . LYS A 62 ? 0.69989 0.72604 1.03155 -0.01791 -0.07379 0.15055  62 LYS A C   
422 O O   . LYS A 62 ? 0.77803 0.81119 1.13736 -0.03211 -0.10467 0.17370  62 LYS A O   
423 C CB  . LYS A 62 ? 0.63609 0.64883 1.05986 0.01340  -0.01893 0.13391  62 LYS A CB  
424 C CG  . LYS A 62 ? 0.86840 0.86829 1.31910 0.02930  0.02457  0.11247  62 LYS A CG  
425 C CD  . LYS A 62 ? 1.02812 1.02018 1.56048 0.03732  0.04035  0.11686  62 LYS A CD  
426 C CE  . LYS A 62 ? 1.15677 1.12502 1.65589 0.04571  0.07862  0.08592  62 LYS A CE  
427 N NZ  . LYS A 62 ? 1.31854 1.27376 1.90608 0.05472  0.10777  0.08163  62 LYS A NZ  
428 N N   . LEU A 63 ? 0.67588 0.69890 0.94874 -0.02264 -0.07313 0.14317  63 LEU A N   
429 C CA  . LEU A 63 ? 0.71600 0.74273 0.95109 -0.04535 -0.10393 0.16190  63 LEU A CA  
430 C C   . LEU A 63 ? 0.81795 0.84390 0.99667 -0.06269 -0.11734 0.15595  63 LEU A C   
431 O O   . LEU A 63 ? 0.89469 0.92132 1.05761 -0.08711 -0.15098 0.17745  63 LEU A O   
432 C CB  . LEU A 63 ? 0.77375 0.79753 0.96444 -0.04547 -0.09270 0.15373  63 LEU A CB  
433 C CG  . LEU A 63 ? 1.03611 1.06269 1.18892 -0.07063 -0.11921 0.17625  63 LEU A CG  
434 C CD1 . LEU A 63 ? 0.92069 0.95118 1.13855 -0.07463 -0.14260 0.21027  63 LEU A CD1 
435 C CD2 . LEU A 63 ? 1.02594 1.05005 1.11733 -0.07283 -0.10002 0.15974  63 LEU A CD2 
436 N N   . ALA A 64 ? 0.98310 1.00488 1.13045 -0.05295 -0.09332 0.12739  64 ALA A N   
437 C CA  . ALA A 64 ? 0.91639 0.93339 1.01434 -0.06860 -0.10142 0.11621  64 ALA A CA  
438 C C   . ALA A 64 ? 0.80676 0.82575 0.94171 -0.07948 -0.12949 0.13368  64 ALA A C   
439 O O   . ALA A 64 ? 0.84911 0.86176 0.94255 -0.10457 -0.15445 0.13740  64 ALA A O   
440 C CB  . ALA A 64 ? 0.86629 0.87907 0.94446 -0.05356 -0.07066 0.08577  64 ALA A CB  
441 N N   . ALA A 65 ? 0.79460 0.82023 1.00796 -0.06292 -0.12485 0.14402  65 ALA A N   
442 C CA  . ALA A 65 ? 0.83487 0.86486 1.10256 -0.07216 -0.15189 0.16474  65 ALA A CA  
443 C C   . ALA A 65 ? 0.91520 0.94915 1.20814 -0.09409 -0.19573 0.20187  65 ALA A C   
444 O O   . ALA A 65 ? 1.07615 1.10895 1.37348 -0.11702 -0.23414 0.22079  65 ALA A O   
445 C CB  . ALA A 65 ? 0.67178 0.70809 1.02362 -0.04833 -0.12703 0.16506  65 ALA A CB  
446 N N   . SER A 66 ? 0.90831 0.94544 1.21913 -0.08988 -0.19434 0.21520  66 SER A N   
447 C CA  . SER A 66 ? 0.81605 0.85730 1.15973 -0.11139 -0.23860 0.25653  66 SER A CA  
448 C C   . SER A 66 ? 0.94721 0.97941 1.19216 -0.14779 -0.27199 0.26495  66 SER A C   
449 O O   . SER A 66 ? 1.12729 1.16049 1.38690 -0.17463 -0.31949 0.30431  66 SER A O   
450 C CB  . SER A 66 ? 0.85986 0.90495 1.25117 -0.09695 -0.22577 0.26696  66 SER A CB  
451 O OG  . SER A 66 ? 1.05311 1.09264 1.36103 -0.10393 -0.21714 0.25575  66 SER A OG  
452 N N   . LYS A 67 ? 1.07732 1.09920 1.22453 -0.15153 -0.24790 0.23024  67 LYS A N   
453 C CA  . LYS A 67 ? 1.11172 1.12040 1.15473 -0.18735 -0.26725 0.23022  67 LYS A CA  
454 C C   . LYS A 67 ? 1.12626 1.12122 1.12228 -0.21088 -0.28676 0.21938  67 LYS A C   
455 O O   . LYS A 67 ? 1.30815 1.28565 1.20425 -0.24306 -0.29556 0.21005  67 LYS A O   
456 C CB  . LYS A 67 ? 1.08262 1.08604 1.05409 -0.17947 -0.22444 0.19740  67 LYS A CB  
457 C CG  . LYS A 67 ? 1.14277 1.15575 1.14602 -0.16382 -0.21096 0.20915  67 LYS A CG  
458 C CD  . LYS A 67 ? 1.32870 1.34360 1.33654 -0.19071 -0.25287 0.25398  67 LYS A CD  
459 C CE  . LYS A 67 ? 1.38266 1.40592 1.43017 -0.17472 -0.23953 0.26533  67 LYS A CE  
460 N NZ  . LYS A 67 ? 1.47435 1.49980 1.53339 -0.20182 -0.28255 0.31354  67 LYS A NZ  
461 N N   . LEU A 68 ? 1.14249 1.14264 1.20643 -0.19742 -0.29144 0.21901  68 LEU A N   
462 C CA  . LEU A 68 ? 1.24009 1.22647 1.27071 -0.22100 -0.31561 0.21168  68 LEU A CA  
463 C C   . LEU A 68 ? 1.17991 1.17701 1.31295 -0.22269 -0.35493 0.24713  68 LEU A C   
464 O O   . LEU A 68 ? 1.27315 1.25964 1.39258 -0.25065 -0.39417 0.25676  68 LEU A O   
465 C CB  . LEU A 68 ? 1.12838 1.10715 1.13023 -0.20240 -0.27176 0.16431  68 LEU A CB  
466 C CG  . LEU A 68 ? 1.09935 1.09288 1.17944 -0.16035 -0.23324 0.15065  68 LEU A CG  
467 C CD1 . LEU A 68 ? 1.16310 1.16174 1.31803 -0.15677 -0.25041 0.16232  68 LEU A CD1 
468 C CD2 . LEU A 68 ? 0.92060 0.90629 0.95088 -0.14510 -0.18777 0.10838  68 LEU A CD2 
# 
